data_2JID
#
_entry.id   2JID
#
_cell.length_a   65.251
_cell.length_b   66.821
_cell.length_c   423.948
_cell.angle_alpha   90.00
_cell.angle_beta   90.00
_cell.angle_gamma   90.00
#
_symmetry.space_group_name_H-M   'P 21 21 21'
#
loop_
_entity.id
_entity.type
_entity.pdbx_description
1 polymer 'DIPEPTIDYL PEPTIDASE 4'
2 non-polymer 2-acetamido-2-deoxy-beta-D-glucopyranose
3 non-polymer (3R,4S)-1-(3,4-DIMETHOXYPHENYL)-3-(3-METHYLPHENYL)PIPERIDIN-4-AMINE
4 water water
#
_entity_poly.entity_id   1
_entity_poly.type   'polypeptide(L)'
_entity_poly.pdbx_seq_one_letter_code
;GTDDATADSRKTYTLTDYLKNTYRLKLYSLRWISDHEYLYKQENNILVFNAEYGNSSVFLENSTFDEFGHSINDYSISPD
GQFILLEYNYVKQWRHSYTASYDIYDLNKRQLITEERIPNNTQWVTWSPVGHKLAYVWNNDIYVKIEPNLPSYRITWTGK
EDIIYNGITDWVYEEEVFSAYSALWWSPNGTFLAYAQFNDTEVPLIEYSFYSDESLQYPKTVRVPYPKAGAVNPTVKFFV
VNTDSLSSVTNATSIQITAPASMLIGDHYLCDVTWATQERISLQWLRRIQNYSVMDICDYDESSGRWNCLVARQHIEMST
TGWVGRFRPSEPHFTLDGNSFYKIISNEEGYRHICYFQIDKKDCTFITKGTWEVIGIEALTSDYLYYISNEYKGMPGGRN
LYKIQLSDYTKVTCLSCELNPERCQYYSVSFSKEAKYYQLRCSGPGLPLYTLHSSVNDKGLRVLEDNSALDKMLQNVQMP
SKKLDFIILNETKFWYQMILPPHFDKSKKYPLLLDVYAGPCSQKADTVFRLNWATYLASTENIIVASFDGRGSGYQGDKI
MHAINRRLGTFEVEDQIEAARQFSKMGFVDNKRIAIWGWSYGGYVTSMVLGSGSGVFKCGIAVAPVSRWEYYDSVYTERY
MGLPTPEDNLDHYRNSTVMSRAENFKQVEYLLIHGTADDNVHFQQSAQISKALVDVGVDFQAMWYTDEDHGIASSTAHQH
IYTHMSHFIKQCFSLP
;
_entity_poly.pdbx_strand_id   A,B
#
loop_
_chem_comp.id
_chem_comp.type
_chem_comp.name
_chem_comp.formula
GVB non-polymer (3R,4S)-1-(3,4-DIMETHOXYPHENYL)-3-(3-METHYLPHENYL)PIPERIDIN-4-AMINE 'C20 H26 N2 O2'
NAG D-saccharide, beta linking 2-acetamido-2-deoxy-beta-D-glucopyranose 'C8 H15 N O6'
#
# COMPACT_ATOMS: atom_id res chain seq x y z
N SER A 9 -1.01 17.85 41.87
CA SER A 9 -0.16 16.92 42.71
C SER A 9 1.30 16.77 42.22
N ARG A 10 1.85 17.87 41.67
CA ARG A 10 3.18 17.95 41.00
C ARG A 10 3.48 17.15 39.72
N LYS A 11 3.62 15.83 39.79
CA LYS A 11 3.82 15.05 38.55
C LYS A 11 2.57 15.07 37.66
N THR A 12 2.74 14.84 36.35
CA THR A 12 1.64 14.79 35.36
C THR A 12 1.55 13.40 34.65
N TYR A 13 0.35 12.94 34.27
CA TYR A 13 0.20 11.69 33.49
C TYR A 13 0.68 11.95 32.08
N THR A 14 1.64 11.15 31.66
CA THR A 14 2.51 11.50 30.55
C THR A 14 2.37 10.58 29.31
N LEU A 15 2.62 11.12 28.12
CA LEU A 15 2.62 10.28 26.93
C LEU A 15 3.46 8.99 27.11
N THR A 16 4.71 9.09 27.53
CA THR A 16 5.48 7.87 27.83
C THR A 16 4.72 6.97 28.83
N ASP A 17 4.13 7.58 29.86
CA ASP A 17 3.33 6.84 30.86
C ASP A 17 2.31 5.94 30.18
N TYR A 18 1.49 6.53 29.31
CA TYR A 18 0.48 5.77 28.60
C TYR A 18 1.13 4.67 27.77
N LEU A 19 2.12 5.06 26.96
CA LEU A 19 2.78 4.18 26.02
C LEU A 19 3.59 3.08 26.70
N LYS A 20 4.18 3.38 27.84
CA LYS A 20 5.11 2.46 28.47
C LYS A 20 4.52 1.85 29.73
N ASN A 21 3.25 2.15 29.97
CA ASN A 21 2.46 1.55 31.07
C ASN A 21 2.99 1.70 32.49
N THR A 22 3.44 2.92 32.78
CA THR A 22 3.94 3.27 34.08
C THR A 22 3.00 2.76 35.21
N TYR A 23 1.69 2.99 35.01
CA TYR A 23 0.65 2.68 35.99
C TYR A 23 -0.33 1.55 35.56
N ARG A 24 0.00 0.31 35.92
CA ARG A 24 -0.81 -0.87 35.57
C ARG A 24 -1.97 -1.07 36.53
N LEU A 25 -3.16 -1.28 35.97
CA LEU A 25 -4.34 -1.71 36.72
C LEU A 25 -4.16 -3.19 37.07
N LYS A 26 -4.41 -3.55 38.34
CA LYS A 26 -4.45 -4.96 38.75
C LYS A 26 -5.84 -5.59 38.51
N LEU A 27 -5.83 -6.87 38.17
CA LEU A 27 -7.05 -7.61 37.83
C LEU A 27 -7.19 -8.80 38.76
N TYR A 28 -8.19 -9.64 38.52
CA TYR A 28 -8.33 -10.88 39.27
C TYR A 28 -9.03 -11.93 38.42
N SER A 29 -8.44 -12.28 37.30
CA SER A 29 -9.03 -13.32 36.46
C SER A 29 -8.92 -14.68 37.14
N LEU A 30 -10.06 -15.11 37.71
CA LEU A 30 -10.21 -16.46 38.25
C LEU A 30 -10.99 -17.34 37.28
N ARG A 31 -10.69 -18.63 37.32
CA ARG A 31 -11.42 -19.63 36.56
C ARG A 31 -12.04 -20.66 37.52
N TRP A 32 -13.38 -20.60 37.68
CA TRP A 32 -14.14 -21.53 38.52
C TRP A 32 -14.01 -22.97 38.06
N ILE A 33 -13.68 -23.91 38.93
CA ILE A 33 -13.72 -25.34 38.52
C ILE A 33 -14.89 -26.15 39.08
N SER A 34 -15.81 -25.48 39.77
CA SER A 34 -16.96 -26.10 40.40
C SER A 34 -17.88 -25.09 41.07
N ASP A 35 -18.64 -25.59 42.02
CA ASP A 35 -19.62 -24.78 42.74
C ASP A 35 -18.97 -23.99 43.87
N HIS A 36 -17.71 -24.31 44.19
CA HIS A 36 -17.07 -23.72 45.36
C HIS A 36 -15.53 -23.79 45.28
N GLU A 37 -14.99 -23.70 44.07
CA GLU A 37 -13.53 -23.67 43.84
C GLU A 37 -13.17 -22.92 42.54
N TYR A 38 -12.21 -22.00 42.65
CA TYR A 38 -11.65 -21.40 41.46
C TYR A 38 -10.14 -21.51 41.38
N LEU A 39 -9.65 -21.42 40.17
CA LEU A 39 -8.23 -21.41 39.91
C LEU A 39 -7.82 -19.98 39.71
N TYR A 40 -6.59 -19.71 40.11
CA TYR A 40 -6.02 -18.40 39.96
C TYR A 40 -4.51 -18.53 39.82
N LYS A 41 -3.96 -17.94 38.76
CA LYS A 41 -2.50 -17.86 38.64
C LYS A 41 -1.93 -16.63 39.37
N GLN A 42 -0.96 -16.89 40.23
CA GLN A 42 -0.24 -15.86 40.98
C GLN A 42 1.21 -15.78 40.47
N GLU A 43 1.48 -14.70 39.74
CA GLU A 43 2.68 -14.52 38.90
C GLU A 43 2.76 -15.70 37.97
N ASN A 44 3.34 -16.80 38.44
CA ASN A 44 3.40 -18.00 37.64
C ASN A 44 3.00 -19.29 38.35
N ASN A 45 2.78 -19.23 39.65
CA ASN A 45 2.10 -20.31 40.38
C ASN A 45 0.60 -20.39 39.99
N ILE A 46 0.04 -21.60 39.86
CA ILE A 46 -1.41 -21.79 39.68
C ILE A 46 -2.09 -22.26 40.98
N LEU A 47 -2.91 -21.39 41.57
CA LEU A 47 -3.47 -21.66 42.90
C LEU A 47 -4.96 -21.97 42.87
N VAL A 48 -5.37 -23.02 43.59
CA VAL A 48 -6.80 -23.28 43.80
C VAL A 48 -7.28 -22.70 45.15
N PHE A 49 -8.34 -21.92 45.09
CA PHE A 49 -8.94 -21.27 46.26
C PHE A 49 -10.26 -21.94 46.57
N ASN A 50 -10.60 -22.09 47.85
CA ASN A 50 -11.96 -22.48 48.27
C ASN A 50 -12.79 -21.22 48.51
N ALA A 51 -13.83 -21.06 47.72
CA ALA A 51 -14.60 -19.83 47.82
C ALA A 51 -15.24 -19.68 49.20
N GLU A 52 -15.65 -20.78 49.81
CA GLU A 52 -16.38 -20.71 51.05
C GLU A 52 -15.50 -20.31 52.25
N TYR A 53 -14.31 -20.91 52.33
CA TYR A 53 -13.41 -20.65 53.46
C TYR A 53 -12.22 -19.75 53.15
N GLY A 54 -12.09 -19.35 51.89
CA GLY A 54 -10.96 -18.52 51.49
C GLY A 54 -9.61 -19.20 51.51
N ASN A 55 -9.53 -20.41 52.07
CA ASN A 55 -8.24 -21.08 52.13
C ASN A 55 -7.87 -21.66 50.76
N SER A 56 -6.57 -21.72 50.48
CA SER A 56 -6.13 -22.05 49.14
C SER A 56 -4.91 -22.95 49.14
N SER A 57 -4.34 -23.23 47.96
CA SER A 57 -3.04 -23.94 47.83
C SER A 57 -2.38 -23.89 46.46
N VAL A 58 -1.09 -24.25 46.44
CA VAL A 58 -0.37 -24.48 45.19
C VAL A 58 -0.87 -25.73 44.48
N PHE A 59 -1.66 -25.49 43.44
CA PHE A 59 -2.13 -26.55 42.55
C PHE A 59 -1.01 -26.99 41.60
N LEU A 60 -0.38 -26.02 40.93
CA LEU A 60 0.75 -26.21 40.02
C LEU A 60 1.79 -25.14 40.31
N GLU A 61 3.07 -25.53 40.37
CA GLU A 61 4.13 -24.53 40.59
C GLU A 61 4.56 -23.80 39.32
N ASN A 62 5.03 -22.55 39.49
CA ASN A 62 5.64 -21.75 38.40
C ASN A 62 6.90 -22.37 37.82
N SER A 63 7.48 -23.29 38.59
CA SER A 63 8.73 -23.94 38.28
C SER A 63 8.53 -25.29 37.58
N THR A 64 7.33 -25.85 37.69
CA THR A 64 7.08 -27.23 37.24
C THR A 64 7.54 -27.53 35.80
N PHE A 65 7.46 -26.54 34.91
CA PHE A 65 7.76 -26.74 33.49
C PHE A 65 8.98 -25.95 33.04
N ASP A 66 10.12 -26.20 33.68
CA ASP A 66 11.35 -25.47 33.36
C ASP A 66 12.20 -26.20 32.31
N GLU A 67 12.28 -27.53 32.42
CA GLU A 67 12.94 -28.34 31.39
C GLU A 67 11.91 -28.92 30.38
N PHE A 68 11.16 -28.01 29.76
CA PHE A 68 10.10 -28.33 28.80
C PHE A 68 10.52 -28.01 27.35
N GLY A 69 11.27 -26.92 27.19
CA GLY A 69 11.93 -26.61 25.93
C GLY A 69 11.29 -25.57 25.02
N HIS A 70 10.09 -25.11 25.37
CA HIS A 70 9.38 -24.11 24.57
C HIS A 70 8.68 -23.16 25.50
N SER A 71 8.82 -21.86 25.25
CA SER A 71 8.16 -20.85 26.08
C SER A 71 6.64 -21.13 26.14
N ILE A 72 6.13 -21.46 27.33
CA ILE A 72 4.70 -21.74 27.49
C ILE A 72 3.84 -20.49 27.42
N ASN A 73 2.76 -20.60 26.67
CA ASN A 73 1.93 -19.46 26.34
C ASN A 73 0.55 -19.45 27.04
N ASP A 74 0.02 -20.65 27.30
CA ASP A 74 -1.18 -20.79 28.11
C ASP A 74 -1.35 -22.23 28.61
N TYR A 75 -2.16 -22.40 29.65
CA TYR A 75 -2.54 -23.72 30.12
C TYR A 75 -4.01 -23.92 29.80
N SER A 76 -4.47 -25.15 29.95
CA SER A 76 -5.90 -25.44 30.09
C SER A 76 -6.04 -26.78 30.78
N ILE A 77 -6.38 -26.74 32.06
CA ILE A 77 -6.46 -27.95 32.85
C ILE A 77 -7.78 -28.63 32.54
N SER A 78 -7.77 -29.96 32.49
CA SER A 78 -9.01 -30.72 32.23
C SER A 78 -10.00 -30.53 33.37
N PRO A 79 -11.33 -30.60 33.08
CA PRO A 79 -12.40 -30.54 34.09
C PRO A 79 -12.51 -31.79 34.97
N ASP A 80 -11.40 -32.13 35.60
CA ASP A 80 -11.30 -33.20 36.57
C ASP A 80 -9.86 -33.14 37.07
N GLY A 81 -9.25 -31.96 36.89
CA GLY A 81 -7.86 -31.69 37.27
C GLY A 81 -6.84 -32.77 36.96
N GLN A 82 -7.18 -33.68 36.05
CA GLN A 82 -6.37 -34.87 35.76
C GLN A 82 -5.21 -34.59 34.81
N PHE A 83 -5.45 -33.72 33.83
CA PHE A 83 -4.45 -33.41 32.81
C PHE A 83 -4.44 -31.92 32.57
N ILE A 84 -3.26 -31.41 32.28
CA ILE A 84 -3.11 -30.00 31.91
C ILE A 84 -2.61 -29.87 30.46
N LEU A 85 -3.17 -28.87 29.76
CA LEU A 85 -2.90 -28.63 28.34
C LEU A 85 -1.91 -27.50 28.20
N LEU A 86 -0.86 -27.70 27.41
CA LEU A 86 0.21 -26.72 27.25
C LEU A 86 0.32 -26.15 25.83
N GLU A 87 0.05 -24.85 25.72
CA GLU A 87 -0.03 -24.15 24.44
C GLU A 87 1.26 -23.40 24.11
N TYR A 88 1.97 -23.87 23.08
CA TYR A 88 3.20 -23.22 22.71
C TYR A 88 3.20 -22.84 21.22
N ASN A 89 4.33 -22.39 20.67
CA ASN A 89 4.40 -21.97 19.25
C ASN A 89 3.19 -21.14 18.76
N TYR A 90 2.71 -20.23 19.59
CA TYR A 90 1.55 -19.42 19.27
C TYR A 90 1.83 -18.47 18.10
N VAL A 91 1.17 -18.72 16.98
CA VAL A 91 1.18 -17.76 15.88
C VAL A 91 -0.22 -17.14 15.75
N LYS A 92 -0.34 -15.83 15.89
CA LYS A 92 -1.67 -15.20 15.77
C LYS A 92 -2.24 -15.20 14.33
N GLN A 93 -3.56 -15.22 14.18
CA GLN A 93 -4.17 -14.92 12.88
C GLN A 93 -4.99 -13.64 12.93
N TRP A 94 -6.33 -13.71 12.77
CA TRP A 94 -7.18 -12.50 12.84
C TRP A 94 -7.47 -12.15 14.31
N ARG A 95 -8.62 -11.54 14.61
CA ARG A 95 -8.94 -11.10 15.99
C ARG A 95 -9.07 -12.19 17.05
N HIS A 96 -9.49 -13.41 16.73
CA HIS A 96 -9.52 -14.47 17.74
C HIS A 96 -8.74 -15.68 17.28
N SER A 97 -8.89 -16.08 16.03
CA SER A 97 -8.13 -17.21 15.48
C SER A 97 -6.62 -17.16 15.78
N TYR A 98 -6.00 -18.35 15.87
CA TYR A 98 -4.54 -18.48 15.85
C TYR A 98 -4.13 -19.93 15.66
N THR A 99 -2.83 -20.19 15.51
CA THR A 99 -2.34 -21.57 15.54
C THR A 99 -1.30 -21.76 16.63
N ALA A 100 -1.30 -22.95 17.23
CA ALA A 100 -0.45 -23.25 18.36
C ALA A 100 -0.12 -24.72 18.40
N SER A 101 0.95 -25.05 19.11
CA SER A 101 1.37 -26.42 19.28
C SER A 101 1.06 -26.78 20.71
N TYR A 102 0.71 -28.04 20.94
CA TYR A 102 0.20 -28.40 22.25
C TYR A 102 0.92 -29.62 22.86
N ASP A 103 0.97 -29.65 24.20
CA ASP A 103 1.30 -30.88 24.92
C ASP A 103 0.36 -31.14 26.08
N ILE A 104 0.07 -32.42 26.30
CA ILE A 104 -0.75 -32.86 27.43
C ILE A 104 0.15 -33.49 28.51
N TYR A 105 0.12 -32.88 29.70
CA TYR A 105 0.89 -33.33 30.85
C TYR A 105 -0.05 -34.01 31.87
N ASP A 106 0.35 -35.20 32.32
CA ASP A 106 -0.43 -35.95 33.32
C ASP A 106 -0.05 -35.49 34.70
N LEU A 107 -1.05 -35.20 35.52
CA LEU A 107 -0.84 -34.60 36.84
C LEU A 107 -0.71 -35.65 37.94
N ASN A 108 -1.19 -36.87 37.67
CA ASN A 108 -1.02 -38.01 38.60
C ASN A 108 0.31 -38.73 38.44
N LYS A 109 1.10 -38.28 37.47
CA LYS A 109 2.48 -38.69 37.28
C LYS A 109 3.31 -37.43 37.06
N ARG A 110 4.63 -37.55 37.14
CA ARG A 110 5.47 -36.39 36.78
C ARG A 110 5.85 -36.40 35.28
N GLN A 111 4.82 -36.31 34.44
CA GLN A 111 4.95 -36.80 33.07
C GLN A 111 4.09 -36.14 31.96
N LEU A 112 4.79 -35.63 30.94
CA LEU A 112 4.21 -35.25 29.65
C LEU A 112 3.87 -36.54 28.91
N ILE A 113 2.79 -36.56 28.14
CA ILE A 113 2.52 -37.75 27.33
C ILE A 113 3.34 -37.72 26.03
N THR A 114 4.02 -38.83 25.74
CA THR A 114 4.82 -39.00 24.53
C THR A 114 3.95 -39.39 23.36
N GLU A 115 3.06 -40.37 23.57
CA GLU A 115 2.28 -40.96 22.49
C GLU A 115 1.20 -40.05 21.90
N GLU A 116 1.03 -40.16 20.58
CA GLU A 116 -0.11 -39.54 19.86
C GLU A 116 -0.31 -38.03 20.11
N ARG A 117 0.78 -37.29 20.15
CA ARG A 117 0.73 -35.86 20.45
C ARG A 117 -0.15 -35.08 19.49
N ILE A 118 -0.92 -34.14 20.03
CA ILE A 118 -1.63 -33.17 19.21
C ILE A 118 -0.67 -32.54 18.18
N PRO A 119 -1.11 -32.43 16.91
CA PRO A 119 -0.14 -32.04 15.90
C PRO A 119 0.07 -30.53 15.91
N ASN A 120 1.24 -30.09 15.43
CA ASN A 120 1.55 -28.67 15.27
C ASN A 120 0.53 -27.97 14.42
N ASN A 121 0.48 -26.63 14.52
CA ASN A 121 -0.45 -25.83 13.74
C ASN A 121 -1.88 -26.23 13.95
N THR A 122 -2.24 -26.47 15.21
CA THR A 122 -3.62 -26.77 15.50
C THR A 122 -4.39 -25.46 15.54
N GLN A 123 -5.52 -25.41 14.83
CA GLN A 123 -6.29 -24.20 14.75
C GLN A 123 -7.16 -24.05 15.99
N TRP A 124 -7.53 -25.18 16.60
CA TRP A 124 -8.36 -25.13 17.83
C TRP A 124 -8.42 -26.41 18.65
N VAL A 125 -8.32 -26.26 19.97
CA VAL A 125 -8.42 -27.40 20.91
C VAL A 125 -9.33 -27.04 22.06
N THR A 126 -10.00 -28.04 22.62
CA THR A 126 -10.91 -27.81 23.73
C THR A 126 -11.16 -29.10 24.47
N TRP A 127 -11.15 -29.00 25.79
CA TRP A 127 -11.59 -30.10 26.63
C TRP A 127 -13.10 -30.23 26.49
N SER A 128 -13.63 -31.37 26.91
CA SER A 128 -15.07 -31.51 27.15
C SER A 128 -15.33 -30.74 28.42
N PRO A 129 -16.61 -30.48 28.77
CA PRO A 129 -16.81 -29.77 30.03
C PRO A 129 -16.86 -30.74 31.20
N VAL A 130 -16.66 -32.02 30.91
CA VAL A 130 -16.62 -33.06 31.92
C VAL A 130 -15.56 -34.10 31.52
N GLY A 131 -14.72 -34.49 32.48
CA GLY A 131 -13.74 -35.57 32.29
C GLY A 131 -12.50 -35.12 31.56
N HIS A 132 -12.05 -35.91 30.60
CA HIS A 132 -10.83 -35.60 29.87
C HIS A 132 -10.85 -35.90 28.35
N LYS A 133 -11.91 -35.46 27.67
CA LYS A 133 -12.01 -35.62 26.20
C LYS A 133 -11.47 -34.40 25.43
N LEU A 134 -11.00 -34.65 24.22
CA LEU A 134 -10.49 -33.56 23.40
C LEU A 134 -11.08 -33.52 22.01
N ALA A 135 -11.47 -32.32 21.60
CA ALA A 135 -11.69 -32.05 20.20
C ALA A 135 -10.64 -31.05 19.75
N TYR A 136 -10.01 -31.33 18.61
CA TYR A 136 -9.18 -30.33 17.95
C TYR A 136 -9.41 -30.22 16.41
N VAL A 137 -9.02 -29.09 15.82
CA VAL A 137 -9.15 -28.81 14.40
C VAL A 137 -7.76 -28.72 13.76
N TRP A 138 -7.43 -29.68 12.89
CA TRP A 138 -6.16 -29.68 12.14
C TRP A 138 -6.31 -29.80 10.63
N ASN A 139 -5.85 -28.79 9.91
CA ASN A 139 -6.13 -28.63 8.47
C ASN A 139 -7.63 -28.58 8.22
N ASN A 140 -8.30 -27.59 8.82
CA ASN A 140 -9.73 -27.43 8.64
C ASN A 140 -10.60 -28.70 8.89
N ASP A 141 -10.05 -29.70 9.59
CA ASP A 141 -10.80 -30.93 9.91
C ASP A 141 -10.81 -31.30 11.42
N ILE A 142 -11.97 -31.81 11.90
CA ILE A 142 -12.20 -32.09 13.33
C ILE A 142 -11.68 -33.45 13.76
N TYR A 143 -10.89 -33.47 14.83
CA TYR A 143 -10.39 -34.72 15.42
C TYR A 143 -10.90 -34.88 16.86
N VAL A 144 -10.94 -36.12 17.37
CA VAL A 144 -11.48 -36.43 18.70
C VAL A 144 -10.65 -37.48 19.44
N LYS A 145 -10.24 -37.14 20.68
CA LYS A 145 -9.49 -38.04 21.59
C LYS A 145 -10.29 -38.30 22.87
N ILE A 146 -10.71 -39.55 23.08
CA ILE A 146 -11.28 -39.91 24.37
C ILE A 146 -10.15 -39.72 25.42
N GLU A 147 -9.18 -40.64 25.39
CA GLU A 147 -8.01 -40.60 26.27
C GLU A 147 -6.86 -39.81 25.64
N PRO A 148 -6.30 -38.81 26.37
CA PRO A 148 -5.13 -38.07 26.01
C PRO A 148 -4.02 -38.85 25.36
N ASN A 149 -3.79 -40.11 25.73
CA ASN A 149 -2.66 -40.84 25.14
C ASN A 149 -3.04 -41.89 24.09
N LEU A 150 -4.22 -41.69 23.49
CA LEU A 150 -4.80 -42.58 22.48
C LEU A 150 -4.78 -41.98 21.09
N PRO A 151 -4.83 -42.83 20.04
CA PRO A 151 -5.05 -42.33 18.68
C PRO A 151 -6.34 -41.54 18.56
N SER A 152 -6.24 -40.40 17.90
CA SER A 152 -7.39 -39.52 17.73
C SER A 152 -8.38 -40.07 16.68
N TYR A 153 -9.60 -39.55 16.66
CA TYR A 153 -10.62 -40.01 15.73
C TYR A 153 -11.02 -38.87 14.79
N ARG A 154 -10.92 -39.11 13.49
CA ARG A 154 -11.28 -38.10 12.49
C ARG A 154 -12.79 -38.09 12.31
N ILE A 155 -13.34 -36.93 12.06
CA ILE A 155 -14.79 -36.75 12.15
C ILE A 155 -15.26 -36.12 10.86
N THR A 156 -14.32 -35.44 10.21
CA THR A 156 -14.57 -34.84 8.92
C THR A 156 -13.39 -35.18 8.02
N TRP A 157 -13.60 -35.06 6.71
CA TRP A 157 -12.55 -35.30 5.71
C TRP A 157 -12.71 -34.27 4.60
N THR A 158 -13.69 -33.40 4.74
CA THR A 158 -13.99 -32.46 3.69
C THR A 158 -13.14 -31.16 3.71
N GLY A 159 -12.33 -30.98 4.77
CA GLY A 159 -11.64 -29.72 5.01
C GLY A 159 -10.60 -29.33 3.97
N LYS A 160 -10.48 -28.02 3.72
CA LYS A 160 -9.66 -27.49 2.61
C LYS A 160 -9.35 -26.02 2.84
N GLU A 161 -8.07 -25.68 2.88
CA GLU A 161 -7.69 -24.32 3.19
C GLU A 161 -8.49 -23.35 2.36
N ASP A 162 -9.00 -22.32 3.04
CA ASP A 162 -9.74 -21.21 2.46
C ASP A 162 -11.07 -21.59 1.78
N ILE A 163 -11.35 -22.89 1.68
CA ILE A 163 -12.57 -23.33 0.99
C ILE A 163 -13.62 -24.05 1.87
N ILE A 164 -13.21 -25.10 2.57
CA ILE A 164 -14.11 -25.80 3.51
C ILE A 164 -13.67 -25.64 4.98
N TYR A 165 -14.54 -25.11 5.82
CA TYR A 165 -14.21 -24.90 7.22
C TYR A 165 -14.99 -25.83 8.20
N ASN A 166 -14.38 -26.92 8.68
CA ASN A 166 -15.07 -27.77 9.65
C ASN A 166 -14.70 -27.49 11.08
N GLY A 167 -15.65 -26.99 11.86
CA GLY A 167 -15.43 -26.80 13.30
C GLY A 167 -14.73 -25.49 13.61
N ILE A 168 -14.41 -24.71 12.59
CA ILE A 168 -13.80 -23.40 12.74
C ILE A 168 -14.46 -22.39 11.82
N THR A 169 -14.40 -21.13 12.23
CA THR A 169 -15.04 -20.03 11.52
C THR A 169 -14.16 -19.52 10.40
N ASP A 170 -14.80 -19.01 9.34
CA ASP A 170 -14.04 -18.31 8.34
C ASP A 170 -13.98 -16.88 8.84
N TRP A 171 -13.40 -16.00 8.05
CA TRP A 171 -13.24 -14.64 8.46
C TRP A 171 -14.50 -13.95 8.97
N VAL A 172 -15.56 -13.91 8.15
CA VAL A 172 -16.84 -13.24 8.53
C VAL A 172 -17.40 -13.81 9.81
N TYR A 173 -17.39 -15.14 9.91
CA TYR A 173 -18.00 -15.84 11.02
C TYR A 173 -17.23 -15.66 12.32
N GLU A 174 -15.91 -15.51 12.19
CA GLU A 174 -15.04 -15.20 13.31
C GLU A 174 -15.26 -13.79 13.85
N GLU A 175 -15.36 -12.81 12.96
CA GLU A 175 -15.42 -11.42 13.36
C GLU A 175 -16.85 -10.87 13.58
N GLU A 176 -17.83 -11.42 12.85
CA GLU A 176 -19.16 -10.81 12.73
C GLU A 176 -20.36 -11.67 13.15
N VAL A 177 -20.11 -12.91 13.59
CA VAL A 177 -21.18 -13.76 14.06
C VAL A 177 -20.81 -14.31 15.45
N PHE A 178 -19.83 -15.21 15.46
CA PHE A 178 -19.52 -15.98 16.63
C PHE A 178 -18.53 -15.35 17.61
N SER A 179 -17.92 -14.23 17.24
CA SER A 179 -16.85 -13.66 18.07
C SER A 179 -15.97 -14.78 18.60
N ALA A 180 -15.43 -15.60 17.70
CA ALA A 180 -14.73 -16.83 18.10
C ALA A 180 -14.22 -17.57 16.88
N TYR A 181 -13.03 -18.14 17.02
CA TYR A 181 -12.53 -19.02 15.98
C TYR A 181 -13.20 -20.37 16.12
N SER A 182 -13.76 -20.59 17.30
CA SER A 182 -14.47 -21.82 17.64
C SER A 182 -15.86 -21.97 16.95
N ALA A 183 -16.02 -23.12 16.30
CA ALA A 183 -17.32 -23.64 15.82
C ALA A 183 -17.49 -25.11 16.25
N LEU A 184 -17.00 -25.43 17.45
CA LEU A 184 -17.32 -26.71 18.11
C LEU A 184 -18.21 -26.47 19.33
N TRP A 185 -18.92 -27.52 19.77
CA TRP A 185 -19.82 -27.45 20.92
C TRP A 185 -20.13 -28.81 21.55
N TRP A 186 -19.50 -29.11 22.69
CA TRP A 186 -19.83 -30.34 23.44
C TRP A 186 -21.22 -30.22 24.11
N SER A 187 -21.90 -31.37 24.23
CA SER A 187 -23.05 -31.49 25.12
C SER A 187 -22.48 -31.61 26.54
N PRO A 188 -23.22 -31.10 27.55
CA PRO A 188 -22.71 -31.03 28.94
C PRO A 188 -22.20 -32.38 29.47
N ASN A 189 -22.84 -33.43 28.97
CA ASN A 189 -22.45 -34.83 29.16
C ASN A 189 -21.04 -35.11 28.69
N GLY A 190 -20.62 -34.40 27.64
CA GLY A 190 -19.40 -34.71 26.92
C GLY A 190 -19.64 -35.83 25.93
N THR A 191 -20.90 -36.27 25.83
CA THR A 191 -21.36 -37.33 24.91
C THR A 191 -21.25 -36.89 23.46
N PHE A 192 -21.87 -35.74 23.19
CA PHE A 192 -22.11 -35.24 21.83
C PHE A 192 -21.27 -34.02 21.41
N LEU A 193 -20.55 -34.15 20.30
CA LEU A 193 -19.88 -32.99 19.69
C LEU A 193 -20.68 -32.43 18.52
N ALA A 194 -21.10 -31.19 18.65
CA ALA A 194 -21.84 -30.54 17.61
C ALA A 194 -20.92 -29.54 16.96
N TYR A 195 -21.08 -29.33 15.67
CA TYR A 195 -20.21 -28.43 14.92
C TYR A 195 -20.77 -27.87 13.64
N ALA A 196 -20.25 -26.70 13.29
CA ALA A 196 -20.62 -26.02 12.07
C ALA A 196 -19.57 -26.30 11.00
N GLN A 197 -20.02 -26.21 9.74
CA GLN A 197 -19.15 -26.36 8.58
C GLN A 197 -19.51 -25.31 7.58
N PHE A 198 -18.52 -24.50 7.20
CA PHE A 198 -18.73 -23.40 6.27
C PHE A 198 -18.08 -23.72 4.93
N ASN A 199 -18.78 -23.32 3.87
CA ASN A 199 -18.35 -23.52 2.50
C ASN A 199 -18.05 -22.15 1.92
N ASP A 200 -16.75 -21.86 1.79
CA ASP A 200 -16.27 -20.54 1.36
C ASP A 200 -15.94 -20.46 -0.15
N THR A 201 -16.16 -21.57 -0.85
CA THR A 201 -15.91 -21.73 -2.29
C THR A 201 -15.99 -20.51 -3.23
N GLU A 202 -17.13 -19.82 -3.25
CA GLU A 202 -17.30 -18.76 -4.23
C GLU A 202 -17.27 -17.43 -3.55
N VAL A 203 -16.66 -17.40 -2.38
CA VAL A 203 -16.42 -16.14 -1.68
C VAL A 203 -15.17 -15.47 -2.26
N PRO A 204 -15.35 -14.31 -2.89
CA PRO A 204 -14.21 -13.58 -3.46
C PRO A 204 -13.09 -13.36 -2.43
N LEU A 205 -11.88 -13.12 -2.95
CA LEU A 205 -10.69 -12.93 -2.12
C LEU A 205 -10.26 -11.48 -2.03
N ILE A 206 -10.11 -10.99 -0.81
CA ILE A 206 -9.42 -9.71 -0.63
C ILE A 206 -7.93 -9.99 -0.73
N GLU A 207 -7.28 -9.07 -1.43
CA GLU A 207 -5.86 -9.23 -1.74
C GLU A 207 -5.14 -7.98 -1.36
N TYR A 208 -3.95 -8.17 -0.78
CA TYR A 208 -3.05 -7.06 -0.39
C TYR A 208 -1.66 -7.57 -0.14
N SER A 209 -0.70 -6.63 -0.12
CA SER A 209 0.70 -7.01 0.07
C SER A 209 1.04 -7.10 1.52
N PHE A 210 1.86 -8.09 1.85
CA PHE A 210 2.56 -8.17 3.13
C PHE A 210 4.02 -8.21 2.73
N TYR A 211 4.78 -7.29 3.31
CA TYR A 211 6.16 -7.08 2.94
C TYR A 211 7.15 -7.90 3.72
N SER A 212 6.80 -8.23 4.97
CA SER A 212 7.59 -9.11 5.83
C SER A 212 8.94 -8.48 6.16
N ASP A 213 9.84 -9.30 6.71
CA ASP A 213 11.24 -8.95 6.90
C ASP A 213 11.88 -8.32 5.70
N GLU A 214 12.71 -7.34 6.01
CA GLU A 214 13.59 -6.71 5.07
C GLU A 214 14.13 -7.77 4.12
N SER A 215 14.65 -8.85 4.67
CA SER A 215 15.35 -9.86 3.89
C SER A 215 14.49 -10.39 2.76
N LEU A 216 13.16 -10.23 2.87
CA LEU A 216 12.21 -10.75 1.85
C LEU A 216 12.21 -9.94 0.51
N GLN A 217 12.82 -10.56 -0.51
CA GLN A 217 13.07 -9.88 -1.76
C GLN A 217 11.77 -9.41 -2.45
N TYR A 218 10.80 -10.30 -2.58
CA TYR A 218 9.54 -9.97 -3.23
C TYR A 218 8.37 -10.08 -2.23
N PRO A 219 7.53 -9.00 -2.10
CA PRO A 219 6.51 -8.98 -1.07
C PRO A 219 5.47 -10.08 -1.32
N LYS A 220 4.89 -10.67 -0.26
CA LYS A 220 3.93 -11.75 -0.44
C LYS A 220 2.52 -11.21 -0.59
N THR A 221 1.69 -11.87 -1.40
CA THR A 221 0.32 -11.42 -1.59
C THR A 221 -0.65 -12.23 -0.73
N VAL A 222 -1.23 -11.55 0.24
CA VAL A 222 -2.14 -12.18 1.18
C VAL A 222 -3.53 -12.13 0.54
N ARG A 223 -4.21 -13.28 0.63
CA ARG A 223 -5.47 -13.52 -0.07
C ARG A 223 -6.45 -14.17 0.89
N VAL A 224 -7.55 -13.50 1.19
CA VAL A 224 -8.49 -14.06 2.17
C VAL A 224 -9.91 -13.98 1.65
N PRO A 225 -10.64 -15.13 1.63
CA PRO A 225 -12.10 -15.13 1.40
C PRO A 225 -12.81 -14.15 2.31
N TYR A 226 -13.45 -13.16 1.72
CA TYR A 226 -13.97 -12.04 2.48
C TYR A 226 -15.11 -11.55 1.61
N PRO A 227 -16.36 -11.74 2.08
CA PRO A 227 -17.47 -11.13 1.38
C PRO A 227 -17.68 -9.71 1.82
N LYS A 228 -17.41 -8.80 0.91
CA LYS A 228 -17.80 -7.44 1.11
C LYS A 228 -19.31 -7.31 0.92
N ALA A 229 -19.81 -6.10 1.09
CA ALA A 229 -21.23 -5.88 1.04
C ALA A 229 -21.73 -6.39 -0.31
N GLY A 230 -22.78 -7.18 -0.30
CA GLY A 230 -23.45 -7.55 -1.52
C GLY A 230 -22.85 -8.73 -2.22
N ALA A 231 -21.66 -9.19 -1.80
CA ALA A 231 -21.06 -10.36 -2.45
C ALA A 231 -21.66 -11.70 -2.01
N VAL A 232 -21.07 -12.78 -2.49
CA VAL A 232 -21.52 -14.09 -2.13
C VAL A 232 -21.06 -14.33 -0.71
N ASN A 233 -21.96 -14.78 0.17
CA ASN A 233 -21.57 -15.22 1.51
C ASN A 233 -21.19 -16.68 1.59
N PRO A 234 -20.41 -17.05 2.62
CA PRO A 234 -20.20 -18.47 2.88
C PRO A 234 -21.53 -19.16 3.17
N THR A 235 -21.57 -20.46 2.98
CA THR A 235 -22.75 -21.23 3.31
C THR A 235 -22.37 -22.01 4.56
N VAL A 236 -23.37 -22.44 5.33
CA VAL A 236 -23.12 -23.16 6.59
C VAL A 236 -23.93 -24.46 6.68
N LYS A 237 -23.38 -25.48 7.33
CA LYS A 237 -24.13 -26.67 7.70
C LYS A 237 -23.90 -27.00 9.18
N PHE A 238 -24.86 -27.70 9.82
CA PHE A 238 -24.70 -28.16 11.23
C PHE A 238 -24.76 -29.67 11.38
N PHE A 239 -23.99 -30.21 12.30
CA PHE A 239 -23.89 -31.65 12.52
C PHE A 239 -23.73 -31.96 13.97
N VAL A 240 -24.18 -33.15 14.37
CA VAL A 240 -23.95 -33.66 15.73
C VAL A 240 -23.35 -35.05 15.65
N VAL A 241 -22.24 -35.26 16.38
CA VAL A 241 -21.56 -36.57 16.44
C VAL A 241 -21.57 -37.09 17.86
N ASN A 242 -21.47 -38.42 18.00
CA ASN A 242 -21.63 -39.12 19.27
C ASN A 242 -20.30 -39.76 19.71
N THR A 243 -19.66 -39.18 20.71
CA THR A 243 -18.31 -39.55 21.09
C THR A 243 -18.20 -40.92 21.77
N ASP A 244 -19.29 -41.35 22.36
CA ASP A 244 -19.28 -42.57 23.14
C ASP A 244 -19.48 -43.78 22.21
N SER A 245 -19.98 -43.49 21.00
CA SER A 245 -20.21 -44.50 19.94
C SER A 245 -19.07 -44.64 18.89
N LEU A 246 -18.03 -43.83 19.01
CA LEU A 246 -16.95 -43.83 18.00
C LEU A 246 -16.21 -45.15 17.88
N SER A 247 -16.14 -45.65 16.64
CA SER A 247 -15.39 -46.86 16.30
C SER A 247 -14.13 -46.46 15.57
N SER A 248 -13.04 -47.20 15.75
CA SER A 248 -11.78 -46.90 15.04
C SER A 248 -11.57 -47.77 13.78
N VAL A 249 -12.30 -48.89 13.71
CA VAL A 249 -12.39 -49.70 12.47
C VAL A 249 -13.31 -49.03 11.43
N THR A 250 -14.20 -48.15 11.89
CA THR A 250 -15.23 -47.54 11.03
C THR A 250 -15.12 -46.00 11.00
N ASN A 251 -15.59 -45.35 9.94
CA ASN A 251 -15.70 -43.90 9.94
C ASN A 251 -16.84 -43.46 10.84
N ALA A 252 -16.82 -42.19 11.21
CA ALA A 252 -17.76 -41.62 12.16
C ALA A 252 -18.97 -41.06 11.43
N THR A 253 -20.12 -41.12 12.06
CA THR A 253 -21.34 -40.61 11.46
C THR A 253 -21.76 -39.28 12.08
N SER A 254 -21.51 -38.18 11.39
CA SER A 254 -22.09 -36.90 11.75
C SER A 254 -23.55 -37.04 11.42
N ILE A 255 -24.43 -36.32 12.10
CA ILE A 255 -25.84 -36.32 11.73
C ILE A 255 -26.22 -34.90 11.40
N GLN A 256 -26.60 -34.66 10.15
CA GLN A 256 -26.90 -33.29 9.76
C GLN A 256 -28.19 -32.80 10.39
N ILE A 257 -28.09 -31.70 11.12
CA ILE A 257 -29.28 -30.93 11.38
C ILE A 257 -29.39 -29.93 10.23
N THR A 258 -30.60 -29.75 9.70
CA THR A 258 -30.81 -28.85 8.57
C THR A 258 -31.52 -27.64 9.10
N ALA A 259 -31.64 -26.59 8.32
CA ALA A 259 -32.18 -25.35 8.85
C ALA A 259 -33.67 -25.26 8.55
N PRO A 260 -34.42 -24.50 9.37
CA PRO A 260 -35.82 -24.24 9.15
C PRO A 260 -36.08 -23.95 7.69
N ALA A 261 -37.11 -24.60 7.12
CA ALA A 261 -37.55 -24.34 5.74
C ALA A 261 -37.55 -22.85 5.41
N SER A 262 -38.20 -22.04 6.24
CA SER A 262 -38.22 -20.58 6.02
C SER A 262 -36.85 -19.86 6.07
N MET A 263 -35.76 -20.60 6.27
CA MET A 263 -34.42 -20.07 6.10
C MET A 263 -33.85 -20.44 4.75
N LEU A 264 -34.06 -21.68 4.30
CA LEU A 264 -33.55 -22.15 3.00
C LEU A 264 -34.04 -21.36 1.74
N ILE A 265 -35.07 -20.51 1.91
CA ILE A 265 -35.57 -19.59 0.87
C ILE A 265 -34.45 -18.81 0.18
N GLY A 266 -33.48 -18.32 0.96
CA GLY A 266 -32.40 -17.56 0.39
C GLY A 266 -31.21 -17.69 1.29
N ASP A 267 -30.30 -16.73 1.23
CA ASP A 267 -29.10 -16.79 2.09
C ASP A 267 -29.45 -16.52 3.56
N HIS A 268 -28.68 -17.11 4.45
CA HIS A 268 -28.93 -17.04 5.87
C HIS A 268 -27.65 -17.44 6.61
N TYR A 269 -27.68 -17.23 7.93
CA TYR A 269 -26.54 -17.54 8.80
C TYR A 269 -26.98 -18.37 9.99
N LEU A 270 -26.13 -19.28 10.44
CA LEU A 270 -26.29 -19.89 11.74
C LEU A 270 -25.71 -18.92 12.75
N CYS A 271 -26.51 -18.27 13.59
CA CYS A 271 -25.89 -17.27 14.49
C CYS A 271 -25.67 -17.73 15.93
N ASP A 272 -26.54 -18.60 16.45
CA ASP A 272 -26.39 -19.03 17.85
C ASP A 272 -26.48 -20.57 18.08
N VAL A 273 -25.52 -21.12 18.82
CA VAL A 273 -25.59 -22.51 19.23
C VAL A 273 -25.52 -22.65 20.76
N THR A 274 -26.67 -22.93 21.41
CA THR A 274 -26.75 -23.22 22.88
C THR A 274 -27.30 -24.62 23.21
N TRP A 275 -26.51 -25.50 23.80
CA TRP A 275 -27.06 -26.77 24.30
C TRP A 275 -28.07 -26.52 25.43
N ALA A 276 -29.02 -27.43 25.65
CA ALA A 276 -30.06 -27.22 26.68
C ALA A 276 -30.08 -28.34 27.70
N THR A 277 -29.79 -29.55 27.27
CA THR A 277 -29.73 -30.71 28.16
C THR A 277 -28.64 -31.70 27.68
N GLN A 278 -28.65 -32.91 28.24
CA GLN A 278 -27.75 -33.95 27.77
C GLN A 278 -28.16 -34.44 26.39
N GLU A 279 -29.26 -33.88 25.89
CA GLU A 279 -29.96 -34.44 24.75
C GLU A 279 -30.77 -33.40 23.98
N ARG A 280 -30.67 -32.14 24.35
CA ARG A 280 -31.44 -31.12 23.64
C ARG A 280 -30.55 -29.97 23.18
N ILE A 281 -30.63 -29.62 21.89
CA ILE A 281 -29.82 -28.50 21.35
C ILE A 281 -30.66 -27.42 20.75
N SER A 282 -30.26 -26.18 21.03
CA SER A 282 -30.90 -24.97 20.57
C SER A 282 -30.01 -24.30 19.51
N LEU A 283 -30.51 -24.20 18.28
CA LEU A 283 -29.79 -23.54 17.21
C LEU A 283 -30.61 -22.32 16.82
N GLN A 284 -29.93 -21.19 16.59
CA GLN A 284 -30.62 -20.05 15.97
C GLN A 284 -30.16 -19.71 14.56
N TRP A 285 -31.05 -19.05 13.82
CA TRP A 285 -30.75 -18.79 12.43
C TRP A 285 -31.22 -17.42 12.02
N LEU A 286 -30.37 -16.72 11.27
CA LEU A 286 -30.65 -15.37 10.83
C LEU A 286 -30.68 -15.31 9.32
N ARG A 287 -31.78 -14.79 8.76
CA ARG A 287 -31.90 -14.52 7.34
C ARG A 287 -30.88 -13.47 6.93
N ARG A 288 -30.32 -13.58 5.73
CA ARG A 288 -29.37 -12.60 5.18
C ARG A 288 -29.84 -11.17 5.37
N ILE A 289 -31.08 -10.86 5.02
CA ILE A 289 -31.67 -9.60 5.45
C ILE A 289 -31.98 -9.88 6.91
N GLN A 290 -31.30 -9.16 7.81
CA GLN A 290 -31.24 -9.51 9.24
C GLN A 290 -32.34 -8.95 10.11
N ASN A 291 -33.58 -9.28 9.76
CA ASN A 291 -34.74 -8.89 10.55
C ASN A 291 -35.68 -10.09 10.76
N TYR A 292 -35.16 -11.30 10.58
CA TYR A 292 -35.94 -12.52 10.78
C TYR A 292 -35.04 -13.64 11.27
N SER A 293 -35.22 -14.04 12.52
CA SER A 293 -34.44 -15.13 13.10
C SER A 293 -35.38 -16.19 13.49
N VAL A 294 -34.90 -17.41 13.47
CA VAL A 294 -35.72 -18.54 13.88
C VAL A 294 -34.88 -19.41 14.77
N MET A 295 -35.43 -19.64 15.98
CA MET A 295 -34.90 -20.64 16.91
C MET A 295 -35.52 -22.02 16.66
N ASP A 296 -34.70 -23.05 16.74
CA ASP A 296 -35.14 -24.43 16.68
C ASP A 296 -34.72 -25.17 17.94
N ILE A 297 -35.51 -26.15 18.36
CA ILE A 297 -35.16 -26.91 19.56
C ILE A 297 -35.07 -28.41 19.27
N CYS A 298 -33.87 -28.96 19.17
CA CYS A 298 -33.75 -30.31 18.62
C CYS A 298 -33.36 -31.34 19.65
N ASP A 299 -34.14 -32.43 19.70
CA ASP A 299 -33.93 -33.51 20.66
C ASP A 299 -33.37 -34.73 19.99
N TYR A 300 -32.50 -35.42 20.74
CA TYR A 300 -32.01 -36.74 20.35
C TYR A 300 -33.16 -37.75 20.41
N ASP A 301 -32.98 -38.87 19.72
CA ASP A 301 -33.99 -39.89 19.56
C ASP A 301 -33.23 -41.21 19.70
N GLU A 302 -33.06 -41.63 20.94
CA GLU A 302 -32.15 -42.71 21.31
C GLU A 302 -32.34 -43.99 20.51
N SER A 303 -33.52 -44.17 19.93
CA SER A 303 -33.85 -45.36 19.14
C SER A 303 -33.34 -45.28 17.69
N SER A 304 -33.56 -44.13 17.03
CA SER A 304 -33.22 -43.98 15.62
C SER A 304 -31.86 -43.31 15.36
N GLY A 305 -31.15 -42.96 16.44
CA GLY A 305 -29.89 -42.21 16.35
C GLY A 305 -29.99 -40.79 15.76
N ARG A 306 -31.23 -40.35 15.46
CA ARG A 306 -31.49 -39.06 14.79
C ARG A 306 -31.47 -37.86 15.74
N TRP A 307 -31.63 -36.69 15.16
CA TRP A 307 -31.99 -35.47 15.88
C TRP A 307 -33.23 -34.99 15.17
N ASN A 308 -34.18 -34.42 15.92
CA ASN A 308 -35.44 -33.97 15.35
C ASN A 308 -35.74 -32.60 15.86
N CYS A 309 -36.15 -31.72 14.95
CA CYS A 309 -36.56 -30.38 15.30
C CYS A 309 -38.02 -30.22 14.96
N LEU A 310 -38.85 -30.18 15.99
CA LEU A 310 -40.27 -30.01 15.84
C LEU A 310 -40.61 -28.56 15.68
N VAL A 311 -41.35 -28.29 14.62
CA VAL A 311 -41.94 -26.98 14.36
C VAL A 311 -42.70 -26.41 15.56
N ALA A 312 -43.25 -27.29 16.40
CA ALA A 312 -44.10 -26.85 17.53
C ALA A 312 -43.35 -25.93 18.48
N ARG A 313 -42.06 -26.18 18.63
CA ARG A 313 -41.22 -25.40 19.52
C ARG A 313 -40.29 -24.40 18.82
N GLN A 314 -40.32 -24.38 17.48
CA GLN A 314 -39.70 -23.28 16.71
C GLN A 314 -40.22 -21.90 17.12
N HIS A 315 -39.32 -20.95 17.26
CA HIS A 315 -39.72 -19.61 17.71
C HIS A 315 -39.17 -18.64 16.74
N ILE A 316 -39.80 -17.47 16.69
CA ILE A 316 -39.45 -16.47 15.70
C ILE A 316 -39.18 -15.14 16.39
N GLU A 317 -38.12 -14.47 15.98
CA GLU A 317 -37.92 -13.06 16.33
C GLU A 317 -37.80 -12.32 15.04
N MET A 318 -38.42 -11.15 14.95
CA MET A 318 -38.32 -10.36 13.74
C MET A 318 -38.53 -8.92 14.08
N SER A 319 -37.53 -8.12 13.75
CA SER A 319 -37.56 -6.69 13.96
C SER A 319 -38.35 -6.05 12.84
N THR A 320 -39.15 -5.07 13.22
CA THR A 320 -40.00 -4.35 12.31
C THR A 320 -39.43 -2.96 12.10
N THR A 321 -38.58 -2.51 13.04
CA THR A 321 -37.98 -1.14 13.03
C THR A 321 -36.50 -1.15 12.64
N GLY A 322 -35.88 -2.33 12.68
CA GLY A 322 -34.48 -2.44 12.40
C GLY A 322 -34.10 -3.88 12.24
N TRP A 323 -33.12 -4.31 13.01
CA TRP A 323 -32.58 -5.67 12.90
C TRP A 323 -32.79 -6.41 14.22
N VAL A 324 -32.62 -7.72 14.22
CA VAL A 324 -32.82 -8.50 15.44
C VAL A 324 -31.59 -8.45 16.30
N GLY A 325 -31.82 -8.22 17.59
CA GLY A 325 -30.77 -8.29 18.61
C GLY A 325 -29.94 -7.04 18.61
N ARG A 326 -28.90 -7.03 19.43
CA ARG A 326 -28.00 -5.88 19.46
C ARG A 326 -27.05 -5.99 18.28
N PHE A 327 -26.39 -7.13 18.19
CA PHE A 327 -25.57 -7.46 17.02
C PHE A 327 -26.04 -8.77 16.43
N ARG A 328 -26.78 -9.51 17.23
CA ARG A 328 -27.38 -10.73 16.79
C ARG A 328 -28.49 -11.02 17.77
N PRO A 329 -29.42 -11.94 17.39
CA PRO A 329 -30.25 -12.67 18.33
C PRO A 329 -29.53 -12.95 19.66
N SER A 330 -30.22 -12.66 20.76
CA SER A 330 -29.71 -12.93 22.11
C SER A 330 -29.41 -14.41 22.39
N GLU A 331 -28.63 -14.63 23.45
CA GLU A 331 -28.37 -15.95 23.98
C GLU A 331 -29.56 -16.31 24.88
N PRO A 332 -30.03 -17.56 24.78
CA PRO A 332 -31.09 -18.00 25.62
C PRO A 332 -30.54 -18.82 26.79
N HIS A 333 -30.94 -18.49 28.01
CA HIS A 333 -30.52 -19.25 29.16
C HIS A 333 -31.61 -20.25 29.57
N PHE A 334 -31.19 -21.51 29.68
CA PHE A 334 -32.09 -22.64 29.82
C PHE A 334 -32.22 -23.16 31.26
N THR A 335 -33.45 -23.20 31.79
CA THR A 335 -33.73 -23.78 33.11
C THR A 335 -33.31 -25.24 33.05
N LEU A 336 -32.80 -25.76 34.17
CA LEU A 336 -32.14 -27.07 34.25
C LEU A 336 -32.79 -28.24 33.51
N ASP A 337 -34.11 -28.35 33.62
CA ASP A 337 -34.89 -29.52 33.16
C ASP A 337 -34.98 -29.62 31.64
N GLY A 338 -35.00 -28.45 31.02
CA GLY A 338 -34.84 -28.32 29.58
C GLY A 338 -36.06 -27.85 28.82
N ASN A 339 -37.08 -27.43 29.55
CA ASN A 339 -38.40 -27.22 28.95
C ASN A 339 -38.80 -25.77 28.94
N SER A 340 -37.90 -24.93 29.45
CA SER A 340 -38.08 -23.49 29.39
C SER A 340 -36.72 -22.77 29.38
N PHE A 341 -36.72 -21.57 28.82
CA PHE A 341 -35.54 -20.72 28.77
C PHE A 341 -35.96 -19.24 28.96
N TYR A 342 -34.99 -18.41 29.32
CA TYR A 342 -35.18 -16.97 29.32
C TYR A 342 -34.20 -16.39 28.32
N LYS A 343 -34.55 -15.25 27.71
CA LYS A 343 -33.74 -14.61 26.68
C LYS A 343 -34.18 -13.16 26.47
N ILE A 344 -33.23 -12.27 26.21
CA ILE A 344 -33.51 -10.84 26.15
C ILE A 344 -34.11 -10.52 24.80
N ILE A 345 -35.22 -9.78 24.84
CA ILE A 345 -35.99 -9.41 23.67
C ILE A 345 -36.33 -7.92 23.71
N SER A 346 -36.50 -7.34 22.53
CA SER A 346 -37.03 -6.01 22.43
C SER A 346 -38.55 -6.04 22.72
N ASN A 347 -38.94 -5.43 23.83
CA ASN A 347 -40.34 -5.41 24.19
C ASN A 347 -41.16 -4.59 23.18
N GLU A 348 -42.45 -4.44 23.46
CA GLU A 348 -43.33 -3.72 22.57
C GLU A 348 -43.00 -2.22 22.51
N GLU A 349 -42.38 -1.71 23.56
CA GLU A 349 -41.97 -0.29 23.65
C GLU A 349 -40.54 0.04 23.14
N GLY A 350 -39.84 -1.00 22.65
CA GLY A 350 -38.51 -0.85 22.09
C GLY A 350 -37.33 -1.20 22.99
N TYR A 351 -37.58 -1.38 24.29
CA TYR A 351 -36.52 -1.65 25.25
C TYR A 351 -36.26 -3.14 25.42
N ARG A 352 -35.00 -3.49 25.72
CA ARG A 352 -34.58 -4.89 25.81
C ARG A 352 -34.68 -5.47 27.22
N HIS A 353 -35.53 -6.49 27.37
CA HIS A 353 -35.84 -7.05 28.69
C HIS A 353 -35.86 -8.56 28.71
N ILE A 354 -35.83 -9.11 29.91
CA ILE A 354 -35.75 -10.55 30.05
C ILE A 354 -37.11 -11.17 29.69
N CYS A 355 -37.09 -12.14 28.79
CA CYS A 355 -38.34 -12.76 28.41
C CYS A 355 -38.34 -14.24 28.72
N TYR A 356 -39.54 -14.74 29.05
CA TYR A 356 -39.71 -16.10 29.52
C TYR A 356 -40.48 -16.92 28.50
N PHE A 357 -39.82 -17.99 28.07
CA PHE A 357 -40.28 -18.84 27.01
C PHE A 357 -40.45 -20.27 27.46
N GLN A 358 -41.60 -20.86 27.17
CA GLN A 358 -41.80 -22.29 27.43
C GLN A 358 -41.90 -23.03 26.13
N ILE A 359 -41.14 -24.11 26.06
CA ILE A 359 -40.81 -24.80 24.83
C ILE A 359 -41.92 -25.04 23.79
N ASP A 360 -43.03 -25.70 24.16
CA ASP A 360 -44.10 -25.96 23.20
C ASP A 360 -45.19 -24.90 23.23
N LYS A 361 -44.97 -23.82 23.97
CA LYS A 361 -46.01 -22.79 24.15
C LYS A 361 -45.77 -21.58 23.28
N LYS A 362 -46.84 -20.82 23.04
CA LYS A 362 -46.79 -19.62 22.21
C LYS A 362 -46.26 -18.42 22.99
N ASP A 363 -45.85 -17.38 22.26
CA ASP A 363 -45.41 -16.08 22.83
C ASP A 363 -44.32 -16.25 23.90
N CYS A 364 -44.13 -15.20 24.71
CA CYS A 364 -43.35 -15.26 25.97
C CYS A 364 -43.85 -14.20 26.93
N THR A 365 -43.63 -14.44 28.22
CA THR A 365 -43.95 -13.47 29.23
C THR A 365 -42.65 -12.79 29.55
N PHE A 366 -42.70 -11.47 29.57
CA PHE A 366 -41.62 -10.63 30.09
C PHE A 366 -41.59 -10.57 31.63
N ILE A 367 -40.42 -10.83 32.22
CA ILE A 367 -40.18 -10.69 33.68
C ILE A 367 -39.61 -9.31 34.15
N THR A 368 -39.12 -8.52 33.18
CA THR A 368 -38.59 -7.17 33.46
C THR A 368 -39.17 -6.12 32.51
N LYS A 369 -39.38 -4.91 32.99
CA LYS A 369 -40.04 -3.90 32.18
C LYS A 369 -39.62 -2.52 32.66
N GLY A 370 -39.43 -1.60 31.73
CA GLY A 370 -39.06 -0.21 32.07
C GLY A 370 -38.14 0.50 31.08
N THR A 371 -37.96 1.81 31.30
CA THR A 371 -37.13 2.68 30.47
C THR A 371 -35.63 2.53 30.76
N TRP A 372 -35.13 1.32 30.58
CA TRP A 372 -33.74 0.97 30.70
C TRP A 372 -33.65 -0.37 30.00
N GLU A 373 -32.48 -0.95 29.86
CA GLU A 373 -32.38 -2.23 29.21
C GLU A 373 -31.62 -3.19 30.08
N VAL A 374 -31.81 -4.47 29.82
CA VAL A 374 -30.96 -5.46 30.42
C VAL A 374 -29.70 -5.59 29.53
N ILE A 375 -28.55 -5.75 30.14
CA ILE A 375 -27.34 -5.94 29.36
C ILE A 375 -27.22 -7.43 29.03
N GLY A 376 -27.38 -8.27 30.04
CA GLY A 376 -27.18 -9.69 29.87
C GLY A 376 -27.78 -10.47 31.01
N ILE A 377 -27.85 -11.78 30.82
CA ILE A 377 -28.35 -12.69 31.81
C ILE A 377 -27.13 -13.50 32.25
N GLU A 378 -26.94 -13.58 33.57
CA GLU A 378 -25.69 -14.09 34.12
C GLU A 378 -25.74 -15.44 34.79
N ALA A 379 -26.82 -15.75 35.52
CA ALA A 379 -27.00 -17.09 36.13
C ALA A 379 -28.49 -17.47 36.38
N LEU A 380 -28.71 -18.76 36.63
CA LEU A 380 -30.07 -19.25 36.87
C LEU A 380 -30.06 -20.43 37.85
N THR A 381 -30.49 -20.14 39.07
CA THR A 381 -30.74 -21.19 40.06
C THR A 381 -32.20 -21.58 39.92
N SER A 382 -32.75 -22.24 40.92
CA SER A 382 -34.15 -22.64 40.87
C SER A 382 -35.14 -21.60 41.36
N ASP A 383 -34.67 -20.66 42.18
CA ASP A 383 -35.54 -19.65 42.76
C ASP A 383 -35.29 -18.32 42.11
N TYR A 384 -34.08 -18.17 41.57
CA TYR A 384 -33.66 -16.89 41.04
C TYR A 384 -33.00 -16.96 39.65
N LEU A 385 -33.20 -15.88 38.88
CA LEU A 385 -32.37 -15.52 37.72
C LEU A 385 -31.57 -14.26 38.03
N TYR A 386 -30.26 -14.32 37.82
CA TYR A 386 -29.36 -13.16 38.00
C TYR A 386 -29.00 -12.49 36.68
N TYR A 387 -28.94 -11.16 36.68
CA TYR A 387 -28.75 -10.40 35.45
C TYR A 387 -28.16 -9.01 35.67
N ILE A 388 -27.42 -8.51 34.68
CA ILE A 388 -26.87 -7.17 34.74
C ILE A 388 -27.78 -6.25 33.92
N SER A 389 -28.00 -5.04 34.43
CA SER A 389 -28.76 -4.02 33.71
C SER A 389 -28.19 -2.65 34.02
N ASN A 390 -28.78 -1.62 33.39
CA ASN A 390 -28.39 -0.22 33.55
C ASN A 390 -29.50 0.64 34.19
N GLU A 391 -30.25 -0.01 35.08
CA GLU A 391 -31.44 0.60 35.65
C GLU A 391 -31.06 1.69 36.65
N TYR A 392 -30.11 1.38 37.51
CA TYR A 392 -29.81 2.25 38.63
C TYR A 392 -29.64 3.71 38.27
N LYS A 393 -30.41 4.56 38.94
CA LYS A 393 -30.30 6.01 38.78
C LYS A 393 -30.55 6.51 37.35
N GLY A 394 -31.20 5.68 36.54
CA GLY A 394 -31.40 5.98 35.12
C GLY A 394 -30.13 6.17 34.30
N MET A 395 -29.01 5.56 34.73
CA MET A 395 -27.73 5.72 34.02
C MET A 395 -27.48 4.65 32.97
N PRO A 396 -27.64 5.05 31.68
CA PRO A 396 -27.41 4.10 30.61
C PRO A 396 -25.93 3.77 30.53
N GLY A 397 -25.08 4.73 30.95
CA GLY A 397 -23.64 4.47 31.17
C GLY A 397 -23.24 3.47 32.28
N GLY A 398 -24.20 3.11 33.14
CA GLY A 398 -23.95 2.19 34.25
C GLY A 398 -24.25 0.72 34.01
N ARG A 399 -23.82 -0.12 34.95
CA ARG A 399 -24.09 -1.55 34.97
C ARG A 399 -24.12 -2.08 36.43
N ASN A 400 -25.10 -2.94 36.79
CA ASN A 400 -25.25 -3.48 38.17
C ASN A 400 -25.83 -4.87 38.27
N LEU A 401 -25.42 -5.66 39.25
CA LEU A 401 -26.07 -6.97 39.40
C LEU A 401 -27.44 -6.85 40.05
N TYR A 402 -28.42 -7.48 39.40
CA TYR A 402 -29.75 -7.69 39.95
C TYR A 402 -30.08 -9.19 40.06
N LYS A 403 -31.09 -9.45 40.89
CA LYS A 403 -31.55 -10.79 41.19
C LYS A 403 -33.07 -10.72 41.24
N ILE A 404 -33.72 -11.67 40.57
CA ILE A 404 -35.20 -11.76 40.52
C ILE A 404 -35.68 -13.07 41.15
N GLN A 405 -36.66 -12.96 42.05
CA GLN A 405 -37.35 -14.13 42.56
C GLN A 405 -38.28 -14.68 41.46
N LEU A 406 -38.14 -15.98 41.19
CA LEU A 406 -38.84 -16.57 40.05
C LEU A 406 -40.32 -16.78 40.30
N SER A 407 -40.70 -17.01 41.56
CA SER A 407 -42.12 -17.24 41.87
C SER A 407 -42.89 -15.94 42.06
N ASP A 408 -42.18 -14.83 42.22
CA ASP A 408 -42.81 -13.51 42.06
C ASP A 408 -41.85 -12.59 41.36
N TYR A 409 -42.19 -12.22 40.13
CA TYR A 409 -41.30 -11.40 39.35
C TYR A 409 -41.03 -10.06 40.00
N THR A 410 -42.06 -9.43 40.58
CA THR A 410 -41.92 -8.09 41.19
C THR A 410 -40.84 -7.94 42.28
N LYS A 411 -40.34 -9.08 42.77
CA LYS A 411 -39.29 -9.07 43.80
C LYS A 411 -37.82 -9.14 43.27
N VAL A 412 -37.28 -7.94 43.03
CA VAL A 412 -35.93 -7.73 42.53
C VAL A 412 -35.05 -7.11 43.58
N THR A 413 -33.85 -7.65 43.76
CA THR A 413 -32.91 -7.05 44.70
C THR A 413 -31.64 -6.61 44.00
N CYS A 414 -31.27 -5.34 44.14
CA CYS A 414 -30.01 -4.85 43.57
C CYS A 414 -28.80 -5.27 44.40
N LEU A 415 -28.12 -6.31 43.95
CA LEU A 415 -26.99 -6.85 44.70
C LEU A 415 -25.75 -5.97 44.77
N SER A 416 -25.68 -4.90 43.97
CA SER A 416 -24.41 -4.21 43.78
C SER A 416 -24.47 -2.70 43.85
N CYS A 417 -25.60 -2.12 43.50
CA CYS A 417 -25.78 -0.67 43.61
C CYS A 417 -25.10 -0.12 44.85
N GLU A 418 -25.35 -0.75 45.98
CA GLU A 418 -25.10 -0.09 47.26
C GLU A 418 -23.81 -0.49 47.96
N LEU A 419 -23.00 -1.35 47.36
CA LEU A 419 -21.75 -1.77 47.97
C LEU A 419 -20.69 -0.67 48.04
N ASN A 420 -20.78 0.33 47.17
CA ASN A 420 -19.77 1.37 47.14
C ASN A 420 -20.14 2.44 46.14
N PRO A 421 -21.22 3.18 46.44
CA PRO A 421 -21.85 4.14 45.52
C PRO A 421 -20.94 5.16 44.82
N GLU A 422 -19.75 5.41 45.35
CA GLU A 422 -18.92 6.51 44.86
C GLU A 422 -17.82 6.02 43.93
N ARG A 423 -17.30 4.83 44.23
CA ARG A 423 -16.27 4.17 43.45
C ARG A 423 -16.90 3.27 42.39
N CYS A 424 -18.19 2.93 42.54
CA CYS A 424 -18.80 1.81 41.77
C CYS A 424 -20.18 2.00 41.13
N GLN A 425 -20.17 1.96 39.79
CA GLN A 425 -21.38 2.06 38.99
C GLN A 425 -21.33 1.13 37.81
N TYR A 426 -20.21 0.44 37.63
CA TYR A 426 -20.07 -0.40 36.48
C TYR A 426 -19.59 -1.76 36.94
N TYR A 427 -20.45 -2.76 36.88
CA TYR A 427 -20.05 -4.10 37.31
C TYR A 427 -20.11 -5.09 36.18
N SER A 428 -19.49 -6.22 36.45
CA SER A 428 -19.58 -7.41 35.66
C SER A 428 -19.47 -8.45 36.75
N VAL A 429 -19.84 -9.70 36.48
CA VAL A 429 -19.86 -10.71 37.50
C VAL A 429 -19.42 -12.05 36.94
N SER A 430 -18.91 -12.94 37.78
CA SER A 430 -18.58 -14.27 37.32
C SER A 430 -19.14 -15.34 38.29
N PHE A 431 -20.30 -15.92 37.96
CA PHE A 431 -20.93 -16.89 38.85
C PHE A 431 -20.17 -18.20 38.93
N SER A 432 -20.26 -18.87 40.08
CA SER A 432 -19.62 -20.16 40.32
C SER A 432 -20.53 -21.15 39.64
N LYS A 433 -20.01 -22.31 39.24
CA LYS A 433 -20.85 -23.32 38.61
C LYS A 433 -21.98 -23.67 39.59
N GLU A 434 -23.23 -23.61 39.11
CA GLU A 434 -24.41 -23.72 39.96
C GLU A 434 -24.71 -22.47 40.82
N ALA A 435 -24.01 -21.37 40.57
CA ALA A 435 -24.36 -20.07 41.16
C ALA A 435 -24.38 -20.01 42.70
N LYS A 436 -23.61 -20.86 43.37
CA LYS A 436 -23.49 -20.78 44.83
C LYS A 436 -22.75 -19.50 45.26
N TYR A 437 -21.77 -19.09 44.45
CA TYR A 437 -20.98 -17.88 44.72
C TYR A 437 -20.75 -17.03 43.46
N TYR A 438 -20.28 -15.81 43.65
CA TYR A 438 -19.88 -14.94 42.55
C TYR A 438 -18.76 -13.91 42.83
N GLN A 439 -17.83 -13.78 41.88
CA GLN A 439 -16.86 -12.70 41.85
C GLN A 439 -17.57 -11.47 41.29
N LEU A 440 -17.62 -10.39 42.06
CA LEU A 440 -18.04 -9.13 41.50
C LEU A 440 -16.79 -8.33 41.18
N ARG A 441 -16.72 -7.82 39.95
CA ARG A 441 -15.60 -6.95 39.57
C ARG A 441 -16.15 -5.65 39.10
N CYS A 442 -15.91 -4.63 39.91
CA CYS A 442 -16.33 -3.29 39.60
C CYS A 442 -15.28 -2.68 38.70
N SER A 443 -15.69 -1.77 37.82
CA SER A 443 -14.78 -1.18 36.83
C SER A 443 -14.71 0.34 36.85
N GLY A 444 -15.32 0.97 37.86
CA GLY A 444 -15.32 2.43 37.93
C GLY A 444 -16.61 3.00 38.49
N PRO A 445 -16.69 4.33 38.66
CA PRO A 445 -15.70 5.30 38.16
C PRO A 445 -14.32 5.30 38.83
N GLY A 446 -14.20 4.76 40.05
CA GLY A 446 -12.90 4.66 40.72
C GLY A 446 -12.10 3.46 40.26
N LEU A 447 -11.05 3.13 41.00
CA LEU A 447 -10.19 2.03 40.61
C LEU A 447 -10.90 0.67 40.75
N PRO A 448 -10.73 -0.20 39.73
CA PRO A 448 -11.18 -1.59 39.70
C PRO A 448 -11.10 -2.28 41.06
N LEU A 449 -12.24 -2.82 41.49
CA LEU A 449 -12.42 -3.36 42.82
C LEU A 449 -12.99 -4.78 42.72
N TYR A 450 -12.14 -5.78 42.83
CA TYR A 450 -12.56 -7.19 42.70
C TYR A 450 -12.96 -7.87 44.03
N THR A 451 -14.26 -8.13 44.21
CA THR A 451 -14.81 -8.84 45.38
C THR A 451 -15.37 -10.23 45.10
N LEU A 452 -15.83 -10.88 46.17
CA LEU A 452 -16.28 -12.27 46.14
C LEU A 452 -17.45 -12.39 47.11
N HIS A 453 -18.54 -13.02 46.68
CA HIS A 453 -19.75 -13.12 47.49
C HIS A 453 -20.36 -14.49 47.48
N SER A 454 -21.42 -14.69 48.26
CA SER A 454 -22.17 -15.93 48.21
C SER A 454 -23.67 -15.65 48.07
N SER A 455 -24.28 -16.40 47.15
CA SER A 455 -25.67 -16.20 46.74
C SER A 455 -26.69 -16.50 47.83
N VAL A 456 -26.42 -17.58 48.58
CA VAL A 456 -27.14 -17.98 49.81
C VAL A 456 -28.06 -16.89 50.38
N ASN A 457 -27.42 -15.89 50.97
CA ASN A 457 -28.00 -14.61 51.37
C ASN A 457 -26.81 -13.73 51.13
N ASP A 458 -26.97 -12.74 50.26
CA ASP A 458 -25.83 -12.17 49.58
C ASP A 458 -24.85 -11.51 50.56
N LYS A 459 -23.84 -12.30 50.92
CA LYS A 459 -22.90 -12.01 52.00
C LYS A 459 -21.52 -11.73 51.39
N GLY A 460 -21.00 -10.52 51.63
CA GLY A 460 -19.73 -10.10 51.08
C GLY A 460 -18.64 -10.80 51.82
N LEU A 461 -18.18 -11.93 51.28
CA LEU A 461 -17.11 -12.74 51.88
C LEU A 461 -15.75 -12.04 52.06
N ARG A 462 -15.25 -11.39 51.00
CA ARG A 462 -13.81 -11.19 50.84
C ARG A 462 -13.44 -10.17 49.78
N VAL A 463 -12.58 -9.22 50.10
CA VAL A 463 -11.99 -8.43 49.02
C VAL A 463 -10.87 -9.29 48.37
N LEU A 464 -10.81 -9.30 47.04
CA LEU A 464 -9.78 -10.07 46.31
C LEU A 464 -8.72 -9.17 45.69
N GLU A 465 -9.10 -7.94 45.32
CA GLU A 465 -8.16 -6.94 44.81
C GLU A 465 -8.75 -5.55 44.85
N ASP A 466 -8.00 -4.60 45.39
CA ASP A 466 -8.51 -3.23 45.53
C ASP A 466 -7.70 -2.15 44.87
N ASN A 467 -6.60 -2.54 44.20
CA ASN A 467 -5.74 -1.58 43.52
C ASN A 467 -5.20 -0.48 44.48
N SER A 468 -5.10 -0.83 45.77
CA SER A 468 -4.51 0.08 46.77
C SER A 468 -3.14 0.59 46.27
N ALA A 469 -2.30 -0.36 45.82
CA ALA A 469 -0.96 -0.11 45.26
C ALA A 469 -0.99 0.95 44.17
N LEU A 470 -1.89 0.82 43.21
CA LEU A 470 -2.04 1.84 42.18
C LEU A 470 -2.67 3.14 42.76
N ASP A 471 -3.64 2.98 43.68
CA ASP A 471 -4.32 4.13 44.28
C ASP A 471 -3.34 5.04 44.99
N LYS A 472 -2.35 4.45 45.65
CA LYS A 472 -1.27 5.23 46.27
C LYS A 472 -0.47 6.02 45.19
N MET A 473 0.00 5.31 44.16
CA MET A 473 0.70 5.94 43.03
C MET A 473 -0.04 7.11 42.43
N LEU A 474 -1.26 6.86 41.98
CA LEU A 474 -2.02 7.90 41.28
C LEU A 474 -2.24 9.16 42.10
N GLN A 475 -1.92 9.13 43.39
CA GLN A 475 -2.04 10.33 44.24
C GLN A 475 -0.93 11.33 43.96
N ASN A 476 0.19 10.81 43.48
CA ASN A 476 1.28 11.67 43.06
C ASN A 476 1.09 12.34 41.70
N VAL A 477 0.06 11.91 40.98
CA VAL A 477 -0.18 12.42 39.64
C VAL A 477 -1.36 13.39 39.63
N GLN A 478 -1.20 14.50 38.91
CA GLN A 478 -2.29 15.43 38.69
C GLN A 478 -3.19 14.81 37.66
N MET A 479 -4.02 13.87 38.11
CA MET A 479 -4.91 13.11 37.25
C MET A 479 -6.02 13.95 36.62
N PRO A 480 -6.51 13.53 35.43
CA PRO A 480 -7.71 14.25 34.99
C PRO A 480 -8.92 13.76 35.79
N SER A 481 -9.98 14.56 35.80
CA SER A 481 -11.26 14.15 36.37
C SER A 481 -12.29 13.89 35.24
N LYS A 482 -13.30 13.05 35.51
CA LYS A 482 -14.25 12.62 34.46
C LYS A 482 -15.64 13.11 34.76
N LYS A 483 -16.23 13.86 33.84
CA LYS A 483 -17.60 14.35 33.96
C LYS A 483 -18.49 13.49 33.06
N LEU A 484 -19.76 13.31 33.44
CA LEU A 484 -20.69 12.38 32.75
C LEU A 484 -22.13 12.83 32.88
N ASP A 485 -22.49 13.97 32.29
CA ASP A 485 -23.87 14.39 32.27
C ASP A 485 -24.51 13.97 30.96
N PHE A 486 -25.38 14.80 30.41
CA PHE A 486 -26.18 14.47 29.25
C PHE A 486 -26.74 15.76 28.67
N ILE A 487 -27.10 15.74 27.40
CA ILE A 487 -27.82 16.86 26.84
C ILE A 487 -29.17 16.40 26.29
N ILE A 488 -30.06 17.37 26.16
CA ILE A 488 -31.34 17.22 25.48
C ILE A 488 -31.23 17.79 24.05
N LEU A 489 -31.75 17.06 23.07
CA LEU A 489 -31.69 17.54 21.69
C LEU A 489 -33.08 17.76 21.06
N ASN A 490 -33.95 16.76 21.14
CA ASN A 490 -35.35 17.00 20.86
C ASN A 490 -36.13 17.01 22.17
N GLU A 491 -36.51 15.84 22.67
CA GLU A 491 -36.97 15.73 24.04
C GLU A 491 -36.07 14.71 24.68
N THR A 492 -35.18 14.14 23.87
CA THR A 492 -34.38 13.01 24.30
C THR A 492 -33.06 13.42 24.95
N LYS A 493 -32.66 12.64 25.96
CA LYS A 493 -31.38 12.81 26.62
C LYS A 493 -30.39 11.94 25.88
N PHE A 494 -29.27 12.55 25.47
CA PHE A 494 -28.15 11.79 24.96
C PHE A 494 -26.98 12.10 25.84
N TRP A 495 -26.22 11.06 26.15
CA TRP A 495 -25.17 11.18 27.15
C TRP A 495 -23.83 11.46 26.53
N TYR A 496 -23.03 12.24 27.25
CA TYR A 496 -21.67 12.57 26.86
C TYR A 496 -20.77 12.53 28.09
N GLN A 497 -19.48 12.32 27.87
CA GLN A 497 -18.53 12.35 28.96
C GLN A 497 -17.42 13.35 28.63
N MET A 498 -16.73 13.85 29.65
CA MET A 498 -15.56 14.72 29.43
C MET A 498 -14.45 14.32 30.40
N ILE A 499 -13.31 13.92 29.84
CA ILE A 499 -12.08 13.75 30.61
C ILE A 499 -11.44 15.12 30.77
N LEU A 500 -11.52 15.67 31.98
CA LEU A 500 -11.23 17.08 32.27
C LEU A 500 -9.83 17.22 32.83
N PRO A 501 -9.15 18.34 32.48
CA PRO A 501 -7.76 18.58 32.93
C PRO A 501 -7.70 18.87 34.42
N PRO A 502 -6.63 18.45 35.08
CA PRO A 502 -6.44 18.70 36.52
C PRO A 502 -6.50 20.20 36.85
N HIS A 503 -6.73 20.51 38.12
CA HIS A 503 -7.00 21.89 38.55
C HIS A 503 -7.80 22.55 37.44
N PHE A 504 -8.93 21.92 37.12
CA PHE A 504 -9.84 22.43 36.13
C PHE A 504 -10.32 23.80 36.57
N ASP A 505 -10.44 24.70 35.60
CA ASP A 505 -10.98 26.04 35.80
C ASP A 505 -12.01 26.43 34.74
N LYS A 506 -13.29 26.32 35.08
CA LYS A 506 -14.37 26.62 34.14
C LYS A 506 -14.33 28.09 33.64
N SER A 507 -13.54 28.93 34.32
CA SER A 507 -13.28 30.31 33.88
C SER A 507 -12.38 30.39 32.63
N LYS A 508 -11.41 29.47 32.52
CA LYS A 508 -10.42 29.46 31.44
C LYS A 508 -11.02 28.84 30.18
N LYS A 509 -10.30 28.92 29.05
CA LYS A 509 -10.75 28.28 27.80
C LYS A 509 -9.85 27.16 27.26
N TYR A 510 -10.48 26.03 27.00
CA TYR A 510 -9.75 24.81 26.80
C TYR A 510 -10.01 24.22 25.43
N PRO A 511 -8.97 23.61 24.84
CA PRO A 511 -9.08 22.87 23.60
C PRO A 511 -9.90 21.59 23.76
N LEU A 512 -10.73 21.29 22.76
CA LEU A 512 -11.62 20.14 22.85
C LEU A 512 -11.40 19.15 21.72
N LEU A 513 -11.01 17.93 22.08
CA LEU A 513 -10.90 16.86 21.11
C LEU A 513 -12.15 16.03 21.28
N LEU A 514 -12.89 15.85 20.20
CA LEU A 514 -14.10 15.01 20.22
C LEU A 514 -13.73 13.59 19.81
N ASP A 515 -13.73 12.72 20.81
CA ASP A 515 -13.34 11.33 20.69
C ASP A 515 -14.58 10.50 20.33
N VAL A 516 -14.62 10.04 19.08
CA VAL A 516 -15.80 9.40 18.50
C VAL A 516 -15.60 7.92 18.22
N TYR A 517 -16.69 7.17 18.44
CA TYR A 517 -16.85 5.92 17.74
C TYR A 517 -18.23 5.96 17.08
N ALA A 518 -19.29 6.01 17.88
CA ALA A 518 -20.65 6.31 17.40
C ALA A 518 -21.26 5.36 16.35
N GLY A 519 -20.66 4.19 16.15
CA GLY A 519 -21.23 3.11 15.33
C GLY A 519 -22.56 2.65 15.90
N PRO A 520 -23.17 1.58 15.34
CA PRO A 520 -24.50 1.18 15.81
C PRO A 520 -24.37 0.43 17.13
N CYS A 521 -25.19 0.78 18.14
CA CYS A 521 -25.13 0.16 19.50
C CYS A 521 -23.85 0.43 20.34
N SER A 522 -23.26 1.58 20.11
CA SER A 522 -22.04 1.95 20.82
C SER A 522 -22.36 2.62 22.17
N GLN A 523 -21.35 2.71 23.02
CA GLN A 523 -21.44 3.50 24.24
C GLN A 523 -20.05 4.05 24.53
N LYS A 524 -19.87 5.33 24.29
CA LYS A 524 -18.60 6.00 24.56
C LYS A 524 -18.78 6.94 25.72
N ALA A 525 -19.98 6.97 26.30
CA ALA A 525 -20.22 7.76 27.50
C ALA A 525 -20.61 6.76 28.58
N ASP A 526 -19.60 6.29 29.33
CA ASP A 526 -19.81 5.46 30.52
C ASP A 526 -19.13 5.93 31.83
N THR A 527 -19.21 5.07 32.85
CA THR A 527 -18.59 5.28 34.17
C THR A 527 -17.33 4.43 34.36
N VAL A 528 -16.84 3.83 33.30
CA VAL A 528 -15.66 2.99 33.42
C VAL A 528 -14.43 3.87 33.67
N PHE A 529 -13.54 3.40 34.52
CA PHE A 529 -12.29 4.07 34.80
C PHE A 529 -11.23 3.60 33.80
N ARG A 530 -10.60 4.55 33.12
CA ARG A 530 -9.66 4.19 32.07
C ARG A 530 -8.33 4.97 32.12
N LEU A 531 -7.23 4.23 32.01
CA LEU A 531 -5.96 4.87 31.83
C LEU A 531 -5.57 4.69 30.37
N ASN A 532 -5.65 5.78 29.61
CA ASN A 532 -5.36 5.79 28.14
C ASN A 532 -4.91 7.12 27.53
N TRP A 533 -4.77 7.13 26.21
CA TRP A 533 -4.33 8.30 25.50
C TRP A 533 -5.12 9.53 25.91
N ALA A 534 -6.43 9.44 26.02
CA ALA A 534 -7.24 10.61 26.45
C ALA A 534 -6.80 11.10 27.84
N THR A 535 -6.39 10.16 28.70
CA THR A 535 -5.88 10.42 30.06
C THR A 535 -4.70 11.36 29.98
N TYR A 536 -3.79 11.10 29.04
CA TYR A 536 -2.65 12.00 28.76
C TYR A 536 -3.01 13.42 28.23
N LEU A 537 -3.66 13.51 27.09
CA LEU A 537 -4.06 14.81 26.53
C LEU A 537 -4.63 15.74 27.56
N ALA A 538 -5.25 15.15 28.57
CA ALA A 538 -5.98 15.90 29.55
C ALA A 538 -5.06 16.36 30.67
N SER A 539 -4.29 15.39 31.20
CA SER A 539 -3.40 15.63 32.34
C SER A 539 -2.17 16.50 31.95
N THR A 540 -1.48 16.13 30.87
CA THR A 540 -0.31 16.85 30.40
C THR A 540 -0.61 18.00 29.42
N GLU A 541 -1.65 17.92 28.58
CA GLU A 541 -1.85 18.97 27.57
C GLU A 541 -3.02 19.90 27.88
N ASN A 542 -3.64 19.68 29.02
CA ASN A 542 -4.86 20.39 29.38
C ASN A 542 -5.78 20.48 28.16
N ILE A 543 -6.08 19.30 27.62
CA ILE A 543 -7.00 19.16 26.49
C ILE A 543 -8.21 18.35 26.90
N ILE A 544 -9.37 19.00 26.82
CA ILE A 544 -10.66 18.34 27.09
C ILE A 544 -10.98 17.39 25.96
N VAL A 545 -10.87 16.10 26.29
CA VAL A 545 -11.34 15.03 25.42
C VAL A 545 -12.77 14.65 25.82
N ALA A 546 -13.74 15.05 24.99
CA ALA A 546 -15.16 14.63 25.10
C ALA A 546 -15.54 13.44 24.18
N SER A 547 -16.54 12.67 24.64
CA SER A 547 -17.21 11.70 23.80
C SER A 547 -18.69 11.98 23.89
N PHE A 548 -19.50 11.41 22.97
CA PHE A 548 -20.99 11.60 22.95
C PHE A 548 -21.74 10.43 22.33
N ASP A 549 -22.85 10.01 22.95
CA ASP A 549 -23.66 8.84 22.54
C ASP A 549 -25.02 9.28 22.01
N GLY A 550 -25.13 9.48 20.69
CA GLY A 550 -26.32 10.06 20.05
C GLY A 550 -27.08 9.02 19.28
N ARG A 551 -27.74 9.40 18.20
CA ARG A 551 -28.54 8.42 17.44
C ARG A 551 -27.77 7.15 16.99
N GLY A 552 -28.43 6.00 17.08
CA GLY A 552 -27.81 4.73 16.72
C GLY A 552 -27.00 4.09 17.83
N SER A 553 -26.88 4.80 18.96
CA SER A 553 -26.12 4.24 20.09
C SER A 553 -26.99 3.27 20.86
N GLY A 554 -26.37 2.39 21.64
CA GLY A 554 -27.09 1.32 22.29
C GLY A 554 -27.71 1.57 23.67
N TYR A 555 -28.38 0.53 24.16
CA TYR A 555 -28.76 0.43 25.56
C TYR A 555 -29.80 1.43 26.03
N GLN A 556 -30.33 2.24 25.10
CA GLN A 556 -31.39 3.21 25.38
C GLN A 556 -32.70 2.88 24.60
N GLY A 557 -32.76 1.69 24.02
CA GLY A 557 -33.96 1.25 23.33
C GLY A 557 -34.03 1.65 21.86
N ASP A 558 -34.64 0.79 21.08
CA ASP A 558 -34.71 0.90 19.64
C ASP A 558 -34.99 2.26 19.00
N LYS A 559 -35.61 3.19 19.73
CA LYS A 559 -35.91 4.48 19.09
C LYS A 559 -34.63 5.26 18.78
N ILE A 560 -33.67 5.20 19.70
CA ILE A 560 -32.35 5.75 19.46
C ILE A 560 -31.54 4.76 18.63
N MET A 561 -31.42 3.51 19.07
CA MET A 561 -30.55 2.57 18.38
C MET A 561 -30.90 2.36 16.89
N HIS A 562 -32.18 2.29 16.58
CA HIS A 562 -32.59 2.01 15.21
C HIS A 562 -32.78 3.24 14.34
N ALA A 563 -32.47 4.44 14.86
CA ALA A 563 -32.68 5.68 14.09
C ALA A 563 -31.79 5.70 12.84
N ILE A 564 -30.79 4.84 12.87
CA ILE A 564 -29.71 4.80 11.92
C ILE A 564 -29.92 3.75 10.79
N ASN A 565 -30.96 2.92 10.97
CA ASN A 565 -31.26 1.75 10.12
C ASN A 565 -31.31 2.07 8.65
N ARG A 566 -30.65 1.24 7.85
CA ARG A 566 -30.50 1.45 6.41
C ARG A 566 -29.95 2.84 6.09
N ARG A 567 -29.31 3.49 7.06
CA ARG A 567 -28.96 4.90 6.87
C ARG A 567 -27.64 5.42 7.48
N LEU A 568 -26.59 4.61 7.47
CA LEU A 568 -25.31 5.02 8.11
C LEU A 568 -24.71 6.28 7.50
N GLY A 569 -23.82 6.93 8.26
CA GLY A 569 -23.28 8.22 7.87
C GLY A 569 -24.31 9.35 7.89
N THR A 570 -25.41 9.16 8.61
CA THR A 570 -26.43 10.22 8.68
C THR A 570 -26.60 10.86 10.07
N PHE A 571 -27.46 10.26 10.87
CA PHE A 571 -27.75 10.83 12.16
C PHE A 571 -26.53 10.76 13.06
N GLU A 572 -25.88 9.60 13.07
CA GLU A 572 -24.77 9.42 13.97
C GLU A 572 -23.82 10.57 13.70
N VAL A 573 -23.57 10.84 12.41
CA VAL A 573 -22.70 11.97 12.02
C VAL A 573 -23.29 13.28 12.56
N GLU A 574 -24.33 13.82 11.93
CA GLU A 574 -24.93 15.08 12.38
C GLU A 574 -24.88 15.33 13.90
N ASP A 575 -25.00 14.26 14.67
CA ASP A 575 -25.20 14.41 16.08
C ASP A 575 -23.92 14.70 16.84
N GLN A 576 -22.83 14.09 16.40
CA GLN A 576 -21.47 14.45 16.84
C GLN A 576 -21.21 15.93 16.61
N ILE A 577 -21.59 16.42 15.42
CA ILE A 577 -21.45 17.84 15.10
C ILE A 577 -22.22 18.64 16.13
N GLU A 578 -23.48 18.26 16.28
CA GLU A 578 -24.39 18.90 17.21
C GLU A 578 -23.83 18.98 18.63
N ALA A 579 -23.34 17.85 19.13
CA ALA A 579 -22.73 17.80 20.43
C ALA A 579 -21.62 18.86 20.54
N ALA A 580 -20.84 18.98 19.47
CA ALA A 580 -19.74 19.91 19.46
C ALA A 580 -20.34 21.30 19.59
N ARG A 581 -21.23 21.64 18.65
CA ARG A 581 -21.86 22.97 18.61
C ARG A 581 -22.44 23.37 19.98
N GLN A 582 -22.69 22.36 20.82
CA GLN A 582 -23.14 22.55 22.19
C GLN A 582 -21.97 22.86 23.09
N PHE A 583 -21.06 21.89 23.21
CA PHE A 583 -19.79 22.09 23.91
C PHE A 583 -19.20 23.48 23.66
N SER A 584 -19.14 23.88 22.39
CA SER A 584 -18.64 25.19 21.98
C SER A 584 -19.32 26.29 22.80
N LYS A 585 -20.65 26.35 22.69
CA LYS A 585 -21.46 27.33 23.43
C LYS A 585 -20.96 27.51 24.87
N MET A 586 -20.59 26.39 25.51
CA MET A 586 -20.13 26.37 26.92
C MET A 586 -18.83 27.16 27.14
N GLY A 587 -18.78 27.88 28.26
CA GLY A 587 -17.78 28.93 28.49
C GLY A 587 -16.33 28.52 28.63
N PHE A 588 -16.07 27.23 28.80
CA PHE A 588 -14.70 26.73 29.01
C PHE A 588 -14.04 26.05 27.78
N VAL A 589 -14.69 26.18 26.63
CA VAL A 589 -14.17 25.58 25.42
C VAL A 589 -13.96 26.67 24.37
N ASP A 590 -12.73 26.73 23.88
CA ASP A 590 -12.31 27.66 22.81
C ASP A 590 -12.65 27.04 21.44
N ASN A 591 -13.67 27.59 20.79
CA ASN A 591 -14.18 27.01 19.53
C ASN A 591 -13.24 27.04 18.31
N LYS A 592 -12.24 27.94 18.33
CA LYS A 592 -11.23 27.99 17.25
C LYS A 592 -10.33 26.75 17.30
N ARG A 593 -10.39 26.06 18.43
CA ARG A 593 -9.58 24.89 18.66
C ARG A 593 -10.38 23.65 19.05
N ILE A 594 -11.32 23.24 18.21
CA ILE A 594 -12.03 21.94 18.34
C ILE A 594 -11.52 20.89 17.34
N ALA A 595 -11.23 19.69 17.83
CA ALA A 595 -10.71 18.60 16.99
C ALA A 595 -11.59 17.36 17.09
N ILE A 596 -11.31 16.32 16.31
CA ILE A 596 -12.12 15.10 16.31
C ILE A 596 -11.31 13.94 15.83
N TRP A 597 -11.27 12.86 16.61
CA TRP A 597 -10.54 11.70 16.16
C TRP A 597 -11.37 10.42 16.28
N GLY A 598 -10.94 9.36 15.60
CA GLY A 598 -11.71 8.14 15.56
C GLY A 598 -11.04 7.01 14.82
N TRP A 599 -11.35 5.80 15.24
CA TRP A 599 -10.78 4.57 14.73
C TRP A 599 -11.96 3.62 14.40
N SER A 600 -11.76 2.70 13.44
CA SER A 600 -12.82 1.87 12.84
C SER A 600 -14.07 2.68 12.50
N TYR A 601 -15.26 2.22 12.87
CA TYR A 601 -16.46 3.03 12.67
C TYR A 601 -16.21 4.50 13.04
N GLY A 602 -15.41 4.72 14.08
CA GLY A 602 -15.10 6.09 14.55
C GLY A 602 -14.40 6.95 13.51
N GLY A 603 -13.45 6.32 12.80
CA GLY A 603 -12.68 6.95 11.72
C GLY A 603 -13.49 7.22 10.48
N TYR A 604 -14.38 6.29 10.14
CA TYR A 604 -15.45 6.60 9.21
C TYR A 604 -16.09 7.91 9.65
N VAL A 605 -16.65 7.96 10.86
CA VAL A 605 -17.48 9.15 11.21
C VAL A 605 -16.67 10.44 11.10
N THR A 606 -15.47 10.45 11.69
CA THR A 606 -14.61 11.64 11.75
C THR A 606 -14.46 12.28 10.37
N SER A 607 -14.11 11.43 9.39
CA SER A 607 -13.91 11.88 8.02
C SER A 607 -15.16 12.53 7.45
N MET A 608 -16.30 11.87 7.65
CA MET A 608 -17.61 12.40 7.26
C MET A 608 -17.88 13.71 7.97
N VAL A 609 -17.48 13.76 9.23
CA VAL A 609 -17.64 14.99 10.00
C VAL A 609 -16.83 16.11 9.38
N LEU A 610 -15.56 15.84 9.09
CA LEU A 610 -14.65 16.84 8.51
C LEU A 610 -15.07 17.35 7.13
N GLY A 611 -15.59 16.42 6.33
CA GLY A 611 -16.12 16.75 5.01
C GLY A 611 -17.56 17.26 5.00
N SER A 612 -18.03 17.77 6.14
CA SER A 612 -19.45 18.18 6.22
C SER A 612 -19.75 19.65 5.95
N GLY A 613 -18.74 20.51 6.00
CA GLY A 613 -18.92 21.96 5.88
C GLY A 613 -19.38 22.61 7.18
N SER A 614 -19.36 21.82 8.26
CA SER A 614 -19.76 22.21 9.61
C SER A 614 -19.34 23.61 10.02
N GLY A 615 -18.11 23.98 9.66
CA GLY A 615 -17.45 25.17 10.20
C GLY A 615 -16.84 24.93 11.58
N VAL A 616 -17.27 23.87 12.27
CA VAL A 616 -16.95 23.68 13.69
C VAL A 616 -15.61 22.98 13.99
N PHE A 617 -15.01 22.34 13.03
CA PHE A 617 -13.81 21.61 13.36
C PHE A 617 -12.60 22.22 12.67
N LYS A 618 -11.50 22.35 13.43
CA LYS A 618 -10.26 22.84 12.88
C LYS A 618 -9.58 21.68 12.21
N CYS A 619 -9.53 20.56 12.92
CA CYS A 619 -8.81 19.38 12.45
C CYS A 619 -9.38 18.07 13.04
N GLY A 620 -8.85 16.96 12.58
CA GLY A 620 -9.24 15.69 13.09
C GLY A 620 -8.31 14.66 12.52
N ILE A 621 -8.15 13.56 13.24
CA ILE A 621 -7.45 12.41 12.75
C ILE A 621 -8.48 11.29 12.51
N ALA A 622 -8.26 10.42 11.52
CA ALA A 622 -9.17 9.33 11.31
C ALA A 622 -8.30 8.13 11.11
N VAL A 623 -8.62 7.03 11.79
CA VAL A 623 -7.66 5.89 11.82
C VAL A 623 -8.23 4.58 11.29
N ALA A 624 -7.71 4.14 10.15
CA ALA A 624 -8.18 2.96 9.48
C ALA A 624 -9.70 3.03 9.26
N PRO A 625 -10.20 4.15 8.66
CA PRO A 625 -11.63 4.35 8.64
C PRO A 625 -12.31 3.49 7.58
N VAL A 626 -13.63 3.41 7.63
CA VAL A 626 -14.43 2.95 6.50
C VAL A 626 -14.63 4.23 5.68
N SER A 627 -14.77 4.07 4.36
CA SER A 627 -14.89 5.18 3.39
C SER A 627 -16.07 4.97 2.44
N ARG A 628 -16.41 3.70 2.25
CA ARG A 628 -17.48 3.31 1.40
C ARG A 628 -17.97 1.94 1.87
N TRP A 629 -19.28 1.82 2.12
CA TRP A 629 -19.81 0.60 2.71
C TRP A 629 -19.66 -0.63 1.83
N GLU A 630 -19.71 -0.44 0.54
CA GLU A 630 -19.50 -1.55 -0.36
C GLU A 630 -18.10 -2.18 -0.18
N TYR A 631 -17.20 -1.56 0.59
CA TYR A 631 -15.86 -2.16 0.82
C TYR A 631 -15.79 -3.02 2.05
N TYR A 632 -16.57 -2.64 3.07
CA TYR A 632 -16.61 -3.39 4.30
C TYR A 632 -17.49 -4.65 4.13
N ASP A 633 -17.54 -5.51 5.17
CA ASP A 633 -18.10 -6.88 5.05
C ASP A 633 -19.63 -6.99 5.08
N SER A 634 -20.14 -8.07 4.48
CA SER A 634 -21.59 -8.30 4.34
C SER A 634 -22.39 -8.43 5.64
N VAL A 635 -21.92 -9.27 6.56
CA VAL A 635 -22.69 -9.56 7.78
C VAL A 635 -22.89 -8.33 8.62
N TYR A 636 -21.82 -7.56 8.83
CA TYR A 636 -21.90 -6.31 9.58
C TYR A 636 -22.64 -5.25 8.80
N THR A 637 -22.29 -5.03 7.53
CA THR A 637 -22.79 -3.87 6.78
C THR A 637 -24.27 -4.05 6.46
N GLU A 638 -24.61 -5.24 5.97
CA GLU A 638 -25.97 -5.55 5.55
C GLU A 638 -26.95 -5.65 6.72
N ARG A 639 -26.48 -6.12 7.88
CA ARG A 639 -27.21 -5.92 9.14
C ARG A 639 -27.77 -4.49 9.18
N TYR A 640 -26.96 -3.52 8.77
CA TYR A 640 -27.34 -2.12 8.98
C TYR A 640 -27.87 -1.43 7.73
N MET A 641 -27.42 -1.90 6.56
CA MET A 641 -27.58 -1.13 5.32
C MET A 641 -28.47 -1.76 4.23
N GLY A 642 -28.86 -3.03 4.41
CA GLY A 642 -29.57 -3.73 3.38
C GLY A 642 -28.60 -4.27 2.33
N LEU A 643 -29.07 -4.39 1.09
CA LEU A 643 -28.20 -4.81 -0.02
C LEU A 643 -27.89 -3.62 -0.95
N PRO A 644 -26.66 -3.58 -1.49
CA PRO A 644 -26.27 -2.51 -2.44
C PRO A 644 -26.98 -2.57 -3.81
N THR A 645 -28.14 -3.22 -3.90
CA THR A 645 -28.85 -3.33 -5.18
C THR A 645 -29.84 -2.17 -5.42
N PRO A 646 -30.11 -1.84 -6.71
CA PRO A 646 -31.00 -0.74 -7.08
C PRO A 646 -32.39 -0.83 -6.44
N GLU A 647 -32.87 -2.06 -6.32
CA GLU A 647 -34.19 -2.35 -5.81
C GLU A 647 -34.27 -2.36 -4.25
N ASP A 648 -33.14 -2.67 -3.60
CA ASP A 648 -32.96 -2.46 -2.14
C ASP A 648 -32.33 -1.06 -1.91
N ASN A 649 -31.12 -0.96 -1.37
CA ASN A 649 -30.60 0.32 -0.83
C ASN A 649 -29.32 0.94 -1.48
N LEU A 650 -28.97 0.50 -2.69
CA LEU A 650 -27.87 1.11 -3.45
C LEU A 650 -27.75 2.65 -3.33
N ASP A 651 -28.85 3.36 -3.53
CA ASP A 651 -28.80 4.84 -3.47
C ASP A 651 -28.01 5.34 -2.27
N HIS A 652 -28.30 4.80 -1.11
CA HIS A 652 -27.70 5.30 0.10
C HIS A 652 -26.28 4.81 0.32
N TYR A 653 -25.94 3.63 -0.21
CA TYR A 653 -24.54 3.20 -0.30
C TYR A 653 -23.71 4.24 -1.02
N ARG A 654 -24.29 4.82 -2.07
CA ARG A 654 -23.69 5.93 -2.82
C ARG A 654 -23.79 7.33 -2.23
N ASN A 655 -24.79 7.60 -1.40
CA ASN A 655 -24.93 8.93 -0.77
C ASN A 655 -23.94 9.11 0.41
N SER A 656 -23.50 7.99 0.97
CA SER A 656 -22.73 7.95 2.21
C SER A 656 -21.31 7.43 2.04
N THR A 657 -20.55 8.06 1.16
CA THR A 657 -19.11 7.80 1.07
C THR A 657 -18.28 8.98 1.60
N VAL A 658 -17.05 8.68 1.99
CA VAL A 658 -16.12 9.69 2.36
C VAL A 658 -15.70 10.43 1.08
N MET A 659 -15.42 9.68 0.01
CA MET A 659 -15.12 10.25 -1.29
C MET A 659 -15.99 11.45 -1.72
N SER A 660 -17.31 11.35 -1.62
CA SER A 660 -18.16 12.42 -2.20
C SER A 660 -18.16 13.74 -1.43
N ARG A 661 -17.53 13.76 -0.25
CA ARG A 661 -17.46 15.00 0.54
C ARG A 661 -16.13 15.74 0.31
N ALA A 662 -15.17 15.00 -0.26
CA ALA A 662 -13.76 15.41 -0.44
C ALA A 662 -13.52 16.89 -0.58
N GLU A 663 -14.27 17.54 -1.45
CA GLU A 663 -14.19 18.98 -1.68
C GLU A 663 -14.19 19.78 -0.39
N ASN A 664 -14.81 19.24 0.66
CA ASN A 664 -15.02 20.04 1.86
C ASN A 664 -13.85 20.09 2.82
N PHE A 665 -12.93 19.13 2.64
CA PHE A 665 -11.69 19.03 3.39
C PHE A 665 -10.78 20.19 3.03
N LYS A 666 -11.22 20.97 2.05
CA LYS A 666 -10.58 22.21 1.70
C LYS A 666 -10.51 23.09 2.94
N GLN A 667 -11.50 22.97 3.83
CA GLN A 667 -11.69 23.91 4.96
C GLN A 667 -11.13 23.44 6.32
N VAL A 668 -10.45 22.30 6.35
CA VAL A 668 -9.97 21.70 7.61
C VAL A 668 -8.61 21.07 7.46
N GLU A 669 -7.97 20.69 8.56
CA GLU A 669 -6.73 19.94 8.49
C GLU A 669 -6.96 18.50 8.88
N TYR A 670 -6.55 17.60 8.00
CA TYR A 670 -6.92 16.18 8.07
C TYR A 670 -5.68 15.32 8.15
N LEU A 671 -5.67 14.36 9.08
CA LEU A 671 -4.64 13.34 9.11
C LEU A 671 -5.27 11.98 8.95
N LEU A 672 -4.87 11.26 7.90
CA LEU A 672 -5.43 9.96 7.66
C LEU A 672 -4.37 8.85 7.73
N ILE A 673 -4.65 7.82 8.54
CA ILE A 673 -3.70 6.74 8.90
C ILE A 673 -4.33 5.38 8.61
N HIS A 674 -3.54 4.46 8.09
CA HIS A 674 -3.96 3.09 7.88
C HIS A 674 -2.77 2.14 7.86
N GLY A 675 -2.99 0.94 8.38
CA GLY A 675 -2.00 -0.11 8.36
C GLY A 675 -2.24 -0.89 7.10
N THR A 676 -1.17 -1.08 6.34
CA THR A 676 -1.23 -1.70 5.04
C THR A 676 -1.80 -3.09 5.13
N ALA A 677 -1.59 -3.77 6.25
CA ALA A 677 -1.90 -5.20 6.33
C ALA A 677 -3.17 -5.50 7.13
N ASP A 678 -4.09 -4.54 7.07
CA ASP A 678 -5.38 -4.55 7.76
C ASP A 678 -6.36 -5.41 6.95
N ASP A 679 -6.61 -6.60 7.44
CA ASP A 679 -7.50 -7.57 6.76
C ASP A 679 -8.96 -7.21 6.98
N ASN A 680 -9.18 -6.19 7.79
CA ASN A 680 -10.48 -5.91 8.33
C ASN A 680 -11.09 -4.71 7.55
N VAL A 681 -10.75 -3.48 7.91
CA VAL A 681 -10.97 -2.32 7.07
C VAL A 681 -9.77 -2.26 6.15
N HIS A 682 -9.92 -2.69 4.90
CA HIS A 682 -8.73 -2.82 4.03
C HIS A 682 -8.14 -1.48 3.63
N PHE A 683 -6.82 -1.46 3.41
CA PHE A 683 -6.12 -0.22 3.03
C PHE A 683 -6.87 0.52 1.91
N GLN A 684 -7.53 -0.26 1.04
CA GLN A 684 -8.44 0.21 0.01
C GLN A 684 -9.27 1.43 0.38
N GLN A 685 -9.93 1.38 1.53
CA GLN A 685 -10.88 2.45 1.89
C GLN A 685 -10.16 3.76 2.14
N SER A 686 -8.98 3.69 2.77
CA SER A 686 -8.15 4.88 2.97
C SER A 686 -7.55 5.29 1.63
N ALA A 687 -7.11 4.28 0.86
CA ALA A 687 -6.53 4.49 -0.48
C ALA A 687 -7.52 5.27 -1.34
N GLN A 688 -8.78 4.89 -1.24
CA GLN A 688 -9.77 5.59 -2.00
C GLN A 688 -9.97 7.00 -1.46
N ILE A 689 -9.90 7.17 -0.15
CA ILE A 689 -10.01 8.52 0.37
C ILE A 689 -8.91 9.44 -0.23
N SER A 690 -7.66 8.99 -0.21
CA SER A 690 -6.55 9.87 -0.58
C SER A 690 -6.68 10.25 -2.04
N LYS A 691 -7.07 9.31 -2.88
CA LYS A 691 -7.20 9.59 -4.31
C LYS A 691 -8.18 10.74 -4.59
N ALA A 692 -9.31 10.75 -3.90
CA ALA A 692 -10.35 11.73 -4.10
C ALA A 692 -9.88 13.06 -3.59
N LEU A 693 -9.20 13.03 -2.45
CA LEU A 693 -8.62 14.25 -1.90
C LEU A 693 -7.60 14.80 -2.91
N VAL A 694 -6.92 13.88 -3.63
CA VAL A 694 -5.99 14.29 -4.67
C VAL A 694 -6.70 14.85 -5.90
N ASP A 695 -7.75 14.15 -6.36
CA ASP A 695 -8.42 14.49 -7.64
C ASP A 695 -8.93 15.89 -7.60
N VAL A 696 -9.22 16.33 -6.39
CA VAL A 696 -9.95 17.55 -6.20
C VAL A 696 -9.00 18.58 -5.56
N GLY A 697 -7.76 18.15 -5.31
CA GLY A 697 -6.64 19.02 -4.97
C GLY A 697 -6.59 19.59 -3.56
N VAL A 698 -6.82 18.76 -2.55
CA VAL A 698 -6.90 19.22 -1.16
C VAL A 698 -5.69 18.69 -0.41
N ASP A 699 -5.05 19.54 0.42
CA ASP A 699 -3.88 19.10 1.19
C ASP A 699 -4.29 18.44 2.50
N PHE A 700 -3.58 17.40 2.86
CA PHE A 700 -3.88 16.63 4.03
C PHE A 700 -2.64 15.83 4.33
N GLN A 701 -2.47 15.43 5.59
CA GLN A 701 -1.31 14.65 5.95
C GLN A 701 -1.69 13.18 6.12
N ALA A 702 -0.68 12.31 6.04
CA ALA A 702 -0.90 10.89 5.91
C ALA A 702 0.13 10.11 6.69
N MET A 703 -0.18 8.84 6.92
CA MET A 703 0.78 7.90 7.50
C MET A 703 0.28 6.50 7.25
N TRP A 704 1.10 5.66 6.64
CA TRP A 704 0.80 4.24 6.54
C TRP A 704 1.69 3.50 7.53
N TYR A 705 1.24 2.33 8.00
CA TYR A 705 2.05 1.41 8.83
C TYR A 705 2.22 0.06 8.15
N THR A 706 3.12 0.04 7.18
CA THR A 706 3.56 -1.20 6.61
C THR A 706 3.46 -2.33 7.63
N ASP A 707 2.72 -3.36 7.24
CA ASP A 707 2.50 -4.66 7.96
C ASP A 707 1.53 -4.64 9.18
N GLU A 708 1.20 -3.45 9.67
CA GLU A 708 0.27 -3.33 10.77
C GLU A 708 -1.16 -3.62 10.31
N ASP A 709 -1.87 -4.44 11.08
CA ASP A 709 -3.27 -4.72 10.79
C ASP A 709 -4.19 -3.69 11.46
N HIS A 710 -5.47 -4.04 11.62
CA HIS A 710 -6.46 -3.09 12.09
C HIS A 710 -6.17 -2.44 13.44
N GLY A 711 -5.52 -3.20 14.30
CA GLY A 711 -5.15 -2.71 15.65
C GLY A 711 -4.03 -1.68 15.66
N ILE A 712 -3.06 -1.81 14.75
CA ILE A 712 -1.81 -1.04 14.77
C ILE A 712 -1.34 -1.18 16.20
N ALA A 713 -0.97 -2.41 16.54
CA ALA A 713 -0.92 -2.80 17.94
C ALA A 713 0.43 -3.34 18.39
N SER A 714 1.32 -3.71 17.47
CA SER A 714 2.70 -4.07 17.83
C SER A 714 3.28 -2.91 18.65
N SER A 715 4.04 -3.22 19.70
CA SER A 715 4.38 -2.18 20.70
C SER A 715 5.11 -1.01 20.08
N THR A 716 6.06 -1.31 19.20
CA THR A 716 6.72 -0.29 18.41
C THR A 716 5.72 0.59 17.60
N ALA A 717 4.89 -0.03 16.76
CA ALA A 717 3.97 0.76 15.91
C ALA A 717 2.96 1.59 16.71
N HIS A 718 2.45 0.94 17.75
CA HIS A 718 1.53 1.54 18.71
C HIS A 718 2.09 2.87 19.28
N GLN A 719 3.35 2.83 19.70
CA GLN A 719 4.00 4.03 20.23
C GLN A 719 4.13 5.08 19.13
N HIS A 720 4.26 4.62 17.90
CA HIS A 720 4.49 5.53 16.82
C HIS A 720 3.24 6.34 16.54
N ILE A 721 2.05 5.71 16.56
CA ILE A 721 0.84 6.38 16.09
C ILE A 721 0.38 7.43 17.07
N TYR A 722 0.46 7.08 18.34
CA TYR A 722 0.07 8.03 19.37
C TYR A 722 1.04 9.21 19.45
N THR A 723 2.33 8.96 19.18
CA THR A 723 3.31 10.04 19.09
C THR A 723 2.93 10.97 17.94
N HIS A 724 2.89 10.43 16.74
CA HIS A 724 2.50 11.16 15.55
C HIS A 724 1.20 11.97 15.76
N MET A 725 0.17 11.30 16.32
CA MET A 725 -1.12 11.93 16.55
C MET A 725 -1.01 13.02 17.59
N SER A 726 -0.18 12.76 18.61
CA SER A 726 0.05 13.74 19.68
C SER A 726 0.67 14.99 19.12
N HIS A 727 1.64 14.85 18.20
CA HIS A 727 2.26 16.02 17.56
C HIS A 727 1.25 16.81 16.74
N PHE A 728 0.50 16.07 15.93
CA PHE A 728 -0.54 16.66 15.11
C PHE A 728 -1.55 17.50 15.92
N ILE A 729 -2.11 16.97 17.00
CA ILE A 729 -3.06 17.78 17.77
C ILE A 729 -2.37 18.93 18.51
N LYS A 730 -1.17 18.64 19.01
CA LYS A 730 -0.36 19.64 19.69
C LYS A 730 -0.06 20.78 18.72
N GLN A 731 0.32 20.47 17.49
CA GLN A 731 0.54 21.51 16.50
C GLN A 731 -0.77 22.18 16.05
N CYS A 732 -1.82 21.40 15.79
CA CYS A 732 -3.11 21.96 15.39
C CYS A 732 -3.69 22.90 16.43
N PHE A 733 -3.33 22.66 17.69
CA PHE A 733 -3.83 23.51 18.79
C PHE A 733 -2.92 24.68 19.24
N SER A 734 -1.68 24.73 18.74
CA SER A 734 -0.68 25.72 19.15
C SER A 734 -0.12 25.36 20.53
N LEU A 735 0.23 24.08 20.71
CA LEU A 735 0.71 23.58 22.00
C LEU A 735 2.19 23.24 22.07
N PRO A 736 2.90 23.90 23.00
CA PRO A 736 4.36 23.92 22.96
C PRO A 736 4.98 22.74 23.73
N SER B 9 9.95 44.67 -8.63
CA SER B 9 8.56 45.23 -8.63
C SER B 9 7.59 44.56 -9.65
N ARG B 10 8.11 43.64 -10.46
CA ARG B 10 7.27 42.77 -11.31
C ARG B 10 6.72 41.63 -10.45
N LYS B 11 5.81 40.83 -11.03
CA LYS B 11 5.34 39.59 -10.37
C LYS B 11 6.50 38.58 -10.34
N THR B 12 6.22 37.40 -9.81
CA THR B 12 7.26 36.49 -9.39
C THR B 12 6.88 35.08 -9.90
N TYR B 13 7.84 34.17 -10.09
CA TYR B 13 7.51 32.83 -10.60
C TYR B 13 6.94 31.90 -9.49
N THR B 14 5.66 31.59 -9.62
CA THR B 14 4.87 31.02 -8.53
C THR B 14 4.57 29.54 -8.76
N LEU B 15 4.15 28.84 -7.71
CA LEU B 15 3.84 27.43 -7.85
C LEU B 15 2.79 27.27 -8.92
N THR B 16 1.73 28.07 -8.85
CA THR B 16 0.71 28.05 -9.88
C THR B 16 1.42 28.12 -11.23
N ASP B 17 2.17 29.20 -11.45
CA ASP B 17 2.84 29.39 -12.72
C ASP B 17 3.45 28.12 -13.19
N TYR B 18 4.17 27.45 -12.30
CA TYR B 18 4.78 26.19 -12.65
C TYR B 18 3.75 25.07 -12.93
N LEU B 19 2.84 24.85 -11.99
CA LEU B 19 1.83 23.78 -12.08
C LEU B 19 0.86 23.91 -13.27
N LYS B 20 0.42 25.11 -13.57
CA LYS B 20 -0.50 25.29 -14.68
C LYS B 20 0.20 25.71 -16.00
N ASN B 21 1.53 25.71 -15.98
CA ASN B 21 2.36 25.96 -17.16
C ASN B 21 2.08 27.26 -17.87
N THR B 22 1.94 28.32 -17.09
CA THR B 22 1.64 29.66 -17.56
C THR B 22 2.57 30.04 -18.70
N TYR B 23 3.88 30.01 -18.44
CA TYR B 23 4.89 30.32 -19.43
C TYR B 23 5.35 29.00 -20.11
N ARG B 24 5.00 28.86 -21.40
CA ARG B 24 5.28 27.66 -22.17
C ARG B 24 6.48 27.80 -23.06
N LEU B 25 7.25 26.71 -23.18
CA LEU B 25 8.42 26.67 -24.05
C LEU B 25 8.05 26.14 -25.44
N LYS B 26 7.98 26.99 -26.47
CA LYS B 26 7.62 26.52 -27.83
C LYS B 26 8.74 25.73 -28.50
N LEU B 27 8.35 24.74 -29.32
CA LEU B 27 9.29 23.74 -29.89
C LEU B 27 9.19 23.67 -31.41
N TYR B 28 10.12 22.96 -32.04
CA TYR B 28 10.04 22.71 -33.47
C TYR B 28 10.46 21.27 -33.75
N SER B 29 9.58 20.33 -33.38
CA SER B 29 9.69 18.94 -33.79
C SER B 29 9.65 18.79 -35.31
N LEU B 30 10.69 18.23 -35.91
CA LEU B 30 10.56 17.81 -37.30
C LEU B 30 11.05 16.41 -37.54
N ARG B 31 10.68 15.85 -38.69
CA ARG B 31 11.17 14.53 -39.14
C ARG B 31 11.69 14.62 -40.59
N TRP B 32 13.00 14.57 -40.75
CA TRP B 32 13.55 14.53 -42.09
C TRP B 32 12.97 13.39 -42.94
N ILE B 33 12.52 13.72 -44.16
CA ILE B 33 11.92 12.72 -45.05
C ILE B 33 12.95 12.23 -46.07
N SER B 34 13.89 13.11 -46.39
CA SER B 34 14.89 12.80 -47.39
C SER B 34 16.14 13.55 -46.98
N ASP B 35 16.98 13.86 -47.95
CA ASP B 35 18.15 14.65 -47.67
C ASP B 35 17.80 16.13 -47.84
N HIS B 36 16.60 16.42 -48.35
CA HIS B 36 16.23 17.80 -48.60
C HIS B 36 14.87 18.26 -48.03
N GLU B 37 14.01 17.33 -47.64
CA GLU B 37 12.70 17.72 -47.09
C GLU B 37 12.42 17.16 -45.71
N TYR B 38 11.43 17.76 -45.06
CA TYR B 38 11.04 17.31 -43.73
C TYR B 38 9.59 17.62 -43.42
N LEU B 39 9.02 16.86 -42.48
CA LEU B 39 7.63 17.01 -42.06
C LEU B 39 7.47 17.91 -40.82
N TYR B 40 6.33 18.56 -40.73
CA TYR B 40 6.06 19.47 -39.64
C TYR B 40 4.57 19.73 -39.53
N LYS B 41 4.03 19.66 -38.32
CA LYS B 41 2.65 20.03 -38.12
C LYS B 41 2.52 21.48 -37.68
N GLN B 42 1.68 22.22 -38.38
CA GLN B 42 1.46 23.64 -38.13
C GLN B 42 -0.02 23.92 -38.14
N GLU B 43 -0.55 24.46 -37.04
CA GLU B 43 -2.01 24.49 -36.84
C GLU B 43 -2.68 23.21 -37.35
N ASN B 44 -2.10 22.06 -36.97
CA ASN B 44 -2.69 20.74 -37.22
C ASN B 44 -2.68 20.20 -38.65
N ASN B 45 -2.13 20.99 -39.58
CA ASN B 45 -1.78 20.50 -40.88
C ASN B 45 -0.51 19.70 -40.72
N ILE B 46 -0.31 18.70 -41.57
CA ILE B 46 1.02 18.12 -41.70
C ILE B 46 1.66 18.65 -42.96
N LEU B 47 2.77 19.37 -42.78
CA LEU B 47 3.45 20.05 -43.88
C LEU B 47 4.74 19.35 -44.24
N VAL B 48 5.09 19.45 -45.51
CA VAL B 48 6.43 19.09 -45.93
C VAL B 48 7.13 20.41 -46.21
N PHE B 49 8.31 20.60 -45.65
CA PHE B 49 9.14 21.76 -45.98
C PHE B 49 10.31 21.42 -46.87
N ASN B 50 10.74 22.42 -47.63
CA ASN B 50 11.99 22.38 -48.36
C ASN B 50 13.04 23.11 -47.53
N ALA B 51 14.11 22.40 -47.18
CA ALA B 51 15.21 22.95 -46.36
C ALA B 51 15.98 24.01 -47.10
N GLU B 52 16.00 23.88 -48.42
CA GLU B 52 16.84 24.67 -49.29
C GLU B 52 16.32 26.10 -49.51
N TYR B 53 15.02 26.22 -49.79
CA TYR B 53 14.41 27.50 -50.15
C TYR B 53 13.30 27.98 -49.19
N GLY B 54 13.02 27.16 -48.16
CA GLY B 54 12.09 27.52 -47.09
C GLY B 54 10.63 27.17 -47.33
N ASN B 55 10.29 26.84 -48.57
CA ASN B 55 8.90 26.72 -49.01
C ASN B 55 8.20 25.42 -48.62
N SER B 56 6.92 25.54 -48.28
CA SER B 56 6.18 24.42 -47.75
C SER B 56 4.87 24.13 -48.47
N SER B 57 4.55 22.85 -48.54
CA SER B 57 3.30 22.35 -49.09
C SER B 57 2.55 21.51 -48.07
N VAL B 58 1.23 21.47 -48.22
CA VAL B 58 0.39 20.82 -47.25
C VAL B 58 0.33 19.33 -47.56
N PHE B 59 0.89 18.54 -46.67
CA PHE B 59 0.89 17.10 -46.84
C PHE B 59 -0.43 16.45 -46.40
N LEU B 60 -0.92 16.85 -45.23
CA LEU B 60 -2.18 16.34 -44.67
C LEU B 60 -2.97 17.50 -44.07
N GLU B 61 -4.11 17.82 -44.68
CA GLU B 61 -4.95 18.94 -44.23
C GLU B 61 -5.56 18.69 -42.85
N ASN B 62 -5.59 19.76 -42.05
CA ASN B 62 -6.15 19.75 -40.70
C ASN B 62 -7.62 19.33 -40.73
N SER B 63 -8.28 19.57 -41.86
CA SER B 63 -9.69 19.21 -42.03
C SER B 63 -9.95 17.72 -41.90
N THR B 64 -9.42 16.93 -42.85
CA THR B 64 -9.51 15.46 -42.84
C THR B 64 -9.57 14.88 -41.42
N PHE B 65 -10.34 13.81 -41.26
CA PHE B 65 -10.54 13.20 -39.94
C PHE B 65 -11.00 14.21 -38.89
N ASP B 66 -11.90 15.10 -39.29
CA ASP B 66 -12.71 15.85 -38.34
C ASP B 66 -13.88 14.93 -38.01
N GLU B 67 -14.01 13.88 -38.79
CA GLU B 67 -15.20 13.05 -38.81
C GLU B 67 -14.79 11.58 -38.68
N PHE B 68 -13.75 11.36 -37.90
CA PHE B 68 -13.15 10.05 -37.71
C PHE B 68 -13.81 9.28 -36.57
N GLY B 69 -14.55 9.97 -35.71
CA GLY B 69 -15.20 9.33 -34.56
C GLY B 69 -14.32 9.19 -33.32
N HIS B 70 -13.02 9.04 -33.57
CA HIS B 70 -12.00 8.97 -32.52
C HIS B 70 -10.96 10.09 -32.57
N SER B 71 -10.59 10.54 -31.38
CA SER B 71 -9.40 11.36 -31.18
C SER B 71 -8.13 10.53 -31.48
N ILE B 72 -7.23 11.12 -32.26
CA ILE B 72 -6.05 10.45 -32.82
C ILE B 72 -4.83 10.89 -32.01
N ASN B 73 -4.13 9.93 -31.42
CA ASN B 73 -3.01 10.21 -30.54
C ASN B 73 -1.73 10.59 -31.26
N ASP B 74 -1.37 9.80 -32.29
CA ASP B 74 -0.28 10.13 -33.21
C ASP B 74 -0.62 9.67 -34.62
N TYR B 75 0.14 10.16 -35.59
CA TYR B 75 0.05 9.77 -36.99
C TYR B 75 1.39 9.12 -37.38
N SER B 76 1.45 8.46 -38.51
CA SER B 76 2.73 7.98 -39.02
C SER B 76 2.71 7.57 -40.49
N ILE B 77 3.52 8.26 -41.28
CA ILE B 77 3.45 8.20 -42.74
C ILE B 77 4.47 7.28 -43.37
N SER B 78 4.04 6.50 -44.35
CA SER B 78 4.95 5.66 -45.12
C SER B 78 6.15 6.45 -45.52
N PRO B 79 7.34 5.81 -45.53
CA PRO B 79 8.51 6.48 -46.06
C PRO B 79 8.23 6.83 -47.50
N ASP B 80 7.86 5.82 -48.27
CA ASP B 80 7.55 6.02 -49.65
C ASP B 80 6.06 6.25 -49.79
N GLY B 81 5.72 7.52 -49.51
CA GLY B 81 4.50 8.22 -49.95
C GLY B 81 3.08 7.97 -49.47
N GLN B 82 2.55 6.81 -49.82
CA GLN B 82 1.11 6.72 -50.14
C GLN B 82 0.12 6.47 -49.02
N PHE B 83 0.60 5.99 -47.89
CA PHE B 83 -0.31 5.68 -46.77
C PHE B 83 0.11 6.43 -45.51
N ILE B 84 -0.85 6.61 -44.62
CA ILE B 84 -0.55 7.09 -43.30
C ILE B 84 -1.30 6.22 -42.30
N LEU B 85 -0.59 5.86 -41.22
CA LEU B 85 -1.18 5.16 -40.05
C LEU B 85 -1.87 6.06 -39.03
N LEU B 86 -3.03 5.63 -38.58
CA LEU B 86 -3.76 6.41 -37.59
C LEU B 86 -3.81 5.70 -36.25
N GLU B 87 -3.20 6.34 -35.25
CA GLU B 87 -3.12 5.80 -33.90
C GLU B 87 -4.20 6.40 -32.99
N TYR B 88 -5.13 5.56 -32.55
CA TYR B 88 -6.18 5.95 -31.59
C TYR B 88 -6.33 4.89 -30.49
N ASN B 89 -7.09 5.23 -29.43
CA ASN B 89 -7.28 4.40 -28.21
C ASN B 89 -5.99 4.05 -27.49
N TYR B 90 -5.07 5.01 -27.37
CA TYR B 90 -3.77 4.70 -26.77
C TYR B 90 -4.04 4.44 -25.30
N VAL B 91 -3.39 3.37 -24.79
CA VAL B 91 -3.48 2.96 -23.38
C VAL B 91 -2.06 2.65 -22.89
N LYS B 92 -1.54 3.54 -22.05
CA LYS B 92 -0.15 3.45 -21.59
C LYS B 92 0.13 2.21 -20.76
N GLN B 93 1.16 1.46 -21.13
CA GLN B 93 1.68 0.49 -20.18
C GLN B 93 2.79 1.14 -19.33
N TRP B 94 4.05 0.78 -19.59
CA TRP B 94 5.21 1.23 -18.81
C TRP B 94 5.79 2.56 -19.33
N ARG B 95 7.11 2.74 -19.32
CA ARG B 95 7.70 4.03 -19.74
C ARG B 95 7.67 4.29 -21.23
N HIS B 96 7.84 3.23 -22.03
CA HIS B 96 7.72 3.34 -23.48
C HIS B 96 6.56 2.50 -24.03
N SER B 97 6.14 1.48 -23.29
CA SER B 97 5.17 0.55 -23.83
C SER B 97 3.75 1.08 -23.72
N TYR B 98 2.94 0.59 -24.65
CA TYR B 98 1.54 0.95 -24.78
C TYR B 98 0.83 0.17 -25.88
N THR B 99 -0.49 0.18 -25.73
CA THR B 99 -1.45 -0.56 -26.50
C THR B 99 -2.33 0.44 -27.23
N ALA B 100 -2.73 0.10 -28.46
CA ALA B 100 -3.58 0.99 -29.24
C ALA B 100 -4.23 0.34 -30.46
N SER B 101 -5.04 1.15 -31.13
CA SER B 101 -5.78 0.78 -32.32
C SER B 101 -5.35 1.63 -33.54
N TYR B 102 -5.57 1.11 -34.74
CA TYR B 102 -4.97 1.67 -35.97
C TYR B 102 -5.90 1.55 -37.15
N ASP B 103 -5.98 2.62 -37.95
CA ASP B 103 -6.58 2.57 -39.31
C ASP B 103 -5.50 3.03 -40.32
N ILE B 104 -5.55 2.53 -41.56
CA ILE B 104 -4.67 3.03 -42.62
C ILE B 104 -5.40 3.95 -43.59
N TYR B 105 -4.88 5.14 -43.83
CA TYR B 105 -5.43 6.04 -44.85
C TYR B 105 -4.61 6.00 -46.14
N ASP B 106 -5.23 5.47 -47.20
CA ASP B 106 -4.68 5.51 -48.56
C ASP B 106 -4.70 6.93 -49.14
N LEU B 107 -3.53 7.53 -49.33
CA LEU B 107 -3.46 8.94 -49.74
C LEU B 107 -3.94 9.19 -51.17
N ASN B 108 -3.83 8.18 -52.02
CA ASN B 108 -4.33 8.33 -53.37
C ASN B 108 -5.86 8.10 -53.47
N LYS B 109 -6.59 8.35 -52.39
CA LYS B 109 -8.06 8.33 -52.38
C LYS B 109 -8.54 8.91 -51.07
N ARG B 110 -9.66 9.63 -51.08
CA ARG B 110 -10.36 9.96 -49.83
C ARG B 110 -10.85 8.64 -49.18
N GLN B 111 -9.92 7.84 -48.64
CA GLN B 111 -10.27 6.48 -48.19
C GLN B 111 -9.44 5.89 -47.08
N LEU B 112 -10.12 5.47 -46.02
CA LEU B 112 -9.55 4.53 -45.07
C LEU B 112 -9.71 3.13 -45.63
N ILE B 113 -8.74 2.25 -45.40
CA ILE B 113 -8.90 0.81 -45.71
C ILE B 113 -9.90 0.22 -44.75
N THR B 114 -10.83 -0.56 -45.28
CA THR B 114 -11.92 -1.18 -44.54
C THR B 114 -11.49 -2.57 -44.12
N GLU B 115 -10.97 -3.31 -45.07
CA GLU B 115 -10.73 -4.72 -44.91
C GLU B 115 -9.41 -4.85 -44.20
N GLU B 116 -9.23 -6.02 -43.59
CA GLU B 116 -7.91 -6.51 -43.17
C GLU B 116 -7.12 -5.62 -42.17
N ARG B 117 -7.86 -4.80 -41.40
CA ARG B 117 -7.28 -3.83 -40.46
C ARG B 117 -6.22 -4.39 -39.52
N ILE B 118 -5.43 -3.50 -38.91
CA ILE B 118 -4.58 -3.88 -37.78
C ILE B 118 -5.54 -4.13 -36.65
N PRO B 119 -5.29 -5.19 -35.87
CA PRO B 119 -6.18 -5.53 -34.74
C PRO B 119 -6.18 -4.46 -33.66
N ASN B 120 -7.27 -4.33 -32.92
CA ASN B 120 -7.22 -3.52 -31.70
C ASN B 120 -6.22 -4.10 -30.71
N ASN B 121 -6.00 -3.40 -29.60
CA ASN B 121 -4.91 -3.71 -28.66
C ASN B 121 -3.62 -4.21 -29.32
N THR B 122 -3.06 -3.41 -30.21
CA THR B 122 -1.77 -3.79 -30.78
C THR B 122 -0.65 -3.29 -29.89
N GLN B 123 0.43 -4.04 -29.84
CA GLN B 123 1.50 -3.74 -28.93
C GLN B 123 2.55 -2.81 -29.53
N TRP B 124 2.82 -3.00 -30.83
CA TRP B 124 3.77 -2.18 -31.59
C TRP B 124 3.47 -2.26 -33.11
N VAL B 125 3.65 -1.13 -33.81
CA VAL B 125 3.57 -1.05 -35.30
C VAL B 125 4.74 -0.28 -35.97
N THR B 126 5.27 -0.77 -37.10
CA THR B 126 6.29 0.00 -37.84
C THR B 126 6.21 -0.17 -39.33
N TRP B 127 6.16 0.96 -40.02
CA TRP B 127 6.57 1.00 -41.42
C TRP B 127 7.97 0.39 -41.58
N SER B 128 8.28 -0.13 -42.78
CA SER B 128 9.67 -0.46 -43.14
C SER B 128 10.38 0.81 -43.59
N PRO B 129 11.72 0.80 -43.69
CA PRO B 129 12.35 2.11 -43.90
C PRO B 129 12.12 2.64 -45.32
N VAL B 130 11.57 1.80 -46.18
CA VAL B 130 11.22 2.16 -47.57
C VAL B 130 9.95 1.42 -48.01
N GLY B 131 9.08 2.12 -48.75
CA GLY B 131 7.90 1.50 -49.34
C GLY B 131 6.71 1.77 -48.43
N HIS B 132 5.91 0.74 -48.23
CA HIS B 132 4.76 0.85 -47.34
C HIS B 132 4.41 -0.47 -46.66
N LYS B 133 5.44 -1.26 -46.30
CA LYS B 133 5.21 -2.55 -45.64
C LYS B 133 4.95 -2.33 -44.16
N LEU B 134 4.18 -3.22 -43.54
CA LEU B 134 3.90 -3.13 -42.09
C LEU B 134 4.41 -4.34 -41.34
N ALA B 135 5.03 -4.08 -40.19
CA ALA B 135 5.35 -5.13 -39.25
C ALA B 135 4.64 -4.77 -37.95
N TYR B 136 3.86 -5.69 -37.42
CA TYR B 136 3.16 -5.38 -36.18
C TYR B 136 3.26 -6.53 -35.19
N VAL B 137 3.16 -6.19 -33.92
CA VAL B 137 3.08 -7.22 -32.90
C VAL B 137 1.72 -7.11 -32.21
N TRP B 138 1.14 -8.27 -31.91
CA TRP B 138 -0.19 -8.33 -31.32
C TRP B 138 -0.31 -9.65 -30.55
N ASN B 139 -0.70 -9.55 -29.29
CA ASN B 139 -0.63 -10.66 -28.32
C ASN B 139 0.75 -11.31 -28.29
N ASN B 140 1.81 -10.50 -28.31
CA ASN B 140 3.17 -11.01 -28.25
C ASN B 140 3.62 -11.79 -29.47
N ASP B 141 2.89 -11.68 -30.59
CA ASP B 141 3.26 -12.36 -31.84
C ASP B 141 3.40 -11.40 -33.01
N ILE B 142 4.34 -11.71 -33.91
CA ILE B 142 4.75 -10.82 -35.04
C ILE B 142 4.05 -11.13 -36.34
N TYR B 143 3.56 -10.08 -36.97
CA TYR B 143 2.74 -10.12 -38.17
C TYR B 143 3.25 -9.12 -39.21
N VAL B 144 3.24 -9.50 -40.48
CA VAL B 144 3.77 -8.67 -41.55
C VAL B 144 2.78 -8.47 -42.70
N LYS B 145 2.64 -7.20 -43.13
CA LYS B 145 1.77 -6.78 -44.25
C LYS B 145 2.54 -6.23 -45.46
N ILE B 146 2.51 -6.95 -46.58
CA ILE B 146 3.24 -6.51 -47.79
C ILE B 146 2.61 -5.29 -48.44
N GLU B 147 1.28 -5.27 -48.47
CA GLU B 147 0.53 -4.06 -48.79
C GLU B 147 -0.46 -3.86 -47.64
N PRO B 148 -0.98 -2.64 -47.45
CA PRO B 148 -1.83 -2.47 -46.28
C PRO B 148 -3.27 -3.01 -46.41
N ASN B 149 -3.70 -3.38 -47.62
CA ASN B 149 -5.06 -3.95 -47.75
C ASN B 149 -5.05 -5.48 -47.75
N LEU B 150 -3.87 -6.08 -47.90
CA LEU B 150 -3.76 -7.53 -47.92
C LEU B 150 -3.80 -8.14 -46.53
N PRO B 151 -4.19 -9.42 -46.44
CA PRO B 151 -4.03 -10.16 -45.22
C PRO B 151 -2.56 -10.20 -44.80
N SER B 152 -2.31 -9.96 -43.52
CA SER B 152 -0.96 -10.10 -42.97
C SER B 152 -0.53 -11.58 -42.90
N TYR B 153 0.78 -11.82 -42.88
CA TYR B 153 1.28 -13.16 -42.65
C TYR B 153 1.77 -13.21 -41.22
N ARG B 154 1.70 -14.38 -40.59
CA ARG B 154 2.12 -14.54 -39.20
C ARG B 154 3.52 -15.20 -39.11
N ILE B 155 4.40 -14.57 -38.36
CA ILE B 155 5.82 -14.94 -38.28
C ILE B 155 6.14 -15.86 -37.09
N THR B 156 5.53 -15.54 -35.96
CA THR B 156 5.73 -16.26 -34.68
C THR B 156 4.39 -16.73 -34.16
N TRP B 157 4.37 -17.88 -33.52
CA TRP B 157 3.12 -18.40 -32.97
C TRP B 157 3.25 -18.70 -31.49
N THR B 158 4.34 -18.23 -30.90
CA THR B 158 4.81 -18.65 -29.57
C THR B 158 4.45 -17.66 -28.45
N GLY B 159 4.14 -16.43 -28.83
CA GLY B 159 3.78 -15.38 -27.88
C GLY B 159 2.74 -15.90 -26.93
N LYS B 160 3.02 -15.74 -25.64
CA LYS B 160 2.08 -16.01 -24.56
C LYS B 160 2.21 -14.91 -23.52
N GLU B 161 1.11 -14.26 -23.20
CA GLU B 161 1.09 -13.16 -22.22
C GLU B 161 2.01 -13.39 -21.00
N ASP B 162 2.69 -12.30 -20.55
CA ASP B 162 3.64 -12.30 -19.41
C ASP B 162 4.70 -13.41 -19.49
N ILE B 163 4.92 -14.03 -20.65
CA ILE B 163 5.82 -15.17 -20.71
C ILE B 163 6.77 -15.17 -21.91
N ILE B 164 6.21 -14.99 -23.12
CA ILE B 164 6.98 -15.00 -24.35
C ILE B 164 6.60 -13.77 -25.18
N TYR B 165 7.67 -13.03 -25.54
CA TYR B 165 7.64 -11.68 -26.07
C TYR B 165 8.38 -11.68 -27.40
N ASN B 166 7.63 -11.70 -28.51
CA ASN B 166 8.19 -11.71 -29.87
C ASN B 166 8.09 -10.31 -30.39
N GLY B 167 9.20 -9.74 -30.84
CA GLY B 167 9.18 -8.38 -31.36
C GLY B 167 8.78 -7.26 -30.40
N ILE B 168 8.44 -7.57 -29.16
CA ILE B 168 8.42 -6.55 -28.11
C ILE B 168 9.30 -6.99 -26.98
N THR B 169 9.70 -6.03 -26.17
CA THR B 169 10.61 -6.23 -25.04
C THR B 169 9.74 -6.45 -23.81
N ASP B 170 10.33 -6.92 -22.72
CA ASP B 170 9.60 -7.06 -21.47
C ASP B 170 9.99 -5.91 -20.56
N TRP B 171 9.62 -5.98 -19.29
CA TRP B 171 9.89 -4.87 -18.40
C TRP B 171 11.37 -4.49 -18.29
N VAL B 172 12.24 -5.41 -17.86
CA VAL B 172 13.65 -5.05 -17.79
C VAL B 172 14.23 -4.53 -19.10
N TYR B 173 14.04 -5.28 -20.19
CA TYR B 173 14.56 -4.86 -21.47
C TYR B 173 14.05 -3.49 -21.86
N GLU B 174 12.75 -3.26 -21.70
CA GLU B 174 12.18 -1.96 -21.95
C GLU B 174 12.86 -0.89 -21.11
N GLU B 175 12.90 -1.09 -19.81
CA GLU B 175 13.42 -0.08 -18.89
C GLU B 175 14.97 0.11 -19.01
N GLU B 176 15.71 -1.00 -19.03
CA GLU B 176 17.15 -0.91 -18.90
C GLU B 176 17.98 -1.21 -20.14
N VAL B 177 17.39 -1.79 -21.16
CA VAL B 177 18.20 -2.19 -22.31
C VAL B 177 17.93 -1.35 -23.57
N PHE B 178 16.75 -1.49 -24.17
CA PHE B 178 16.48 -0.74 -25.39
C PHE B 178 15.70 0.55 -25.22
N SER B 179 15.45 0.96 -23.99
CA SER B 179 14.64 2.15 -23.74
C SER B 179 13.52 2.21 -24.79
N ALA B 180 12.83 1.08 -24.94
CA ALA B 180 11.91 0.86 -26.06
C ALA B 180 10.99 -0.32 -25.81
N TYR B 181 9.78 -0.26 -26.36
CA TYR B 181 8.93 -1.42 -26.41
C TYR B 181 9.37 -2.29 -27.59
N SER B 182 9.58 -1.65 -28.73
CA SER B 182 9.98 -2.30 -29.97
C SER B 182 11.15 -3.26 -29.80
N ALA B 183 10.98 -4.51 -30.17
CA ALA B 183 12.11 -5.40 -30.34
C ALA B 183 12.10 -5.87 -31.78
N LEU B 184 11.99 -4.89 -32.68
CA LEU B 184 11.93 -5.08 -34.12
C LEU B 184 12.99 -4.19 -34.78
N TRP B 185 13.61 -4.67 -35.86
CA TRP B 185 14.57 -3.87 -36.67
C TRP B 185 14.59 -4.30 -38.14
N TRP B 186 14.16 -3.41 -39.03
CA TRP B 186 14.23 -3.69 -40.46
C TRP B 186 15.64 -3.49 -41.06
N SER B 187 15.94 -4.26 -42.10
CA SER B 187 17.05 -3.93 -42.99
C SER B 187 16.68 -2.64 -43.73
N PRO B 188 17.69 -1.93 -44.31
CA PRO B 188 17.43 -0.65 -45.01
C PRO B 188 16.57 -0.78 -46.26
N ASN B 189 16.85 -1.79 -47.09
CA ASN B 189 15.90 -2.35 -48.08
C ASN B 189 14.44 -2.45 -47.62
N GLY B 190 14.23 -3.02 -46.44
CA GLY B 190 12.91 -3.48 -46.02
C GLY B 190 12.68 -4.94 -46.40
N THR B 191 13.78 -5.63 -46.72
CA THR B 191 13.79 -7.03 -47.15
C THR B 191 13.70 -8.00 -45.95
N PHE B 192 14.60 -7.79 -44.99
CA PHE B 192 14.62 -8.64 -43.84
C PHE B 192 13.95 -7.95 -42.68
N LEU B 193 13.58 -8.74 -41.67
CA LEU B 193 13.01 -8.21 -40.47
C LEU B 193 13.55 -9.05 -39.33
N ALA B 194 14.47 -8.43 -38.61
CA ALA B 194 15.07 -9.04 -37.44
C ALA B 194 14.26 -8.62 -36.20
N TYR B 195 14.18 -9.52 -35.24
CA TYR B 195 13.39 -9.27 -34.06
C TYR B 195 13.99 -10.11 -32.99
N ALA B 196 13.91 -9.66 -31.76
CA ALA B 196 14.30 -10.51 -30.62
C ALA B 196 13.10 -11.22 -29.93
N GLN B 197 13.39 -12.36 -29.32
CA GLN B 197 12.42 -13.04 -28.49
C GLN B 197 12.85 -13.05 -27.03
N PHE B 198 11.88 -12.76 -26.16
CA PHE B 198 12.14 -12.79 -24.73
C PHE B 198 11.29 -13.85 -24.04
N ASN B 199 11.95 -14.63 -23.19
CA ASN B 199 11.32 -15.71 -22.47
C ASN B 199 11.46 -15.44 -20.98
N ASP B 200 10.40 -14.91 -20.35
CA ASP B 200 10.34 -14.63 -18.91
C ASP B 200 9.74 -15.74 -18.08
N THR B 201 9.82 -16.98 -18.57
CA THR B 201 9.03 -18.11 -18.06
C THR B 201 9.24 -18.35 -16.59
N GLU B 202 10.45 -18.08 -16.11
CA GLU B 202 10.77 -18.35 -14.72
C GLU B 202 11.15 -17.12 -13.94
N VAL B 203 10.94 -15.95 -14.53
CA VAL B 203 11.20 -14.69 -13.84
C VAL B 203 10.14 -14.53 -12.73
N PRO B 204 10.59 -14.20 -11.51
CA PRO B 204 9.62 -14.05 -10.43
C PRO B 204 8.67 -12.90 -10.73
N LEU B 205 7.60 -12.79 -9.97
CA LEU B 205 6.59 -11.77 -10.23
C LEU B 205 6.50 -10.79 -9.09
N ILE B 206 6.61 -9.53 -9.41
CA ILE B 206 6.29 -8.55 -8.40
C ILE B 206 4.80 -8.39 -8.55
N GLU B 207 4.13 -8.19 -7.42
CA GLU B 207 2.68 -7.99 -7.34
C GLU B 207 2.39 -6.83 -6.41
N TYR B 208 1.39 -6.04 -6.76
CA TYR B 208 0.92 -4.95 -5.95
C TYR B 208 -0.54 -4.70 -6.29
N SER B 209 -1.20 -3.97 -5.41
CA SER B 209 -2.60 -3.71 -5.62
C SER B 209 -2.78 -2.49 -6.52
N PHE B 210 -3.87 -2.51 -7.28
CA PHE B 210 -4.35 -1.35 -8.00
C PHE B 210 -5.80 -1.20 -7.53
N TYR B 211 -6.24 0.01 -7.25
CA TYR B 211 -7.49 0.16 -6.53
C TYR B 211 -8.56 0.67 -7.43
N SER B 212 -8.13 1.37 -8.48
CA SER B 212 -9.01 1.81 -9.54
C SER B 212 -10.07 2.73 -9.01
N ASP B 213 -11.07 3.03 -9.84
CA ASP B 213 -12.12 3.98 -9.50
C ASP B 213 -12.83 3.48 -8.28
N GLU B 214 -13.24 4.41 -7.42
CA GLU B 214 -13.94 4.06 -6.18
C GLU B 214 -15.11 3.07 -6.36
N SER B 215 -15.50 2.82 -7.61
CA SER B 215 -16.56 1.87 -7.93
C SER B 215 -16.07 0.41 -8.00
N LEU B 216 -14.76 0.21 -8.07
CA LEU B 216 -14.22 -1.15 -8.08
C LEU B 216 -14.33 -1.71 -6.66
N GLN B 217 -15.18 -2.71 -6.48
CA GLN B 217 -15.38 -3.31 -5.16
C GLN B 217 -14.09 -3.93 -4.61
N TYR B 218 -13.53 -4.89 -5.35
CA TYR B 218 -12.34 -5.61 -4.93
C TYR B 218 -11.11 -5.21 -5.72
N PRO B 219 -10.07 -4.67 -5.04
CA PRO B 219 -8.74 -4.37 -5.61
C PRO B 219 -8.23 -5.44 -6.57
N LYS B 220 -7.74 -5.01 -7.72
CA LYS B 220 -7.10 -5.90 -8.69
C LYS B 220 -5.63 -6.18 -8.28
N THR B 221 -5.20 -7.43 -8.24
CA THR B 221 -3.76 -7.64 -8.03
C THR B 221 -3.00 -7.68 -9.36
N VAL B 222 -2.14 -6.69 -9.57
CA VAL B 222 -1.28 -6.62 -10.73
C VAL B 222 -0.07 -7.52 -10.51
N ARG B 223 0.23 -8.35 -11.49
CA ARG B 223 1.41 -9.19 -11.46
C ARG B 223 2.33 -8.86 -12.64
N VAL B 224 3.56 -8.43 -12.38
CA VAL B 224 4.51 -8.11 -13.46
C VAL B 224 5.82 -8.93 -13.34
N PRO B 225 6.18 -9.77 -14.35
CA PRO B 225 7.50 -10.43 -14.25
C PRO B 225 8.62 -9.38 -14.20
N TYR B 226 9.44 -9.45 -13.15
CA TYR B 226 10.41 -8.40 -12.80
C TYR B 226 11.62 -8.96 -12.03
N PRO B 227 12.77 -9.14 -12.74
CA PRO B 227 13.89 -9.79 -12.07
C PRO B 227 14.57 -8.77 -11.19
N LYS B 228 14.56 -9.06 -9.88
CA LYS B 228 15.16 -8.20 -8.84
C LYS B 228 16.60 -8.63 -8.74
N ALA B 229 17.41 -7.82 -8.09
CA ALA B 229 18.83 -8.12 -7.99
C ALA B 229 19.08 -9.59 -7.64
N GLY B 230 19.69 -10.34 -8.55
CA GLY B 230 20.07 -11.72 -8.30
C GLY B 230 19.02 -12.76 -8.67
N ALA B 231 17.84 -12.29 -9.11
CA ALA B 231 16.72 -13.19 -9.50
C ALA B 231 16.98 -13.86 -10.84
N VAL B 232 16.16 -14.84 -11.21
CA VAL B 232 16.28 -15.43 -12.56
C VAL B 232 15.90 -14.36 -13.59
N ASN B 233 16.71 -14.23 -14.65
CA ASN B 233 16.51 -13.22 -15.67
C ASN B 233 15.81 -13.78 -16.88
N PRO B 234 15.21 -12.90 -17.71
CA PRO B 234 14.62 -13.39 -18.96
C PRO B 234 15.71 -13.88 -19.90
N THR B 235 15.38 -14.74 -20.83
CA THR B 235 16.37 -15.10 -21.82
C THR B 235 15.93 -14.54 -23.17
N VAL B 236 16.84 -14.59 -24.13
CA VAL B 236 16.59 -13.97 -25.41
C VAL B 236 17.17 -14.84 -26.48
N LYS B 237 16.37 -15.15 -27.49
CA LYS B 237 16.97 -15.61 -28.72
C LYS B 237 16.89 -14.39 -29.68
N PHE B 238 17.57 -14.44 -30.83
CA PHE B 238 17.47 -13.39 -31.89
C PHE B 238 17.19 -13.99 -33.28
N PHE B 239 16.28 -13.39 -34.04
CA PHE B 239 15.84 -13.91 -35.37
C PHE B 239 15.84 -12.85 -36.48
N VAL B 240 15.83 -13.32 -37.74
CA VAL B 240 15.84 -12.51 -38.97
C VAL B 240 14.99 -13.24 -40.00
N VAL B 241 13.95 -12.58 -40.52
CA VAL B 241 13.07 -13.20 -41.53
C VAL B 241 13.10 -12.48 -42.88
N ASN B 242 13.15 -13.25 -43.95
CA ASN B 242 12.98 -12.69 -45.27
C ASN B 242 11.51 -12.44 -45.57
N THR B 243 11.18 -11.16 -45.67
CA THR B 243 9.81 -10.68 -45.86
C THR B 243 9.39 -10.71 -47.34
N ASP B 244 10.36 -11.04 -48.20
CA ASP B 244 10.16 -11.07 -49.64
C ASP B 244 9.91 -12.51 -50.12
N SER B 245 9.69 -13.44 -49.19
CA SER B 245 9.43 -14.85 -49.54
C SER B 245 8.12 -15.40 -48.91
N LEU B 246 7.30 -14.51 -48.37
CA LEU B 246 6.16 -14.93 -47.56
C LEU B 246 5.05 -15.63 -48.36
N SER B 247 4.52 -16.71 -47.78
CA SER B 247 3.52 -17.61 -48.38
C SER B 247 2.19 -17.57 -47.59
N SER B 248 1.07 -17.64 -48.32
CA SER B 248 -0.28 -17.49 -47.71
C SER B 248 -0.64 -18.68 -46.81
N VAL B 249 0.12 -19.77 -46.98
CA VAL B 249 -0.22 -21.08 -46.42
C VAL B 249 0.89 -21.74 -45.60
N THR B 250 2.15 -21.63 -46.07
CA THR B 250 3.29 -22.24 -45.36
C THR B 250 3.95 -21.22 -44.43
N ASN B 251 4.05 -21.59 -43.15
CA ASN B 251 4.60 -20.73 -42.10
C ASN B 251 5.95 -20.07 -42.50
N ALA B 252 6.23 -18.90 -41.93
CA ALA B 252 7.46 -18.19 -42.26
C ALA B 252 8.68 -18.77 -41.52
N THR B 253 9.83 -18.83 -42.20
CA THR B 253 11.08 -19.38 -41.61
C THR B 253 12.01 -18.33 -40.97
N SER B 254 11.94 -18.22 -39.65
CA SER B 254 12.81 -17.33 -38.92
C SER B 254 14.17 -17.99 -38.74
N ILE B 255 15.21 -17.41 -39.35
CA ILE B 255 16.55 -17.95 -39.13
C ILE B 255 17.06 -17.40 -37.82
N GLN B 256 17.57 -18.27 -36.96
CA GLN B 256 18.07 -17.81 -35.66
C GLN B 256 19.50 -17.32 -35.80
N ILE B 257 19.83 -16.26 -35.07
CA ILE B 257 21.22 -15.86 -34.82
C ILE B 257 21.65 -16.15 -33.37
N THR B 258 22.59 -17.07 -33.27
CA THR B 258 23.07 -17.60 -32.02
C THR B 258 24.00 -16.59 -31.33
N ALA B 259 23.85 -16.39 -30.04
CA ALA B 259 24.81 -15.57 -29.32
C ALA B 259 26.23 -16.18 -29.46
N PRO B 260 27.28 -15.40 -29.19
CA PRO B 260 28.60 -15.99 -29.35
C PRO B 260 28.85 -17.01 -28.26
N ALA B 261 29.85 -17.87 -28.42
CA ALA B 261 30.18 -18.86 -27.39
C ALA B 261 30.40 -18.25 -26.00
N SER B 262 31.06 -17.08 -25.96
CA SER B 262 31.46 -16.48 -24.67
C SER B 262 30.34 -15.68 -23.97
N MET B 263 29.18 -15.55 -24.62
CA MET B 263 27.94 -15.15 -23.95
C MET B 263 27.13 -16.38 -23.52
N LEU B 264 27.21 -17.44 -24.33
CA LEU B 264 26.43 -18.67 -24.10
C LEU B 264 26.88 -19.48 -22.88
N ILE B 265 27.91 -19.04 -22.19
CA ILE B 265 28.40 -19.84 -21.07
C ILE B 265 27.65 -19.50 -19.77
N GLY B 266 27.06 -18.31 -19.71
CA GLY B 266 26.31 -17.88 -18.53
C GLY B 266 25.15 -17.02 -18.94
N ASP B 267 24.58 -16.28 -18.00
CA ASP B 267 23.47 -15.36 -18.30
C ASP B 267 24.02 -14.21 -19.12
N HIS B 268 23.20 -13.70 -20.04
CA HIS B 268 23.63 -12.55 -20.82
C HIS B 268 22.49 -11.71 -21.35
N TYR B 269 22.79 -10.47 -21.73
CA TYR B 269 21.80 -9.68 -22.46
C TYR B 269 22.17 -9.39 -23.92
N LEU B 270 21.15 -9.26 -24.76
CA LEU B 270 21.33 -8.66 -26.06
C LEU B 270 21.19 -7.17 -25.77
N CYS B 271 22.06 -6.34 -26.33
CA CYS B 271 21.93 -4.95 -25.95
C CYS B 271 22.11 -3.97 -27.06
N ASP B 272 22.22 -4.45 -28.28
CA ASP B 272 22.28 -3.56 -29.42
C ASP B 272 22.24 -4.33 -30.72
N VAL B 273 21.46 -3.79 -31.65
CA VAL B 273 21.20 -4.42 -32.93
C VAL B 273 21.20 -3.30 -33.95
N THR B 274 22.24 -3.25 -34.77
CA THR B 274 22.34 -2.26 -35.82
C THR B 274 22.51 -2.95 -37.18
N TRP B 275 21.72 -2.54 -38.16
CA TRP B 275 21.95 -2.99 -39.54
C TRP B 275 23.08 -2.16 -40.11
N ALA B 276 23.88 -2.79 -40.98
CA ALA B 276 25.14 -2.19 -41.51
C ALA B 276 25.01 -1.93 -42.98
N THR B 277 24.70 -2.99 -43.73
CA THR B 277 24.36 -2.89 -45.14
C THR B 277 23.11 -3.74 -45.36
N GLN B 278 22.65 -3.83 -46.62
CA GLN B 278 21.47 -4.62 -46.94
C GLN B 278 21.57 -6.07 -46.46
N GLU B 279 22.81 -6.57 -46.33
CA GLU B 279 23.09 -7.99 -46.10
C GLU B 279 23.93 -8.31 -44.84
N ARG B 280 24.11 -7.29 -43.99
CA ARG B 280 24.99 -7.39 -42.82
C ARG B 280 24.39 -6.74 -41.57
N ILE B 281 24.30 -7.51 -40.49
CA ILE B 281 23.82 -7.00 -39.21
C ILE B 281 24.91 -7.02 -38.17
N SER B 282 24.75 -6.09 -37.23
CA SER B 282 25.68 -5.90 -36.16
C SER B 282 24.88 -6.09 -34.88
N LEU B 283 25.32 -7.04 -34.06
CA LEU B 283 24.70 -7.39 -32.78
C LEU B 283 25.69 -7.20 -31.68
N GLN B 284 25.32 -6.47 -30.65
CA GLN B 284 26.16 -6.40 -29.46
C GLN B 284 25.49 -7.18 -28.34
N TRP B 285 26.17 -8.22 -27.88
CA TRP B 285 25.70 -8.99 -26.74
C TRP B 285 26.47 -8.52 -25.50
N LEU B 286 25.98 -8.88 -24.33
CA LEU B 286 26.58 -8.40 -23.07
C LEU B 286 26.34 -9.35 -21.92
N ARG B 287 27.44 -9.83 -21.30
CA ARG B 287 27.38 -10.69 -20.14
C ARG B 287 26.60 -10.07 -18.97
N ARG B 288 25.92 -10.92 -18.21
CA ARG B 288 25.12 -10.48 -17.04
C ARG B 288 25.97 -9.69 -16.01
N ILE B 289 27.21 -10.15 -15.77
CA ILE B 289 28.21 -9.34 -15.07
C ILE B 289 28.75 -8.34 -16.10
N GLN B 290 28.25 -7.10 -16.05
CA GLN B 290 28.39 -6.13 -17.17
C GLN B 290 29.81 -5.64 -17.49
N ASN B 291 30.74 -6.58 -17.41
CA ASN B 291 32.14 -6.33 -17.50
C ASN B 291 32.62 -6.46 -18.92
N TYR B 292 31.92 -7.27 -19.67
CA TYR B 292 32.49 -7.89 -20.85
C TYR B 292 31.40 -7.86 -21.91
N SER B 293 31.78 -7.38 -23.09
CA SER B 293 30.86 -7.10 -24.18
C SER B 293 31.46 -7.56 -25.51
N VAL B 294 30.65 -8.25 -26.31
CA VAL B 294 31.06 -8.70 -27.64
C VAL B 294 30.13 -8.07 -28.66
N MET B 295 30.70 -7.62 -29.76
CA MET B 295 29.95 -7.21 -30.93
C MET B 295 30.18 -8.25 -32.02
N ASP B 296 29.10 -8.75 -32.59
CA ASP B 296 29.13 -9.78 -33.62
C ASP B 296 28.66 -9.25 -34.96
N ILE B 297 29.38 -9.59 -36.04
CA ILE B 297 29.03 -9.10 -37.39
C ILE B 297 28.63 -10.19 -38.40
N CYS B 298 27.37 -10.14 -38.82
CA CYS B 298 26.79 -11.25 -39.58
C CYS B 298 26.36 -10.84 -40.97
N ASP B 299 26.90 -11.55 -41.96
CA ASP B 299 26.53 -11.38 -43.37
C ASP B 299 25.47 -12.40 -43.76
N TYR B 300 24.64 -12.05 -44.75
CA TYR B 300 23.63 -12.96 -45.31
C TYR B 300 24.18 -13.82 -46.46
N ASP B 301 23.80 -15.09 -46.51
CA ASP B 301 24.32 -15.99 -47.51
C ASP B 301 23.30 -16.31 -48.61
N GLU B 302 23.48 -15.69 -49.77
CA GLU B 302 22.57 -15.86 -50.91
C GLU B 302 22.24 -17.34 -51.14
N SER B 303 23.27 -18.19 -51.24
CA SER B 303 23.08 -19.63 -51.46
C SER B 303 22.32 -20.28 -50.29
N SER B 304 22.94 -20.36 -49.12
CA SER B 304 22.36 -21.07 -47.97
C SER B 304 21.09 -20.45 -47.33
N GLY B 305 20.76 -19.19 -47.64
CA GLY B 305 19.67 -18.50 -46.94
C GLY B 305 19.89 -18.33 -45.42
N ARG B 306 21.11 -18.65 -44.96
CA ARG B 306 21.51 -18.54 -43.55
C ARG B 306 22.31 -17.26 -43.26
N TRP B 307 22.57 -17.00 -41.98
CA TRP B 307 23.33 -15.85 -41.57
C TRP B 307 24.58 -16.35 -40.89
N ASN B 308 25.74 -15.79 -41.23
CA ASN B 308 26.97 -16.22 -40.57
C ASN B 308 27.74 -15.08 -39.94
N CYS B 309 28.17 -15.27 -38.70
CA CYS B 309 28.99 -14.30 -38.01
C CYS B 309 30.39 -14.86 -37.78
N LEU B 310 31.30 -14.53 -38.68
CA LEU B 310 32.69 -14.94 -38.54
C LEU B 310 33.24 -14.56 -37.17
N VAL B 311 33.80 -15.56 -36.49
CA VAL B 311 34.46 -15.37 -35.20
C VAL B 311 35.56 -14.30 -35.31
N ALA B 312 36.59 -14.56 -36.11
CA ALA B 312 37.67 -13.60 -36.33
C ALA B 312 37.20 -12.15 -36.48
N ARG B 313 35.91 -11.96 -36.68
CA ARG B 313 35.34 -10.64 -36.96
C ARG B 313 34.67 -10.00 -35.73
N GLN B 314 34.67 -10.75 -34.62
CA GLN B 314 34.11 -10.29 -33.35
C GLN B 314 34.91 -9.14 -32.74
N HIS B 315 34.24 -8.30 -31.96
CA HIS B 315 34.89 -7.15 -31.38
C HIS B 315 34.53 -7.12 -29.92
N ILE B 316 35.56 -7.20 -29.07
CA ILE B 316 35.40 -7.32 -27.63
C ILE B 316 35.68 -5.99 -26.90
N GLU B 317 34.83 -5.67 -25.93
CA GLU B 317 35.08 -4.60 -24.97
C GLU B 317 35.20 -5.18 -23.58
N MET B 318 36.19 -4.73 -22.81
CA MET B 318 36.34 -5.13 -21.42
C MET B 318 36.30 -3.87 -20.61
N SER B 319 36.37 -4.03 -19.29
CA SER B 319 36.67 -2.95 -18.35
C SER B 319 37.10 -3.57 -17.01
N THR B 320 38.20 -3.09 -16.43
CA THR B 320 38.59 -3.53 -15.08
C THR B 320 38.02 -2.48 -14.13
N THR B 321 37.82 -1.29 -14.68
CA THR B 321 37.45 -0.10 -13.94
C THR B 321 35.95 -0.07 -13.55
N GLY B 322 35.07 -0.53 -14.44
CA GLY B 322 33.63 -0.61 -14.12
C GLY B 322 32.82 -1.50 -15.06
N TRP B 323 31.92 -0.86 -15.79
CA TRP B 323 31.01 -1.53 -16.70
C TRP B 323 31.20 -0.95 -18.10
N VAL B 324 30.73 -1.69 -19.11
CA VAL B 324 30.98 -1.29 -20.50
C VAL B 324 30.03 -0.19 -20.99
N GLY B 325 30.53 1.02 -21.11
CA GLY B 325 29.73 2.10 -21.70
C GLY B 325 29.06 2.93 -20.65
N ARG B 326 28.41 4.01 -21.04
CA ARG B 326 27.74 4.87 -20.06
C ARG B 326 26.64 4.14 -19.32
N PHE B 327 25.71 3.56 -20.05
CA PHE B 327 24.72 2.75 -19.38
C PHE B 327 24.71 1.35 -19.95
N ARG B 328 24.87 1.23 -21.27
CA ARG B 328 25.07 -0.04 -21.92
C ARG B 328 26.31 0.13 -22.81
N PRO B 329 26.77 -0.93 -23.52
CA PRO B 329 27.80 -0.65 -24.56
C PRO B 329 27.30 0.36 -25.63
N SER B 330 28.22 1.10 -26.25
CA SER B 330 27.89 2.19 -27.20
C SER B 330 27.46 1.79 -28.63
N GLU B 331 26.91 2.74 -29.36
CA GLU B 331 26.30 2.36 -30.60
C GLU B 331 27.20 2.60 -31.82
N PRO B 332 27.40 1.56 -32.68
CA PRO B 332 28.27 1.69 -33.85
C PRO B 332 27.61 2.45 -34.99
N HIS B 333 28.35 3.38 -35.57
CA HIS B 333 27.92 4.10 -36.75
C HIS B 333 28.80 3.63 -37.88
N PHE B 334 28.17 3.08 -38.90
CA PHE B 334 28.91 2.38 -39.94
C PHE B 334 29.16 3.27 -41.13
N THR B 335 30.27 3.03 -41.83
CA THR B 335 30.49 3.64 -43.16
C THR B 335 29.54 3.03 -44.21
N LEU B 336 29.18 3.83 -45.21
CA LEU B 336 28.27 3.45 -46.29
C LEU B 336 28.46 2.03 -46.77
N ASP B 337 29.68 1.68 -47.13
CA ASP B 337 29.98 0.33 -47.58
C ASP B 337 29.88 -0.75 -46.47
N GLY B 338 29.90 -0.32 -45.20
CA GLY B 338 29.79 -1.23 -44.05
C GLY B 338 31.00 -2.13 -43.80
N ASN B 339 32.20 -1.66 -44.14
CA ASN B 339 33.43 -2.36 -43.79
C ASN B 339 34.23 -1.72 -42.66
N SER B 340 33.71 -0.63 -42.17
CA SER B 340 34.30 0.07 -41.07
C SER B 340 33.16 0.78 -40.38
N PHE B 341 33.47 1.32 -39.21
CA PHE B 341 32.47 2.02 -38.40
C PHE B 341 33.21 2.78 -37.36
N TYR B 342 32.51 3.78 -36.83
CA TYR B 342 32.99 4.62 -35.74
C TYR B 342 32.16 4.33 -34.49
N LYS B 343 32.76 4.41 -33.31
CA LYS B 343 32.05 4.06 -32.08
C LYS B 343 32.75 4.62 -30.83
N ILE B 344 31.97 5.17 -29.89
CA ILE B 344 32.52 5.81 -28.68
C ILE B 344 33.04 4.76 -27.68
N ILE B 345 34.35 4.76 -27.45
CA ILE B 345 35.00 3.81 -26.57
C ILE B 345 35.69 4.62 -25.50
N SER B 346 35.71 4.12 -24.27
CA SER B 346 36.50 4.78 -23.25
C SER B 346 37.97 4.51 -23.55
N ASN B 347 38.80 5.57 -23.56
CA ASN B 347 40.23 5.42 -23.93
C ASN B 347 41.16 5.04 -22.77
N GLU B 348 42.46 5.05 -23.06
CA GLU B 348 43.48 4.73 -22.07
C GLU B 348 43.47 5.59 -20.81
N GLU B 349 43.14 6.86 -20.96
CA GLU B 349 43.12 7.84 -19.85
C GLU B 349 41.69 7.91 -19.21
N GLY B 350 40.89 6.86 -19.44
CA GLY B 350 39.48 6.84 -19.06
C GLY B 350 38.46 7.72 -19.81
N TYR B 351 38.86 8.50 -20.80
CA TYR B 351 37.91 9.43 -21.45
C TYR B 351 37.12 8.89 -22.67
N ARG B 352 35.82 9.17 -22.75
CA ARG B 352 35.06 8.70 -23.90
C ARG B 352 35.34 9.54 -25.14
N HIS B 353 36.00 8.91 -26.12
CA HIS B 353 36.27 9.50 -27.45
C HIS B 353 35.92 8.55 -28.62
N ILE B 354 36.03 9.07 -29.84
CA ILE B 354 35.58 8.35 -31.06
C ILE B 354 36.67 7.45 -31.64
N CYS B 355 36.28 6.21 -31.94
CA CYS B 355 37.20 5.22 -32.44
C CYS B 355 36.79 4.69 -33.82
N TYR B 356 37.75 4.63 -34.75
CA TYR B 356 37.58 4.02 -36.07
C TYR B 356 38.03 2.56 -36.10
N PHE B 357 37.08 1.66 -36.29
CA PHE B 357 37.36 0.24 -36.37
C PHE B 357 37.16 -0.22 -37.80
N GLN B 358 37.97 -1.19 -38.21
CA GLN B 358 37.81 -1.84 -39.52
C GLN B 358 37.38 -3.28 -39.29
N ILE B 359 36.34 -3.69 -40.02
CA ILE B 359 35.66 -4.96 -39.78
C ILE B 359 36.60 -6.15 -39.66
N ASP B 360 37.46 -6.32 -40.67
CA ASP B 360 38.38 -7.47 -40.70
C ASP B 360 39.76 -7.12 -40.14
N LYS B 361 39.85 -5.97 -39.47
CA LYS B 361 41.02 -5.66 -38.63
C LYS B 361 40.55 -5.86 -37.19
N LYS B 362 41.37 -5.52 -36.19
CA LYS B 362 40.99 -5.82 -34.81
C LYS B 362 41.15 -4.71 -33.76
N ASP B 363 42.01 -3.73 -34.02
CA ASP B 363 42.15 -2.62 -33.09
C ASP B 363 41.34 -1.41 -33.58
N CYS B 364 41.48 -0.28 -32.88
CA CYS B 364 40.92 0.93 -33.43
C CYS B 364 41.85 2.08 -33.20
N THR B 365 41.48 3.17 -33.86
CA THR B 365 42.25 4.36 -33.98
C THR B 365 41.41 5.43 -33.34
N PHE B 366 42.00 6.14 -32.37
CA PHE B 366 41.27 7.25 -31.79
C PHE B 366 41.36 8.49 -32.66
N ILE B 367 40.22 9.18 -32.82
CA ILE B 367 40.03 10.26 -33.78
C ILE B 367 39.85 11.55 -33.05
N THR B 368 39.56 11.42 -31.77
CA THR B 368 39.53 12.53 -30.85
C THR B 368 40.25 12.07 -29.61
N LYS B 369 40.78 13.05 -28.89
CA LYS B 369 41.51 12.82 -27.65
C LYS B 369 41.20 14.05 -26.82
N GLY B 370 41.65 14.09 -25.56
CA GLY B 370 41.43 15.26 -24.73
C GLY B 370 40.88 15.02 -23.32
N THR B 371 40.73 16.12 -22.60
CA THR B 371 40.25 16.13 -21.23
C THR B 371 38.79 16.61 -21.19
N TRP B 372 38.02 15.97 -22.08
CA TRP B 372 36.58 16.18 -22.29
C TRP B 372 36.08 14.90 -22.96
N GLU B 373 34.77 14.80 -23.15
CA GLU B 373 34.22 13.55 -23.65
C GLU B 373 33.24 13.73 -24.83
N VAL B 374 33.16 12.71 -25.68
CA VAL B 374 32.18 12.72 -26.77
C VAL B 374 30.85 12.15 -26.22
N ILE B 375 29.78 12.94 -26.34
CA ILE B 375 28.45 12.52 -25.89
C ILE B 375 27.78 11.61 -26.91
N GLY B 376 27.89 11.93 -28.19
CA GLY B 376 27.27 11.10 -29.21
C GLY B 376 27.77 11.42 -30.61
N ILE B 377 27.81 10.37 -31.43
CA ILE B 377 28.09 10.51 -32.86
C ILE B 377 26.77 10.87 -33.57
N GLU B 378 26.70 12.02 -34.19
CA GLU B 378 25.42 12.44 -34.71
C GLU B 378 25.18 12.18 -36.19
N ALA B 379 26.24 12.02 -36.99
CA ALA B 379 26.10 11.90 -38.47
C ALA B 379 27.42 11.62 -39.15
N LEU B 380 27.39 10.77 -40.15
CA LEU B 380 28.60 10.34 -40.78
C LEU B 380 28.41 10.47 -42.29
N THR B 381 29.48 10.87 -43.02
CA THR B 381 29.49 10.96 -44.49
C THR B 381 30.82 10.54 -45.11
N SER B 382 30.82 10.43 -46.43
CA SER B 382 32.03 10.15 -47.18
C SER B 382 33.20 11.06 -46.72
N ASP B 383 32.84 12.24 -46.21
CA ASP B 383 33.76 13.35 -46.00
C ASP B 383 33.88 13.75 -44.54
N TYR B 384 32.75 13.70 -43.84
CA TYR B 384 32.61 14.30 -42.52
C TYR B 384 32.03 13.34 -41.51
N LEU B 385 32.55 13.40 -40.29
CA LEU B 385 31.86 12.88 -39.13
C LEU B 385 31.38 14.10 -38.33
N TYR B 386 30.26 13.94 -37.63
CA TYR B 386 29.71 15.01 -36.82
C TYR B 386 29.38 14.47 -35.46
N TYR B 387 29.72 15.22 -34.42
CA TYR B 387 29.50 14.73 -33.08
C TYR B 387 29.25 15.84 -32.06
N ILE B 388 28.89 15.40 -30.86
CA ILE B 388 28.61 16.31 -29.80
C ILE B 388 29.49 15.96 -28.63
N SER B 389 30.11 17.02 -28.11
CA SER B 389 31.01 16.92 -26.97
C SER B 389 30.84 18.11 -26.07
N ASN B 390 31.46 17.97 -24.92
CA ASN B 390 31.57 19.05 -23.95
C ASN B 390 32.97 19.62 -23.93
N GLU B 391 33.57 19.76 -25.12
CA GLU B 391 34.92 20.33 -25.23
C GLU B 391 34.98 21.85 -24.98
N TYR B 392 34.00 22.59 -25.51
CA TYR B 392 34.04 24.06 -25.48
C TYR B 392 34.27 24.58 -24.08
N LYS B 393 35.36 25.35 -23.93
CA LYS B 393 35.78 26.04 -22.68
C LYS B 393 36.01 25.13 -21.49
N GLY B 394 36.07 23.83 -21.75
CA GLY B 394 36.30 22.87 -20.68
C GLY B 394 35.12 22.75 -19.74
N MET B 395 33.94 23.18 -20.18
CA MET B 395 32.73 23.10 -19.37
C MET B 395 32.10 21.75 -19.56
N PRO B 396 32.41 20.78 -18.69
CA PRO B 396 31.85 19.48 -18.97
C PRO B 396 30.31 19.50 -19.08
N GLY B 397 29.68 20.53 -18.52
CA GLY B 397 28.22 20.57 -18.45
C GLY B 397 27.49 21.18 -19.64
N GLY B 398 28.23 21.41 -20.72
CA GLY B 398 27.66 22.04 -21.91
C GLY B 398 27.85 21.12 -23.09
N ARG B 399 27.20 21.45 -24.20
CA ARG B 399 27.24 20.56 -25.35
C ARG B 399 27.35 21.36 -26.66
N ASN B 400 28.26 20.93 -27.52
CA ASN B 400 28.37 21.52 -28.85
C ASN B 400 28.50 20.51 -29.99
N LEU B 401 27.97 20.86 -31.15
CA LEU B 401 28.22 20.16 -32.40
C LEU B 401 29.57 20.51 -33.04
N TYR B 402 30.30 19.44 -33.40
CA TYR B 402 31.65 19.50 -33.98
C TYR B 402 31.74 18.68 -35.27
N LYS B 403 32.80 18.90 -36.04
CA LYS B 403 32.92 18.36 -37.38
C LYS B 403 34.36 18.01 -37.70
N ILE B 404 34.58 16.73 -38.05
CA ILE B 404 35.89 16.21 -38.43
C ILE B 404 35.82 15.91 -39.91
N GLN B 405 36.82 16.36 -40.67
CA GLN B 405 37.03 15.83 -42.00
C GLN B 405 37.81 14.57 -41.82
N LEU B 406 37.48 13.59 -42.61
CA LEU B 406 38.06 12.28 -42.40
C LEU B 406 39.41 12.16 -43.08
N SER B 407 39.65 12.99 -44.09
CA SER B 407 40.95 12.94 -44.75
C SER B 407 42.08 13.54 -43.85
N ASP B 408 41.69 14.19 -42.75
CA ASP B 408 42.63 14.67 -41.70
C ASP B 408 41.94 14.95 -40.36
N TYR B 409 42.18 14.04 -39.42
CA TYR B 409 41.48 14.04 -38.13
C TYR B 409 41.76 15.26 -37.24
N THR B 410 42.83 16.02 -37.53
CA THR B 410 43.13 17.23 -36.75
C THR B 410 42.28 18.39 -37.26
N LYS B 411 41.74 18.23 -38.46
CA LYS B 411 40.92 19.30 -39.00
C LYS B 411 39.49 19.18 -38.46
N VAL B 412 39.26 19.91 -37.37
CA VAL B 412 38.03 19.87 -36.59
C VAL B 412 37.46 21.27 -36.43
N THR B 413 36.20 21.45 -36.84
CA THR B 413 35.49 22.72 -36.68
C THR B 413 34.39 22.55 -35.65
N CYS B 414 34.15 23.58 -34.87
CA CYS B 414 32.95 23.61 -34.09
C CYS B 414 31.87 24.35 -34.90
N LEU B 415 30.64 23.85 -34.88
CA LEU B 415 29.59 24.48 -35.67
C LEU B 415 28.58 25.26 -34.84
N SER B 416 28.63 25.15 -33.52
CA SER B 416 27.58 25.73 -32.70
C SER B 416 28.10 26.73 -31.69
N CYS B 417 29.35 26.49 -31.26
CA CYS B 417 30.14 27.31 -30.34
C CYS B 417 29.88 28.80 -30.38
N GLU B 418 29.91 29.33 -31.61
CA GLU B 418 29.92 30.77 -31.82
C GLU B 418 28.63 31.29 -32.42
N LEU B 419 27.54 30.56 -32.26
CA LEU B 419 26.30 31.03 -32.81
C LEU B 419 25.75 32.16 -31.96
N ASN B 420 25.58 31.94 -30.65
CA ASN B 420 25.45 33.03 -29.67
C ASN B 420 26.00 32.50 -28.37
N PRO B 421 27.31 32.72 -28.14
CA PRO B 421 28.02 32.20 -26.94
C PRO B 421 27.37 32.53 -25.57
N GLU B 422 26.74 33.72 -25.46
CA GLU B 422 26.02 34.09 -24.26
C GLU B 422 24.71 33.32 -24.17
N ARG B 423 24.02 33.19 -25.30
CA ARG B 423 22.72 32.51 -25.30
C ARG B 423 22.77 31.01 -25.39
N CYS B 424 23.61 30.47 -26.27
CA CYS B 424 23.60 29.04 -26.60
C CYS B 424 24.86 28.33 -26.21
N GLN B 425 24.73 27.29 -25.39
CA GLN B 425 25.89 26.46 -24.95
C GLN B 425 25.45 25.01 -24.67
N TYR B 426 24.29 24.65 -25.20
CA TYR B 426 23.77 23.30 -25.03
C TYR B 426 22.96 22.89 -26.26
N TYR B 427 23.65 22.29 -27.22
CA TYR B 427 23.01 21.89 -28.44
C TYR B 427 22.71 20.39 -28.49
N SER B 428 21.64 20.07 -29.21
CA SER B 428 21.46 18.77 -29.83
C SER B 428 21.24 19.05 -31.31
N VAL B 429 21.14 17.99 -32.12
CA VAL B 429 21.12 18.16 -33.57
C VAL B 429 20.29 17.04 -34.28
N SER B 430 19.93 17.31 -35.52
CA SER B 430 19.02 16.49 -36.29
C SER B 430 19.34 16.70 -37.78
N PHE B 431 19.95 15.69 -38.39
CA PHE B 431 20.45 15.74 -39.78
C PHE B 431 19.48 15.10 -40.74
N SER B 432 19.28 15.73 -41.89
CA SER B 432 18.57 15.11 -43.01
C SER B 432 19.38 13.91 -43.45
N LYS B 433 18.73 12.95 -44.11
CA LYS B 433 19.46 11.83 -44.77
C LYS B 433 20.70 12.40 -45.44
N GLU B 434 21.75 11.60 -45.52
CA GLU B 434 22.97 12.00 -46.19
C GLU B 434 23.47 13.39 -45.74
N ALA B 435 23.20 13.73 -44.47
CA ALA B 435 23.69 14.93 -43.77
C ALA B 435 23.89 16.15 -44.68
N LYS B 436 22.84 16.45 -45.42
CA LYS B 436 22.85 17.53 -46.38
C LYS B 436 22.40 18.83 -45.73
N TYR B 437 21.48 18.72 -44.77
CA TYR B 437 21.08 19.85 -43.93
C TYR B 437 21.01 19.38 -42.51
N TYR B 438 20.96 20.30 -41.54
CA TYR B 438 20.74 19.93 -40.14
C TYR B 438 19.95 20.96 -39.34
N GLN B 439 19.17 20.46 -38.39
CA GLN B 439 18.48 21.32 -37.43
C GLN B 439 19.18 21.32 -36.06
N LEU B 440 19.49 22.53 -35.58
CA LEU B 440 20.18 22.68 -34.32
C LEU B 440 19.21 23.18 -33.30
N ARG B 441 19.13 22.48 -32.18
CA ARG B 441 18.38 22.95 -31.04
C ARG B 441 19.33 23.33 -29.88
N CYS B 442 19.45 24.61 -29.55
CA CYS B 442 20.16 25.00 -28.31
C CYS B 442 19.17 25.09 -27.15
N SER B 443 19.45 24.34 -26.08
CA SER B 443 18.53 24.15 -24.93
C SER B 443 18.83 25.07 -23.76
N GLY B 444 19.76 26.01 -23.97
CA GLY B 444 20.18 26.94 -22.92
C GLY B 444 21.60 27.46 -23.14
N PRO B 445 22.08 28.31 -22.21
CA PRO B 445 21.38 28.72 -21.01
C PRO B 445 20.26 29.70 -21.29
N GLY B 446 20.20 30.24 -22.50
CA GLY B 446 19.13 31.18 -22.86
C GLY B 446 17.84 30.42 -23.14
N LEU B 447 16.85 31.15 -23.64
CA LEU B 447 15.64 30.51 -24.14
C LEU B 447 15.99 29.69 -25.39
N PRO B 448 15.52 28.44 -25.46
CA PRO B 448 15.89 27.52 -26.52
C PRO B 448 15.81 28.16 -27.90
N LEU B 449 16.76 27.83 -28.76
CA LEU B 449 16.81 28.41 -30.12
C LEU B 449 16.87 27.30 -31.15
N TYR B 450 16.01 27.40 -32.15
CA TYR B 450 15.93 26.38 -33.19
C TYR B 450 16.32 26.92 -34.58
N THR B 451 17.41 26.38 -35.14
CA THR B 451 17.94 26.92 -36.39
C THR B 451 18.07 25.87 -37.49
N LEU B 452 18.06 26.31 -38.74
CA LEU B 452 18.28 25.42 -39.86
C LEU B 452 19.49 25.90 -40.65
N HIS B 453 20.27 24.93 -41.14
CA HIS B 453 21.61 25.13 -41.65
C HIS B 453 21.88 24.29 -42.88
N SER B 454 22.88 24.72 -43.66
CA SER B 454 23.30 24.08 -44.89
C SER B 454 24.65 23.36 -44.67
N SER B 455 24.74 22.07 -44.98
CA SER B 455 26.00 21.32 -44.75
C SER B 455 27.20 21.76 -45.60
N VAL B 456 26.90 22.23 -46.81
CA VAL B 456 27.89 22.57 -47.83
C VAL B 456 28.96 23.50 -47.30
N ASN B 457 28.55 24.70 -46.89
CA ASN B 457 29.48 25.68 -46.32
C ASN B 457 29.18 25.97 -44.87
N ASP B 458 28.43 25.06 -44.26
CA ASP B 458 27.97 25.23 -42.88
C ASP B 458 27.40 26.63 -42.65
N LYS B 459 26.52 27.01 -43.58
CA LYS B 459 25.94 28.35 -43.67
C LYS B 459 24.66 28.43 -42.85
N GLY B 460 24.36 29.60 -42.27
CA GLY B 460 23.04 29.85 -41.69
C GLY B 460 22.00 29.95 -42.81
N LEU B 461 20.82 29.33 -42.59
CA LEU B 461 19.68 29.43 -43.53
C LEU B 461 18.47 30.23 -42.95
N ARG B 462 17.79 29.67 -41.96
CA ARG B 462 16.53 30.18 -41.45
C ARG B 462 16.48 29.96 -39.96
N VAL B 463 15.80 30.85 -39.25
CA VAL B 463 15.48 30.62 -37.83
C VAL B 463 14.10 29.93 -37.78
N LEU B 464 14.04 28.78 -37.11
CA LEU B 464 12.79 28.03 -37.05
C LEU B 464 11.85 28.56 -35.97
N GLU B 465 12.26 28.47 -34.70
CA GLU B 465 11.50 29.00 -33.56
C GLU B 465 12.50 29.64 -32.61
N ASP B 466 12.24 30.89 -32.20
CA ASP B 466 13.18 31.59 -31.35
C ASP B 466 12.63 31.99 -29.98
N ASN B 467 11.41 31.55 -29.68
CA ASN B 467 10.82 31.68 -28.34
C ASN B 467 10.72 33.11 -27.84
N SER B 468 10.98 34.04 -28.76
CA SER B 468 10.72 35.45 -28.56
C SER B 468 9.37 35.71 -27.87
N ALA B 469 8.41 34.81 -28.05
CA ALA B 469 7.13 34.90 -27.32
C ALA B 469 7.33 34.74 -25.81
N LEU B 470 8.10 33.73 -25.40
CA LEU B 470 8.46 33.55 -24.01
C LEU B 470 9.24 34.76 -23.50
N ASP B 471 10.20 35.23 -24.32
CA ASP B 471 11.10 36.32 -23.93
C ASP B 471 10.37 37.58 -23.52
N LYS B 472 9.33 37.90 -24.30
CA LYS B 472 8.43 39.01 -24.00
C LYS B 472 7.85 38.84 -22.61
N MET B 473 7.20 37.70 -22.37
CA MET B 473 6.57 37.43 -21.09
C MET B 473 7.56 37.42 -19.92
N LEU B 474 8.69 36.74 -20.08
CA LEU B 474 9.65 36.60 -18.99
C LEU B 474 10.19 37.96 -18.51
N GLN B 475 10.23 38.93 -19.41
CA GLN B 475 10.60 40.30 -19.06
C GLN B 475 9.66 40.91 -18.02
N ASN B 476 8.55 40.24 -17.74
CA ASN B 476 7.61 40.74 -16.76
C ASN B 476 7.62 40.05 -15.42
N VAL B 477 8.47 39.04 -15.29
CA VAL B 477 8.59 38.30 -14.04
C VAL B 477 9.99 38.37 -13.47
N GLN B 478 10.08 38.23 -12.15
CA GLN B 478 11.33 38.25 -11.43
C GLN B 478 12.05 36.88 -11.47
N MET B 479 12.67 36.58 -12.61
CA MET B 479 13.32 35.29 -12.83
C MET B 479 14.57 35.10 -12.01
N PRO B 480 14.79 33.87 -11.51
CA PRO B 480 16.04 33.57 -10.84
C PRO B 480 17.13 33.43 -11.90
N SER B 481 18.36 33.80 -11.54
CA SER B 481 19.52 33.59 -12.40
C SER B 481 20.29 32.34 -11.98
N LYS B 482 21.19 31.86 -12.83
CA LYS B 482 21.92 30.60 -12.60
C LYS B 482 23.40 30.80 -12.41
N LYS B 483 23.97 30.11 -11.44
CA LYS B 483 25.42 30.05 -11.32
C LYS B 483 25.90 28.64 -11.55
N LEU B 484 26.78 28.50 -12.53
CA LEU B 484 27.34 27.23 -12.92
C LEU B 484 28.85 27.37 -12.79
N ASP B 485 29.42 26.73 -11.78
CA ASP B 485 30.84 26.89 -11.41
C ASP B 485 31.42 25.56 -10.91
N PHE B 486 32.57 25.60 -10.23
CA PHE B 486 33.14 24.37 -9.70
C PHE B 486 33.84 24.53 -8.35
N ILE B 487 34.03 23.41 -7.68
CA ILE B 487 34.79 23.38 -6.44
C ILE B 487 35.79 22.26 -6.51
N ILE B 488 36.64 22.20 -5.49
CA ILE B 488 37.79 21.33 -5.49
C ILE B 488 37.72 20.41 -4.29
N LEU B 489 37.80 19.12 -4.55
CA LEU B 489 37.78 18.11 -3.52
C LEU B 489 38.98 17.28 -3.89
N ASN B 490 39.89 17.07 -2.95
CA ASN B 490 41.10 16.30 -3.21
C ASN B 490 41.64 16.62 -4.63
N GLU B 491 42.03 17.88 -4.87
CA GLU B 491 42.63 18.30 -6.18
C GLU B 491 41.79 18.03 -7.44
N THR B 492 40.51 17.74 -7.30
CA THR B 492 39.70 17.52 -8.49
C THR B 492 38.59 18.52 -8.59
N LYS B 493 38.31 19.00 -9.79
CA LYS B 493 37.23 19.93 -10.00
C LYS B 493 35.95 19.14 -10.07
N PHE B 494 34.95 19.62 -9.34
CA PHE B 494 33.59 19.10 -9.37
C PHE B 494 32.62 20.25 -9.54
N TRP B 495 31.60 20.03 -10.34
CA TRP B 495 30.75 21.11 -10.76
C TRP B 495 29.43 21.13 -10.00
N TYR B 496 28.91 22.32 -9.78
CA TYR B 496 27.61 22.50 -9.22
C TYR B 496 26.99 23.66 -9.95
N GLN B 497 25.68 23.78 -9.80
CA GLN B 497 24.99 24.98 -10.20
C GLN B 497 24.19 25.47 -9.02
N MET B 498 23.73 26.71 -9.09
CA MET B 498 22.85 27.24 -8.09
C MET B 498 21.78 28.00 -8.83
N ILE B 499 20.55 27.85 -8.38
CA ILE B 499 19.45 28.61 -8.96
C ILE B 499 19.24 29.77 -8.01
N LEU B 500 19.67 30.95 -8.39
CA LEU B 500 19.77 32.03 -7.44
C LEU B 500 18.55 32.92 -7.50
N PRO B 501 17.97 33.28 -6.33
CA PRO B 501 16.89 34.26 -6.29
C PRO B 501 17.25 35.53 -7.04
N PRO B 502 16.22 36.28 -7.48
CA PRO B 502 16.54 37.57 -8.10
C PRO B 502 17.18 38.53 -7.09
N HIS B 503 17.87 39.57 -7.57
CA HIS B 503 18.49 40.58 -6.71
C HIS B 503 19.30 39.89 -5.64
N PHE B 504 19.97 38.81 -6.03
CA PHE B 504 20.77 38.07 -5.11
C PHE B 504 21.68 39.01 -4.35
N ASP B 505 21.73 38.89 -3.04
CA ASP B 505 22.57 39.77 -2.20
C ASP B 505 23.59 38.95 -1.42
N LYS B 506 24.84 38.96 -1.90
CA LYS B 506 25.87 38.09 -1.32
C LYS B 506 26.19 38.33 0.17
N SER B 507 25.66 39.41 0.75
CA SER B 507 25.84 39.62 2.19
C SER B 507 24.63 39.22 3.02
N LYS B 508 23.49 38.96 2.37
CA LYS B 508 22.34 38.26 3.02
C LYS B 508 22.69 36.78 3.20
N LYS B 509 21.84 36.02 3.90
CA LYS B 509 22.17 34.61 4.13
C LYS B 509 21.07 33.63 3.79
N TYR B 510 20.82 33.43 2.49
CA TYR B 510 19.74 32.56 1.98
C TYR B 510 19.69 31.08 2.41
N PRO B 511 18.47 30.50 2.45
CA PRO B 511 18.34 29.08 2.72
C PRO B 511 18.63 28.23 1.49
N LEU B 512 19.31 27.11 1.68
CA LEU B 512 19.71 26.24 0.58
C LEU B 512 18.93 24.94 0.47
N LEU B 513 18.37 24.70 -0.71
CA LEU B 513 17.83 23.39 -1.03
C LEU B 513 18.79 22.65 -1.96
N LEU B 514 19.33 21.52 -1.51
CA LEU B 514 20.17 20.65 -2.32
C LEU B 514 19.30 19.72 -3.19
N ASP B 515 19.42 19.91 -4.50
CA ASP B 515 18.68 19.12 -5.47
C ASP B 515 19.60 18.00 -5.95
N VAL B 516 19.34 16.78 -5.48
CA VAL B 516 20.20 15.66 -5.78
C VAL B 516 19.57 14.60 -6.68
N TYR B 517 20.40 14.07 -7.59
CA TYR B 517 20.13 12.81 -8.27
C TYR B 517 21.30 11.88 -8.01
N ALA B 518 22.45 12.23 -8.59
CA ALA B 518 23.73 11.60 -8.25
C ALA B 518 23.91 10.13 -8.60
N GLY B 519 23.01 9.53 -9.37
CA GLY B 519 23.20 8.12 -9.82
C GLY B 519 24.36 7.92 -10.81
N PRO B 520 24.71 6.66 -11.10
CA PRO B 520 25.98 6.54 -11.82
C PRO B 520 25.90 7.10 -13.23
N CYS B 521 26.55 8.25 -13.43
CA CYS B 521 26.73 8.90 -14.74
C CYS B 521 25.63 9.93 -14.97
N SER B 522 25.28 10.60 -13.90
CA SER B 522 24.27 11.62 -13.98
C SER B 522 24.95 12.97 -14.12
N GLN B 523 24.14 13.99 -14.32
CA GLN B 523 24.67 15.32 -14.37
C GLN B 523 23.59 16.30 -14.01
N LYS B 524 23.67 16.81 -12.78
CA LYS B 524 22.69 17.81 -12.37
C LYS B 524 23.16 19.25 -12.58
N ALA B 525 24.47 19.43 -12.77
CA ALA B 525 25.00 20.76 -13.03
C ALA B 525 25.30 20.91 -14.52
N ASP B 526 24.58 21.80 -15.18
CA ASP B 526 24.68 21.96 -16.65
C ASP B 526 24.15 23.31 -17.12
N THR B 527 24.34 23.60 -18.42
CA THR B 527 23.97 24.92 -18.98
C THR B 527 22.53 25.04 -19.48
N VAL B 528 21.69 24.04 -19.25
CA VAL B 528 20.29 24.13 -19.74
C VAL B 528 19.34 25.06 -18.95
N PHE B 529 18.36 25.56 -19.71
CA PHE B 529 17.30 26.42 -19.24
C PHE B 529 16.07 25.58 -18.96
N ARG B 530 15.71 25.50 -17.70
CA ARG B 530 14.50 24.84 -17.29
C ARG B 530 13.56 25.86 -16.66
N LEU B 531 12.27 25.78 -16.96
CA LEU B 531 11.27 26.34 -16.03
C LEU B 531 10.62 25.26 -15.11
N ASN B 532 11.17 25.12 -13.89
CA ASN B 532 10.69 24.08 -12.96
C ASN B 532 10.36 24.48 -11.50
N TRP B 533 10.44 23.50 -10.61
CA TRP B 533 10.08 23.73 -9.24
C TRP B 533 11.18 24.51 -8.52
N ALA B 534 12.43 24.30 -8.88
CA ALA B 534 13.52 25.16 -8.43
C ALA B 534 13.22 26.62 -8.82
N THR B 535 12.88 26.86 -10.08
CA THR B 535 12.50 28.20 -10.47
C THR B 535 11.60 28.82 -9.41
N TYR B 536 10.57 28.11 -8.95
CA TYR B 536 9.59 28.73 -8.07
C TYR B 536 10.14 28.99 -6.67
N LEU B 537 10.96 28.07 -6.17
CA LEU B 537 11.48 28.18 -4.84
C LEU B 537 12.46 29.33 -4.78
N ALA B 538 13.04 29.68 -5.91
CA ALA B 538 14.03 30.76 -5.95
C ALA B 538 13.36 32.11 -6.12
N SER B 539 12.57 32.22 -7.18
CA SER B 539 11.89 33.45 -7.53
C SER B 539 10.87 33.94 -6.48
N THR B 540 10.18 33.02 -5.82
CA THR B 540 9.16 33.42 -4.85
C THR B 540 9.67 33.20 -3.40
N GLU B 541 10.26 32.04 -3.15
CA GLU B 541 10.60 31.65 -1.78
C GLU B 541 12.03 32.01 -1.35
N ASN B 542 12.77 32.69 -2.24
CA ASN B 542 14.13 33.15 -1.93
C ASN B 542 15.04 32.03 -1.43
N ILE B 543 14.91 30.88 -2.08
CA ILE B 543 15.65 29.70 -1.76
C ILE B 543 16.67 29.42 -2.84
N ILE B 544 17.93 29.36 -2.47
CA ILE B 544 18.89 28.83 -3.38
C ILE B 544 18.62 27.34 -3.51
N VAL B 545 18.23 26.91 -4.71
CA VAL B 545 18.26 25.50 -5.05
C VAL B 545 19.58 25.18 -5.79
N ALA B 546 20.41 24.34 -5.18
CA ALA B 546 21.70 24.02 -5.78
C ALA B 546 21.81 22.55 -6.12
N SER B 547 22.50 22.22 -7.21
CA SER B 547 22.85 20.85 -7.50
C SER B 547 24.36 20.68 -7.66
N PHE B 548 24.85 19.44 -7.53
CA PHE B 548 26.28 19.16 -7.51
C PHE B 548 26.67 17.75 -8.03
N ASP B 549 27.59 17.68 -8.98
CA ASP B 549 27.96 16.39 -9.59
C ASP B 549 29.22 15.84 -8.93
N GLY B 550 29.06 14.99 -7.94
CA GLY B 550 30.17 14.45 -7.18
C GLY B 550 30.69 13.20 -7.82
N ARG B 551 31.39 12.39 -7.06
CA ARG B 551 32.00 11.21 -7.65
C ARG B 551 30.93 10.29 -8.21
N GLY B 552 31.26 9.61 -9.30
CA GLY B 552 30.31 8.69 -9.90
C GLY B 552 29.49 9.38 -10.97
N SER B 553 29.44 10.71 -11.00
CA SER B 553 28.81 11.44 -12.11
C SER B 553 29.62 11.30 -13.40
N GLY B 554 29.00 11.51 -14.56
CA GLY B 554 29.62 11.17 -15.84
C GLY B 554 30.04 12.39 -16.66
N TYR B 555 30.58 12.11 -17.85
CA TYR B 555 30.94 13.17 -18.85
C TYR B 555 32.25 13.88 -18.53
N GLN B 556 33.01 13.33 -17.59
CA GLN B 556 34.25 13.95 -17.10
C GLN B 556 35.31 12.86 -16.93
N GLY B 557 35.05 11.71 -17.56
CA GLY B 557 36.02 10.63 -17.61
C GLY B 557 35.78 9.66 -16.51
N ASP B 558 36.33 8.47 -16.71
CA ASP B 558 36.08 7.29 -15.90
C ASP B 558 36.61 7.36 -14.45
N LYS B 559 37.64 8.16 -14.21
CA LYS B 559 38.14 8.23 -12.85
C LYS B 559 37.02 8.69 -11.92
N ILE B 560 36.27 9.70 -12.32
CA ILE B 560 35.12 10.15 -11.57
C ILE B 560 33.93 9.18 -11.67
N MET B 561 33.53 8.80 -12.87
CA MET B 561 32.36 7.94 -13.00
C MET B 561 32.50 6.61 -12.28
N HIS B 562 33.54 5.85 -12.59
CA HIS B 562 33.72 4.52 -11.98
C HIS B 562 34.17 4.50 -10.48
N ALA B 563 34.22 5.65 -9.79
CA ALA B 563 34.72 5.67 -8.38
C ALA B 563 33.75 4.92 -7.46
N ILE B 564 32.56 4.71 -8.00
CA ILE B 564 31.41 4.30 -7.29
C ILE B 564 31.20 2.83 -7.61
N ASN B 565 32.04 2.31 -8.51
CA ASN B 565 31.97 0.94 -8.98
C ASN B 565 31.86 0.01 -7.80
N ARG B 566 30.86 -0.86 -7.81
CA ARG B 566 30.66 -1.90 -6.80
C ARG B 566 30.41 -1.36 -5.39
N ARG B 567 30.13 -0.07 -5.28
CA ARG B 567 30.03 0.52 -3.95
C ARG B 567 29.10 1.71 -3.88
N LEU B 568 27.94 1.62 -4.53
CA LEU B 568 26.91 2.67 -4.48
C LEU B 568 26.46 2.94 -3.06
N GLY B 569 26.03 4.16 -2.81
CA GLY B 569 25.62 4.57 -1.47
C GLY B 569 26.77 5.18 -0.72
N THR B 570 27.92 5.32 -1.38
CA THR B 570 29.13 5.68 -0.65
C THR B 570 29.69 7.05 -1.00
N PHE B 571 30.57 7.13 -1.98
CA PHE B 571 31.22 8.40 -2.32
C PHE B 571 30.24 9.42 -2.86
N GLU B 572 29.26 8.96 -3.65
CA GLU B 572 28.24 9.91 -4.14
C GLU B 572 27.48 10.61 -2.99
N VAL B 573 27.42 9.94 -1.85
CA VAL B 573 26.78 10.48 -0.63
C VAL B 573 27.71 11.44 0.16
N GLU B 574 28.94 11.00 0.48
CA GLU B 574 29.97 11.87 1.10
C GLU B 574 30.10 13.16 0.35
N ASP B 575 30.25 13.00 -0.96
CA ASP B 575 30.50 14.11 -1.83
C ASP B 575 29.29 15.04 -1.88
N GLN B 576 28.09 14.56 -1.61
CA GLN B 576 26.95 15.47 -1.52
C GLN B 576 27.03 16.30 -0.25
N ILE B 577 27.35 15.64 0.86
CA ILE B 577 27.57 16.28 2.16
C ILE B 577 28.65 17.38 2.07
N GLU B 578 29.82 16.98 1.60
CA GLU B 578 30.94 17.90 1.39
C GLU B 578 30.51 19.19 0.65
N ALA B 579 29.80 19.03 -0.45
CA ALA B 579 29.25 20.15 -1.21
C ALA B 579 28.46 21.08 -0.31
N ALA B 580 27.47 20.54 0.37
CA ALA B 580 26.69 21.32 1.30
C ALA B 580 27.57 22.12 2.26
N ARG B 581 28.62 21.49 2.80
CA ARG B 581 29.54 22.16 3.76
C ARG B 581 30.26 23.36 3.18
N GLN B 582 30.77 23.18 1.96
CA GLN B 582 31.35 24.27 1.24
C GLN B 582 30.32 25.32 0.83
N PHE B 583 29.08 24.91 0.63
CA PHE B 583 28.02 25.92 0.45
C PHE B 583 27.79 26.67 1.77
N SER B 584 27.86 25.96 2.91
CA SER B 584 27.88 26.58 4.27
C SER B 584 28.82 27.77 4.33
N LYS B 585 30.12 27.47 4.23
CA LYS B 585 31.21 28.46 4.19
C LYS B 585 31.13 29.33 2.93
N MET B 586 30.00 29.98 2.76
CA MET B 586 29.88 31.06 1.83
C MET B 586 28.96 31.98 2.62
N GLY B 587 29.24 33.28 2.62
CA GLY B 587 28.50 34.20 3.49
C GLY B 587 27.08 34.48 3.08
N PHE B 588 26.56 33.70 2.15
CA PHE B 588 25.16 33.84 1.69
C PHE B 588 24.27 32.61 1.94
N VAL B 589 24.82 31.55 2.51
CA VAL B 589 23.98 30.42 2.89
C VAL B 589 24.01 30.27 4.39
N ASP B 590 22.84 30.46 5.00
CA ASP B 590 22.65 30.20 6.41
C ASP B 590 22.62 28.68 6.65
N ASN B 591 23.56 28.20 7.45
CA ASN B 591 23.76 26.76 7.63
C ASN B 591 22.70 26.08 8.48
N LYS B 592 21.87 26.89 9.14
CA LYS B 592 20.82 26.34 10.00
C LYS B 592 19.62 25.94 9.13
N ARG B 593 19.68 26.28 7.85
CA ARG B 593 18.60 25.93 6.95
C ARG B 593 19.13 25.28 5.70
N ILE B 594 19.62 24.05 5.81
CA ILE B 594 19.96 23.29 4.63
C ILE B 594 19.05 22.05 4.49
N ALA B 595 18.20 22.08 3.46
CA ALA B 595 17.39 20.93 3.08
C ALA B 595 17.98 20.14 1.90
N ILE B 596 17.42 18.96 1.63
CA ILE B 596 17.83 18.10 0.53
C ILE B 596 16.67 17.26 0.07
N TRP B 597 16.62 17.00 -1.24
CA TRP B 597 15.58 16.11 -1.80
C TRP B 597 15.97 15.57 -3.15
N GLY B 598 15.35 14.45 -3.49
CA GLY B 598 15.53 13.80 -4.78
C GLY B 598 14.44 12.79 -5.06
N TRP B 599 14.42 12.30 -6.28
CA TRP B 599 13.50 11.28 -6.73
C TRP B 599 14.31 10.10 -7.29
N SER B 600 13.79 8.88 -7.18
CA SER B 600 14.51 7.66 -7.63
C SER B 600 15.85 7.62 -6.91
N TYR B 601 16.95 7.33 -7.62
CA TYR B 601 18.30 7.47 -7.02
C TYR B 601 18.44 8.74 -6.16
N GLY B 602 17.74 9.81 -6.54
CA GLY B 602 17.77 11.04 -5.76
C GLY B 602 17.33 10.83 -4.33
N GLY B 603 16.28 10.02 -4.16
CA GLY B 603 15.74 9.68 -2.84
C GLY B 603 16.58 8.69 -2.04
N TYR B 604 17.23 7.76 -2.70
CA TYR B 604 18.15 6.83 -2.03
C TYR B 604 19.24 7.64 -1.41
N VAL B 605 19.73 8.63 -2.15
CA VAL B 605 20.84 9.44 -1.72
C VAL B 605 20.32 10.41 -0.70
N THR B 606 19.26 11.15 -1.03
CA THR B 606 18.68 12.04 -0.01
C THR B 606 18.58 11.29 1.29
N SER B 607 17.99 10.10 1.23
CA SER B 607 17.75 9.27 2.39
C SER B 607 19.02 8.82 3.10
N MET B 608 20.00 8.40 2.31
CA MET B 608 21.29 7.99 2.83
C MET B 608 22.01 9.17 3.51
N VAL B 609 21.89 10.35 2.91
CA VAL B 609 22.49 11.56 3.48
C VAL B 609 21.83 11.84 4.84
N LEU B 610 20.52 12.05 4.84
CA LEU B 610 19.76 12.37 6.04
C LEU B 610 20.07 11.45 7.22
N GLY B 611 20.55 10.27 6.90
CA GLY B 611 20.82 9.27 7.92
C GLY B 611 22.27 8.96 8.09
N SER B 612 23.13 9.88 7.66
CA SER B 612 24.58 9.69 7.83
C SER B 612 25.11 10.28 9.16
N GLY B 613 24.26 11.05 9.83
CA GLY B 613 24.64 11.72 11.07
C GLY B 613 25.42 13.00 10.88
N SER B 614 25.71 13.37 9.64
CA SER B 614 26.43 14.59 9.33
C SER B 614 25.81 15.78 10.08
N GLY B 615 24.55 15.61 10.51
CA GLY B 615 23.83 16.72 11.10
C GLY B 615 24.12 18.03 10.39
N VAL B 616 24.36 17.96 9.07
CA VAL B 616 24.57 19.14 8.22
C VAL B 616 23.27 19.61 7.54
N PHE B 617 22.25 18.72 7.58
CA PHE B 617 20.91 19.00 7.02
C PHE B 617 19.83 19.02 8.09
N LYS B 618 18.95 20.01 8.00
CA LYS B 618 17.78 20.16 8.89
C LYS B 618 16.67 19.15 8.54
N CYS B 619 16.44 19.03 7.23
CA CYS B 619 15.34 18.26 6.70
C CYS B 619 15.63 17.80 5.26
N GLY B 620 15.01 16.70 4.86
CA GLY B 620 14.94 16.35 3.45
C GLY B 620 13.63 15.69 3.03
N ILE B 621 13.47 15.47 1.71
CA ILE B 621 12.30 14.79 1.10
C ILE B 621 12.76 13.71 0.14
N ALA B 622 12.30 12.47 0.30
CA ALA B 622 12.75 11.42 -0.61
C ALA B 622 11.60 10.92 -1.43
N VAL B 623 11.67 11.06 -2.73
CA VAL B 623 10.50 10.68 -3.52
C VAL B 623 10.67 9.34 -4.26
N ALA B 624 9.91 8.35 -3.81
CA ALA B 624 10.00 7.05 -4.37
C ALA B 624 11.49 6.60 -4.44
N PRO B 625 12.17 6.51 -3.27
CA PRO B 625 13.58 6.14 -3.21
C PRO B 625 13.77 4.70 -3.49
N VAL B 626 14.98 4.30 -3.89
CA VAL B 626 15.45 2.96 -3.61
C VAL B 626 15.81 2.96 -2.12
N SER B 627 15.78 1.80 -1.48
CA SER B 627 16.08 1.71 -0.06
C SER B 627 16.96 0.51 0.26
N ARG B 628 17.00 -0.44 -0.65
CA ARG B 628 17.83 -1.61 -0.49
C ARG B 628 18.01 -2.12 -1.89
N TRP B 629 19.25 -2.32 -2.31
CA TRP B 629 19.51 -2.62 -3.72
C TRP B 629 18.92 -3.94 -4.15
N GLU B 630 18.74 -4.85 -3.21
CA GLU B 630 18.16 -6.16 -3.53
C GLU B 630 16.68 -6.09 -4.00
N TYR B 631 16.06 -4.91 -3.85
CA TYR B 631 14.69 -4.66 -4.32
C TYR B 631 14.60 -4.20 -5.77
N TYR B 632 15.63 -3.54 -6.28
CA TYR B 632 15.64 -3.01 -7.66
C TYR B 632 16.10 -3.96 -8.78
N ASP B 633 15.77 -3.64 -10.02
CA ASP B 633 15.97 -4.59 -11.13
C ASP B 633 17.41 -5.04 -11.35
N SER B 634 17.52 -6.31 -11.74
CA SER B 634 18.77 -6.98 -12.08
C SER B 634 19.66 -6.18 -13.07
N VAL B 635 19.14 -5.76 -14.22
CA VAL B 635 20.04 -5.09 -15.18
C VAL B 635 20.71 -3.85 -14.60
N TYR B 636 19.95 -2.98 -13.95
CA TYR B 636 20.50 -1.71 -13.47
C TYR B 636 21.51 -1.92 -12.31
N THR B 637 21.05 -2.62 -11.29
CA THR B 637 21.73 -2.73 -10.04
C THR B 637 23.01 -3.52 -10.25
N GLU B 638 22.90 -4.69 -10.83
CA GLU B 638 24.07 -5.55 -11.06
C GLU B 638 25.12 -4.95 -11.98
N ARG B 639 24.73 -3.95 -12.77
CA ARG B 639 25.66 -3.22 -13.62
C ARG B 639 26.68 -2.55 -12.70
N TYR B 640 26.17 -1.84 -11.71
CA TYR B 640 27.00 -1.13 -10.77
C TYR B 640 27.35 -1.88 -9.49
N MET B 641 26.72 -3.02 -9.19
CA MET B 641 26.91 -3.69 -7.87
C MET B 641 27.38 -5.14 -7.92
N GLY B 642 27.38 -5.74 -9.10
CA GLY B 642 27.56 -7.19 -9.22
C GLY B 642 26.39 -7.95 -8.58
N LEU B 643 26.54 -9.25 -8.35
CA LEU B 643 25.47 -10.02 -7.74
C LEU B 643 25.44 -9.89 -6.21
N PRO B 644 24.25 -10.06 -5.59
CA PRO B 644 24.07 -10.10 -4.14
C PRO B 644 24.23 -11.53 -3.55
N THR B 645 25.30 -12.22 -3.93
CA THR B 645 25.65 -13.51 -3.39
C THR B 645 26.81 -13.29 -2.41
N PRO B 646 27.06 -14.26 -1.49
CA PRO B 646 28.30 -14.07 -0.72
C PRO B 646 29.59 -14.11 -1.56
N GLU B 647 29.58 -14.78 -2.71
CA GLU B 647 30.81 -14.83 -3.52
C GLU B 647 31.07 -13.51 -4.23
N ASP B 648 30.05 -12.66 -4.34
CA ASP B 648 30.22 -11.40 -5.01
C ASP B 648 30.11 -10.29 -4.00
N ASN B 649 29.01 -9.56 -4.03
CA ASN B 649 28.96 -8.31 -3.33
C ASN B 649 27.90 -8.26 -2.25
N LEU B 650 27.58 -9.41 -1.65
CA LEU B 650 26.53 -9.43 -0.66
C LEU B 650 26.83 -8.45 0.46
N ASP B 651 28.07 -8.47 0.96
CA ASP B 651 28.49 -7.57 2.06
C ASP B 651 28.04 -6.14 1.79
N HIS B 652 28.42 -5.60 0.63
CA HIS B 652 28.12 -4.21 0.39
C HIS B 652 26.63 -3.93 0.21
N TYR B 653 25.93 -4.80 -0.52
CA TYR B 653 24.47 -4.69 -0.68
C TYR B 653 23.83 -4.47 0.67
N ARG B 654 24.44 -5.04 1.70
CA ARG B 654 23.99 -4.91 3.08
C ARG B 654 24.41 -3.59 3.74
N ASN B 655 25.70 -3.26 3.67
CA ASN B 655 26.21 -1.98 4.17
C ASN B 655 25.41 -0.77 3.69
N SER B 656 24.72 -0.92 2.57
CA SER B 656 24.24 0.25 1.83
C SER B 656 22.74 0.34 1.68
N THR B 657 22.04 0.13 2.79
CA THR B 657 20.59 0.25 2.79
C THR B 657 20.25 1.49 3.56
N VAL B 658 19.13 2.12 3.20
CA VAL B 658 18.55 3.20 4.01
C VAL B 658 18.27 2.73 5.43
N MET B 659 17.90 1.47 5.58
CA MET B 659 17.36 0.96 6.83
C MET B 659 18.38 0.98 7.93
N SER B 660 19.59 0.55 7.59
CA SER B 660 20.69 0.51 8.55
C SER B 660 20.91 1.84 9.30
N ARG B 661 20.25 2.91 8.86
CA ARG B 661 20.56 4.22 9.35
C ARG B 661 19.36 4.85 9.99
N ALA B 662 18.38 4.04 10.38
CA ALA B 662 17.13 4.62 10.90
C ALA B 662 17.31 5.52 12.13
N GLU B 663 18.26 5.15 12.99
CA GLU B 663 18.54 5.85 14.26
C GLU B 663 18.85 7.34 14.11
N ASN B 664 19.70 7.68 13.16
CA ASN B 664 20.09 9.06 12.94
C ASN B 664 18.92 9.95 12.55
N PHE B 665 17.95 9.38 11.83
CA PHE B 665 16.76 10.12 11.45
C PHE B 665 16.15 10.86 12.66
N LYS B 666 16.54 10.47 13.86
CA LYS B 666 16.17 11.23 15.05
C LYS B 666 16.58 12.68 14.89
N GLN B 667 17.71 12.91 14.23
CA GLN B 667 18.25 14.28 14.09
C GLN B 667 17.49 15.15 13.10
N VAL B 668 17.26 14.60 11.91
CA VAL B 668 16.65 15.28 10.75
C VAL B 668 15.13 15.19 10.76
N GLU B 669 14.45 16.06 10.00
CA GLU B 669 13.04 15.88 9.65
C GLU B 669 12.89 15.27 8.25
N TYR B 670 12.22 14.12 8.15
CA TYR B 670 12.09 13.32 6.92
C TYR B 670 10.70 13.49 6.31
N LEU B 671 10.57 13.32 4.99
CA LEU B 671 9.25 13.25 4.29
C LEU B 671 9.32 12.20 3.23
N LEU B 672 8.81 11.01 3.54
CA LEU B 672 8.82 9.89 2.60
C LEU B 672 7.55 9.75 1.77
N ILE B 673 7.71 10.00 0.46
CA ILE B 673 6.65 9.97 -0.56
C ILE B 673 6.90 8.79 -1.48
N HIS B 674 5.84 8.15 -1.92
CA HIS B 674 5.91 7.08 -2.92
C HIS B 674 4.51 6.90 -3.53
N GLY B 675 4.40 6.61 -4.82
CA GLY B 675 3.12 6.18 -5.39
C GLY B 675 2.97 4.68 -5.18
N THR B 676 1.73 4.16 -5.14
CA THR B 676 1.48 2.73 -4.87
C THR B 676 1.54 1.82 -6.08
N ALA B 677 1.45 2.40 -7.26
CA ALA B 677 1.45 1.60 -8.50
C ALA B 677 2.83 1.60 -9.13
N ASP B 678 3.84 1.97 -8.35
CA ASP B 678 5.19 2.08 -8.87
C ASP B 678 5.73 0.73 -9.30
N ASP B 679 5.59 0.45 -10.59
CA ASP B 679 6.04 -0.81 -11.19
C ASP B 679 7.56 -0.86 -11.19
N ASN B 680 8.16 0.32 -11.30
CA ASN B 680 9.60 0.51 -11.38
C ASN B 680 10.29 0.27 -10.04
N VAL B 681 10.16 1.26 -9.14
CA VAL B 681 10.73 1.22 -7.79
C VAL B 681 9.60 0.91 -6.84
N HIS B 682 9.51 -0.36 -6.45
CA HIS B 682 8.27 -0.82 -5.86
C HIS B 682 7.97 -0.15 -4.55
N PHE B 683 6.68 0.03 -4.24
CA PHE B 683 6.33 0.56 -2.93
C PHE B 683 7.05 -0.17 -1.79
N GLN B 684 7.15 -1.49 -1.90
CA GLN B 684 7.97 -2.28 -0.98
C GLN B 684 9.09 -1.46 -0.34
N GLN B 685 9.87 -0.81 -1.21
CA GLN B 685 11.07 -0.05 -0.84
C GLN B 685 10.83 1.04 0.23
N SER B 686 9.88 1.94 -0.02
CA SER B 686 9.51 2.93 0.98
C SER B 686 8.80 2.30 2.17
N ALA B 687 8.18 1.14 1.98
CA ALA B 687 7.40 0.51 3.03
C ALA B 687 8.39 -0.01 4.06
N GLN B 688 9.45 -0.62 3.57
CA GLN B 688 10.52 -1.12 4.42
C GLN B 688 11.27 -0.01 5.20
N ILE B 689 11.52 1.13 4.56
CA ILE B 689 12.08 2.35 5.21
C ILE B 689 11.28 2.79 6.44
N SER B 690 9.96 2.98 6.27
CA SER B 690 9.06 3.43 7.34
C SER B 690 8.88 2.38 8.43
N LYS B 691 8.96 1.11 8.03
CA LYS B 691 8.93 0.04 9.01
C LYS B 691 10.19 0.14 9.85
N ALA B 692 11.33 0.45 9.22
CA ALA B 692 12.54 0.73 9.98
C ALA B 692 12.35 1.95 10.90
N LEU B 693 11.87 3.05 10.36
CA LEU B 693 11.74 4.26 11.16
C LEU B 693 10.71 4.11 12.26
N VAL B 694 9.85 3.11 12.14
CA VAL B 694 8.87 2.86 13.19
C VAL B 694 9.50 1.98 14.27
N ASP B 695 10.14 0.89 13.85
CA ASP B 695 10.85 -0.04 14.74
C ASP B 695 11.81 0.59 15.75
N VAL B 696 12.06 1.89 15.64
CA VAL B 696 13.13 2.47 16.41
C VAL B 696 12.72 3.84 16.95
N GLY B 697 11.47 4.22 16.68
CA GLY B 697 10.82 5.36 17.32
C GLY B 697 11.29 6.70 16.81
N VAL B 698 11.18 6.91 15.50
CA VAL B 698 11.51 8.16 14.84
C VAL B 698 10.25 8.79 14.20
N ASP B 699 9.83 9.97 14.64
CA ASP B 699 8.70 10.60 13.95
C ASP B 699 9.18 10.96 12.54
N PHE B 700 8.25 11.02 11.58
CA PHE B 700 8.53 11.50 10.22
C PHE B 700 7.23 11.77 9.43
N GLN B 701 7.33 12.51 8.33
CA GLN B 701 6.20 12.72 7.46
C GLN B 701 6.21 11.70 6.32
N ALA B 702 5.03 11.24 5.92
CA ALA B 702 4.90 10.38 4.75
C ALA B 702 3.70 10.76 3.86
N MET B 703 3.65 10.16 2.67
CA MET B 703 2.57 10.38 1.74
C MET B 703 2.60 9.31 0.67
N TRP B 704 1.61 8.40 0.69
CA TRP B 704 1.45 7.45 -0.41
C TRP B 704 0.58 8.16 -1.45
N TYR B 705 0.69 7.75 -2.71
CA TYR B 705 -0.25 8.21 -3.75
C TYR B 705 -0.90 7.01 -4.35
N THR B 706 -2.20 6.90 -4.09
CA THR B 706 -2.98 5.75 -4.56
C THR B 706 -2.89 5.65 -6.07
N ASP B 707 -2.43 4.49 -6.56
CA ASP B 707 -2.51 4.14 -7.96
C ASP B 707 -1.60 4.94 -8.93
N GLU B 708 -0.86 5.92 -8.40
CA GLU B 708 0.12 6.60 -9.20
C GLU B 708 1.33 5.69 -9.35
N ASP B 709 2.17 5.95 -10.34
CA ASP B 709 3.41 5.17 -10.42
C ASP B 709 4.72 5.98 -10.17
N HIS B 710 5.85 5.57 -10.76
CA HIS B 710 7.11 6.17 -10.38
C HIS B 710 7.20 7.65 -10.72
N GLY B 711 6.50 8.08 -11.75
CA GLY B 711 6.61 9.45 -12.17
C GLY B 711 5.58 10.35 -11.55
N ILE B 712 4.78 9.79 -10.65
CA ILE B 712 3.63 10.46 -10.06
C ILE B 712 3.14 11.58 -10.97
N ALA B 713 2.77 11.18 -12.19
CA ALA B 713 2.72 12.12 -13.32
C ALA B 713 1.35 12.67 -13.68
N SER B 714 0.28 12.05 -13.18
CA SER B 714 -1.05 12.48 -13.61
C SER B 714 -1.34 13.88 -13.10
N SER B 715 -2.21 14.58 -13.80
CA SER B 715 -2.33 16.00 -13.60
C SER B 715 -2.65 16.35 -12.15
N THR B 716 -3.50 15.55 -11.51
CA THR B 716 -3.85 15.84 -10.14
C THR B 716 -2.77 15.44 -9.14
N ALA B 717 -2.03 14.37 -9.43
CA ALA B 717 -1.04 13.89 -8.49
C ALA B 717 0.19 14.75 -8.59
N HIS B 718 0.48 15.23 -9.80
CA HIS B 718 1.61 16.14 -9.99
C HIS B 718 1.36 17.45 -9.27
N GLN B 719 0.19 18.04 -9.44
CA GLN B 719 -0.15 19.28 -8.74
C GLN B 719 -0.05 19.09 -7.23
N HIS B 720 -0.44 17.90 -6.76
CA HIS B 720 -0.48 17.59 -5.33
C HIS B 720 0.92 17.43 -4.70
N ILE B 721 1.69 16.49 -5.24
CA ILE B 721 2.99 16.17 -4.63
C ILE B 721 3.81 17.43 -4.49
N TYR B 722 3.72 18.31 -5.48
CA TYR B 722 4.51 19.53 -5.40
C TYR B 722 3.96 20.51 -4.40
N THR B 723 2.64 20.50 -4.22
CA THR B 723 2.03 21.34 -3.20
C THR B 723 2.56 20.87 -1.88
N HIS B 724 2.55 19.55 -1.68
CA HIS B 724 2.84 18.99 -0.37
C HIS B 724 4.27 19.36 -0.01
N MET B 725 5.19 19.01 -0.91
CA MET B 725 6.59 19.35 -0.78
C MET B 725 6.90 20.84 -0.52
N SER B 726 6.14 21.75 -1.15
CA SER B 726 6.29 23.17 -0.88
C SER B 726 5.90 23.52 0.55
N HIS B 727 4.76 23.03 1.07
CA HIS B 727 4.41 23.23 2.49
C HIS B 727 5.53 22.78 3.42
N PHE B 728 6.06 21.59 3.18
CA PHE B 728 7.12 21.02 4.02
C PHE B 728 8.42 21.84 4.00
N ILE B 729 8.78 22.36 2.84
CA ILE B 729 10.01 23.09 2.71
C ILE B 729 9.87 24.47 3.35
N LYS B 730 8.90 25.24 2.91
CA LYS B 730 8.64 26.54 3.50
C LYS B 730 8.60 26.47 5.02
N GLN B 731 7.95 25.45 5.56
CA GLN B 731 7.86 25.34 7.01
C GLN B 731 9.21 24.93 7.65
N CYS B 732 9.93 24.01 7.00
CA CYS B 732 11.34 23.68 7.37
C CYS B 732 12.21 24.94 7.51
N PHE B 733 11.85 26.01 6.81
CA PHE B 733 12.72 27.18 6.72
C PHE B 733 12.17 28.44 7.36
N SER B 734 11.15 28.30 8.21
CA SER B 734 10.46 29.47 8.79
C SER B 734 9.82 30.39 7.76
N LEU B 735 9.64 29.89 6.55
CA LEU B 735 9.02 30.69 5.48
C LEU B 735 7.52 30.53 5.55
N PRO B 736 6.79 31.64 5.82
CA PRO B 736 5.32 31.64 6.00
C PRO B 736 4.51 30.97 4.86
C1 NAG C . 6.78 -29.84 17.05
C2 NAG C . 6.56 -31.23 16.50
C3 NAG C . 7.71 -32.04 17.06
C4 NAG C . 9.00 -31.47 16.49
C5 NAG C . 9.00 -29.96 16.16
C6 NAG C . 9.55 -29.74 14.75
C7 NAG C . 4.83 -32.61 17.63
C8 NAG C . 4.68 -32.16 19.06
N2 NAG C . 5.20 -31.69 16.75
O3 NAG C . 7.60 -33.40 16.70
O4 NAG C . 10.04 -31.76 17.39
O5 NAG C . 7.75 -29.26 16.22
O6 NAG C . 8.46 -29.71 13.85
O7 NAG C . 4.62 -33.78 17.31
C1 NAG D . -9.75 -26.31 52.36
C2 NAG D . -8.64 -26.74 51.40
C3 NAG D . -8.68 -28.25 51.20
C4 NAG D . -8.78 -29.00 52.51
C5 NAG D . -9.68 -28.29 53.55
C6 NAG D . -9.57 -28.88 54.96
C7 NAG D . -7.72 -25.87 49.33
C8 NAG D . -8.04 -25.44 47.93
N2 NAG D . -8.76 -26.03 50.14
O3 NAG D . -7.49 -28.64 50.56
O4 NAG D . -9.26 -30.30 52.19
O5 NAG D . -9.43 -26.88 53.60
O6 NAG D . -8.81 -28.04 55.80
O7 NAG D . -6.54 -26.04 49.69
C1 NAG E . -12.90 -42.11 5.17
C2 NAG E . -11.94 -42.99 4.41
C3 NAG E . -11.39 -42.07 3.33
C4 NAG E . -12.52 -41.61 2.41
C5 NAG E . -13.68 -41.02 3.21
C6 NAG E . -14.93 -40.84 2.34
C7 NAG E . -11.03 -44.54 6.08
C8 NAG E . -9.84 -45.47 6.16
N2 NAG E . -10.89 -43.49 5.27
O3 NAG E . -10.37 -42.71 2.60
O4 NAG E . -12.02 -40.64 1.53
O5 NAG E . -14.00 -41.82 4.32
O6 NAG E . -15.91 -40.17 3.10
O7 NAG E . -12.05 -44.76 6.74
C1 NAG F . -19.04 -26.17 -1.57
C2 NAG F . -19.18 -27.66 -1.89
C3 NAG F . -18.83 -27.94 -3.36
C4 NAG F . -19.76 -27.11 -4.28
C5 NAG F . -19.50 -25.64 -3.92
C6 NAG F . -20.34 -24.71 -4.78
C7 NAG F . -18.91 -28.99 0.14
C8 NAG F . -18.23 -30.22 0.67
N2 NAG F . -18.39 -28.49 -0.99
O3 NAG F . -18.86 -29.33 -3.65
O4 NAG F . -19.57 -27.35 -5.67
O5 NAG F . -19.76 -25.40 -2.54
O6 NAG F . -20.79 -23.58 -4.04
O7 NAG F . -19.89 -28.49 0.75
C29 GVB G . -12.98 -7.81 21.29
O26 GVB G . -12.98 -6.44 20.92
C6 GVB G . -13.75 -6.12 19.81
C7 GVB G . -14.53 -7.08 19.17
C8 GVB G . -15.29 -6.73 18.06
C5 GVB G . -13.74 -4.80 19.33
O25 GVB G . -12.95 -3.88 20.00
C28 GVB G . -12.91 -2.57 19.43
C4 GVB G . -14.48 -4.45 18.22
C3 GVB G . -15.27 -5.42 17.58
N2 GVB G . -16.05 -5.08 16.46
C9 GVB G . -15.42 -4.16 15.47
C1 GVB G . -16.80 -6.21 15.88
C22 GVB G . -17.89 -5.69 14.93
C19 GVB G . -17.26 -4.83 13.84
N20 GVB G . -16.42 -5.65 12.94
C10 GVB G . -16.46 -3.66 14.45
C11 GVB G . -15.86 -2.80 13.37
C12 GVB G . -14.49 -2.85 13.06
C13 GVB G . -13.99 -2.10 12.01
C14 GVB G . -14.84 -1.31 11.25
C16 GVB G . -16.19 -1.25 11.54
C17 GVB G . -16.70 -2.00 12.60
C30 GVB G . -17.12 -0.38 10.73
C1 NAG H . -11.78 -2.40 -32.65
C2 NAG H . -12.72 -3.59 -32.86
C3 NAG H . -13.90 -3.04 -33.67
C4 NAG H . -14.63 -2.00 -32.82
C5 NAG H . -13.66 -0.88 -32.46
C6 NAG H . -14.23 0.07 -31.40
C7 NAG H . -11.11 -4.85 -34.36
C8 NAG H . -11.42 -4.40 -35.75
N2 NAG H . -12.11 -4.80 -33.45
O3 NAG H . -14.79 -4.05 -34.11
O4 NAG H . -15.73 -1.51 -33.55
O5 NAG H . -12.47 -1.41 -31.90
O6 NAG H . -13.44 1.23 -31.40
O7 NAG H . -9.97 -5.27 -34.09
C1 NAG I . 9.04 24.52 -53.36
C2 NAG I . 8.25 23.20 -53.42
C3 NAG I . 8.71 22.35 -54.60
C4 NAG I . 8.58 23.10 -55.90
C5 NAG I . 9.26 24.48 -55.76
C6 NAG I . 9.03 25.33 -57.00
C7 NAG I . 7.42 21.78 -51.63
C8 NAG I . 7.39 21.70 -50.12
N2 NAG I . 8.45 22.45 -52.19
O3 NAG I . 7.91 21.23 -54.76
O4 NAG I . 9.19 22.28 -56.89
O5 NAG I . 8.83 25.20 -54.59
O6 NAG I . 7.64 25.34 -57.25
O7 NAG I . 6.51 21.25 -52.29
C1 NAG J . 10.59 -21.17 -21.94
C2 NAG J . 10.58 -22.13 -23.10
C3 NAG J . 10.25 -23.57 -22.63
C4 NAG J . 11.14 -24.03 -21.44
C5 NAG J . 11.21 -22.85 -20.42
C6 NAG J . 12.13 -23.00 -19.22
C7 NAG J . 10.26 -21.01 -25.21
C8 NAG J . 9.32 -20.57 -26.30
N2 NAG J . 9.70 -21.53 -24.10
O3 NAG J . 10.45 -24.45 -23.72
O4 NAG J . 10.71 -25.26 -20.85
O5 NAG J . 11.60 -21.63 -21.07
O6 NAG J . 12.03 -21.75 -18.55
O7 NAG J . 11.49 -20.89 -25.38
C1 NAG K . -6.24 24.25 -39.55
C2 NAG K . -6.75 25.13 -38.37
C3 NAG K . -7.06 26.59 -38.71
C4 NAG K . -6.04 27.13 -39.71
C5 NAG K . -6.17 26.23 -40.92
C6 NAG K . -5.66 26.84 -42.23
C7 NAG K . -7.80 23.36 -37.04
C8 NAG K . -8.71 22.21 -37.41
N2 NAG K . -7.91 24.50 -37.73
O3 NAG K . -7.06 27.37 -37.54
O4 NAG K . -6.24 28.49 -40.03
O5 NAG K . -5.59 24.97 -40.60
O6 NAG K . -4.51 26.15 -42.68
O7 NAG K . -6.96 23.23 -36.15
C29 GVB L . 13.23 9.99 -20.48
O26 GVB L . 13.64 10.21 -19.13
C6 GVB L . 14.23 9.13 -18.50
C7 GVB L . 14.46 7.93 -19.18
C8 GVB L . 15.06 6.86 -18.51
C5 GVB L . 14.59 9.26 -17.15
O25 GVB L . 14.35 10.45 -16.52
C28 GVB L . 14.84 10.56 -15.18
C4 GVB L . 15.17 8.18 -16.47
C3 GVB L . 15.41 7.00 -17.16
N2 GVB L . 16.04 5.92 -16.49
C9 GVB L . 15.81 5.78 -15.04
C1 GVB L . 16.20 4.65 -17.24
C22 GVB L . 17.39 3.87 -16.65
C19 GVB L . 17.18 3.63 -15.14
N20 GVB L . 16.08 2.70 -14.92
C10 GVB L . 16.95 4.96 -14.40
C11 GVB L . 16.71 4.73 -12.93
C12 GVB L . 17.77 4.42 -12.09
C13 GVB L . 17.56 4.17 -10.73
C14 GVB L . 16.26 4.21 -10.22
C16 GVB L . 15.20 4.50 -11.07
C17 GVB L . 15.42 4.79 -12.41
C30 GVB L . 13.81 4.49 -10.58
#